data_9EXF
#
_entry.id   9EXF
#
_cell.length_a   51.083
_cell.length_b   89.739
_cell.length_c   188.122
_cell.angle_alpha   90
_cell.angle_beta   90.392
_cell.angle_gamma   90
#
_symmetry.space_group_name_H-M   'P 1 21 1'
#
loop_
_entity.id
_entity.type
_entity.pdbx_description
1 polymer 'Clathrin heavy chain'
2 polymer 'Clathrin coat assembly protein AP180A'
3 non-polymer GLYCEROL
4 non-polymer 'CHLORIDE ION'
5 water water
#
loop_
_entity_poly.entity_id
_entity_poly.type
_entity_poly.pdbx_seq_one_letter_code
_entity_poly.pdbx_strand_id
1 'polypeptide(L)'
;GAMAMSDLPIEFTELVDLMSLGISPQFLDFRSTTFESDHFVTVRETKDGTNSVAIVDLAKGNEVTRKNMGGDSAIMHPSQ
MVISVRANGTIVQIFNLETKSKLKSFTLDEPVIFWRWLSETTLGFVTARSILTSNVFDGNVNAKPQLLTLRHANLNNTQI
INFVANKNLDWFAVVGILQENGRIAGRIQLFSKQRNISQAIDGHVAIFTNILLEGNGSTPVQVFVTGNRNATTGAGELRI
IEIDHDASLPSQYQKETTDIFFPPDATNDFPIAVQVSEKYGIIYLLTKYGFIHLYELETGTNLFVNRITAESVFTAAPYN
HENGIACINKKGQVLAVEISTSQIVPYILNKLSNVALALIVATRGGLPGADDL
;
A,B,C,D
2 'polypeptide(L)' NLNLIDM E,F,G,H,J,K,O,N,M,P
#
# COMPACT_ATOMS: atom_id res chain seq x y z
N MET A 3 39.00 -21.06 5.26
CA MET A 3 38.83 -20.01 6.29
C MET A 3 40.22 -19.49 6.67
N ALA A 4 40.39 -18.17 6.71
CA ALA A 4 41.65 -17.55 7.09
C ALA A 4 41.92 -17.78 8.58
N MET A 5 43.19 -17.90 8.95
CA MET A 5 43.54 -18.27 10.31
C MET A 5 43.04 -17.25 11.33
N SER A 6 43.08 -15.95 10.97
CA SER A 6 42.65 -14.89 11.87
C SER A 6 41.14 -14.94 12.14
N ASP A 7 40.37 -15.70 11.34
CA ASP A 7 38.92 -15.80 11.51
C ASP A 7 38.51 -17.08 12.24
N LEU A 8 39.45 -17.99 12.55
CA LEU A 8 39.11 -19.21 13.27
C LEU A 8 38.44 -18.85 14.59
N PRO A 9 37.38 -19.58 15.01
CA PRO A 9 36.79 -19.36 16.32
C PRO A 9 37.53 -20.05 17.47
N ILE A 10 38.66 -20.72 17.17
CA ILE A 10 39.46 -21.38 18.18
C ILE A 10 40.89 -20.87 18.09
N GLU A 11 41.62 -21.03 19.20
CA GLU A 11 43.06 -20.88 19.27
C GLU A 11 43.67 -22.26 19.49
N PHE A 12 44.62 -22.60 18.62
CA PHE A 12 45.34 -23.85 18.65
C PHE A 12 46.76 -23.55 19.11
N THR A 13 47.27 -24.42 20.01
CA THR A 13 48.63 -24.34 20.49
C THR A 13 49.23 -25.74 20.64
N GLU A 14 50.46 -25.92 20.14
CA GLU A 14 51.28 -27.04 20.56
C GLU A 14 51.97 -26.67 21.87
N LEU A 15 51.58 -27.31 22.96
CA LEU A 15 52.15 -27.05 24.28
C LEU A 15 53.56 -27.60 24.37
N VAL A 16 53.80 -28.82 23.88
CA VAL A 16 55.16 -29.37 23.84
C VAL A 16 55.18 -30.51 22.83
N ASP A 17 56.38 -30.78 22.29
CA ASP A 17 56.64 -32.01 21.57
C ASP A 17 57.48 -32.90 22.47
N LEU A 18 56.87 -33.99 22.97
CA LEU A 18 57.54 -34.85 23.94
C LEU A 18 58.80 -35.48 23.37
N MET A 19 58.79 -35.80 22.07
CA MET A 19 59.96 -36.41 21.45
C MET A 19 61.14 -35.44 21.44
N SER A 20 60.90 -34.13 21.55
CA SER A 20 61.98 -33.16 21.66
C SER A 20 62.62 -33.16 23.05
N LEU A 21 61.93 -33.71 24.05
CA LEU A 21 62.46 -33.77 25.40
C LEU A 21 63.27 -35.04 25.62
N GLY A 22 63.26 -35.92 24.60
CA GLY A 22 64.00 -37.17 24.64
C GLY A 22 63.14 -38.34 25.10
N ILE A 23 61.81 -38.19 25.06
CA ILE A 23 60.92 -39.31 25.34
C ILE A 23 60.93 -40.22 24.11
N SER A 24 61.04 -41.54 24.34
CA SER A 24 60.99 -42.55 23.30
C SER A 24 59.54 -42.81 22.89
N PRO A 25 59.25 -42.97 21.58
CA PRO A 25 57.88 -43.22 21.13
C PRO A 25 57.29 -44.54 21.60
N GLN A 26 58.11 -45.46 22.12
CA GLN A 26 57.57 -46.74 22.59
C GLN A 26 56.73 -46.56 23.85
N PHE A 27 56.85 -45.41 24.54
CA PHE A 27 56.12 -45.15 25.77
C PHE A 27 54.93 -44.23 25.53
N LEU A 28 54.71 -43.79 24.28
CA LEU A 28 53.58 -42.92 23.98
C LEU A 28 52.31 -43.73 23.74
N ASP A 29 51.67 -44.13 24.83
CA ASP A 29 50.44 -44.91 24.77
C ASP A 29 49.64 -44.64 26.04
N PHE A 30 48.38 -45.09 26.02
CA PHE A 30 47.43 -44.77 27.07
C PHE A 30 47.90 -45.22 28.45
N ARG A 31 48.56 -46.37 28.52
CA ARG A 31 49.01 -46.93 29.80
C ARG A 31 50.26 -46.20 30.33
N SER A 32 51.15 -45.74 29.44
CA SER A 32 52.48 -45.29 29.82
C SER A 32 52.62 -43.76 29.94
N THR A 33 51.89 -42.98 29.13
CA THR A 33 52.00 -41.53 29.13
C THR A 33 50.65 -40.98 29.59
N THR A 34 50.57 -40.47 30.83
CA THR A 34 49.29 -40.14 31.45
C THR A 34 49.16 -38.63 31.58
N PHE A 35 47.90 -38.19 31.58
CA PHE A 35 47.53 -36.79 31.38
C PHE A 35 46.25 -36.48 32.11
N GLU A 36 46.38 -35.94 33.33
CA GLU A 36 45.24 -35.70 34.19
C GLU A 36 44.76 -34.26 34.03
N SER A 37 45.65 -33.38 33.60
CA SER A 37 45.37 -31.97 33.43
C SER A 37 46.49 -31.43 32.54
N ASP A 38 46.32 -30.19 32.07
CA ASP A 38 47.33 -29.56 31.24
C ASP A 38 48.49 -29.03 32.09
N HIS A 39 48.54 -29.36 33.39
CA HIS A 39 49.68 -28.95 34.20
C HIS A 39 50.89 -29.88 33.97
N PHE A 40 50.65 -31.19 33.74
CA PHE A 40 51.72 -32.17 33.73
C PHE A 40 51.42 -33.30 32.74
N VAL A 41 52.49 -33.88 32.19
CA VAL A 41 52.46 -35.16 31.50
C VAL A 41 53.44 -36.07 32.25
N THR A 42 53.04 -37.33 32.51
CA THR A 42 53.91 -38.28 33.19
C THR A 42 54.18 -39.44 32.25
N VAL A 43 55.47 -39.67 31.94
CA VAL A 43 55.86 -40.76 31.07
C VAL A 43 56.58 -41.84 31.89
N ARG A 44 56.01 -43.04 31.90
CA ARG A 44 56.63 -44.20 32.50
C ARG A 44 57.54 -44.81 31.44
N GLU A 45 58.84 -44.89 31.79
CA GLU A 45 59.86 -45.46 30.91
C GLU A 45 60.43 -46.72 31.55
N THR A 46 60.77 -47.72 30.71
CA THR A 46 61.44 -48.93 31.17
C THR A 46 62.70 -49.04 30.35
N LYS A 47 63.84 -49.16 31.02
CA LYS A 47 65.12 -49.27 30.35
C LYS A 47 65.92 -50.34 31.07
N ASP A 48 66.34 -51.37 30.31
CA ASP A 48 67.12 -52.48 30.87
C ASP A 48 66.49 -53.03 32.15
N GLY A 49 65.14 -53.16 32.14
CA GLY A 49 64.46 -53.84 33.24
C GLY A 49 64.08 -52.92 34.38
N THR A 50 64.50 -51.63 34.34
CA THR A 50 64.30 -50.68 35.44
C THR A 50 63.33 -49.59 35.00
N ASN A 51 62.33 -49.33 35.85
CA ASN A 51 61.33 -48.32 35.59
C ASN A 51 61.82 -46.96 36.08
N SER A 52 61.32 -45.94 35.37
CA SER A 52 61.47 -44.55 35.77
C SER A 52 60.24 -43.77 35.34
N VAL A 53 60.10 -42.55 35.89
CA VAL A 53 59.05 -41.63 35.50
C VAL A 53 59.69 -40.31 35.08
N ALA A 54 59.24 -39.78 33.94
CA ALA A 54 59.58 -38.42 33.54
C ALA A 54 58.33 -37.56 33.68
N ILE A 55 58.39 -36.58 34.60
CA ILE A 55 57.32 -35.64 34.79
C ILE A 55 57.63 -34.36 34.01
N VAL A 56 56.76 -34.00 33.06
CA VAL A 56 56.91 -32.80 32.26
C VAL A 56 55.97 -31.74 32.82
N ASP A 57 56.51 -30.62 33.31
CA ASP A 57 55.71 -29.57 33.93
C ASP A 57 55.34 -28.53 32.87
N LEU A 58 54.16 -28.68 32.28
CA LEU A 58 53.74 -27.81 31.17
C LEU A 58 53.51 -26.38 31.64
N ALA A 59 53.29 -26.19 32.94
CA ALA A 59 53.04 -24.87 33.52
C ALA A 59 54.33 -24.14 33.81
N LYS A 60 55.49 -24.84 33.73
CA LYS A 60 56.76 -24.26 34.11
C LYS A 60 57.80 -24.51 33.02
N GLY A 61 57.45 -24.16 31.79
CA GLY A 61 58.38 -24.18 30.68
C GLY A 61 58.78 -25.61 30.29
N ASN A 62 57.92 -26.58 30.57
CA ASN A 62 58.17 -27.99 30.25
C ASN A 62 59.37 -28.55 30.97
N GLU A 63 59.65 -28.04 32.18
CA GLU A 63 60.70 -28.59 33.04
C GLU A 63 60.45 -30.09 33.29
N VAL A 64 61.51 -30.90 33.12
CA VAL A 64 61.42 -32.35 33.27
C VAL A 64 62.03 -32.77 34.60
N THR A 65 61.26 -33.51 35.41
CA THR A 65 61.76 -34.11 36.64
C THR A 65 61.76 -35.63 36.43
N ARG A 66 62.93 -36.29 36.52
CA ARG A 66 63.02 -37.72 36.29
C ARG A 66 63.32 -38.41 37.61
N LYS A 67 62.60 -39.51 37.90
CA LYS A 67 62.84 -40.30 39.11
C LYS A 67 62.74 -41.79 38.78
N ASN A 68 63.64 -42.60 39.35
CA ASN A 68 63.47 -44.04 39.30
C ASN A 68 62.26 -44.42 40.15
N MET A 69 61.57 -45.48 39.75
CA MET A 69 60.44 -45.97 40.50
C MET A 69 60.33 -47.50 40.38
N GLY A 70 59.71 -48.10 41.41
CA GLY A 70 59.45 -49.52 41.42
C GLY A 70 58.06 -49.89 40.91
N GLY A 71 57.17 -48.91 40.78
CA GLY A 71 55.85 -49.21 40.24
C GLY A 71 55.86 -49.22 38.71
N ASP A 72 54.70 -49.50 38.13
CA ASP A 72 54.56 -49.62 36.68
C ASP A 72 53.44 -48.76 36.13
N SER A 73 52.89 -47.86 36.94
CA SER A 73 51.83 -46.96 36.51
C SER A 73 51.86 -45.72 37.40
N ALA A 74 51.69 -44.54 36.82
CA ALA A 74 51.88 -43.30 37.53
C ALA A 74 51.07 -42.17 36.91
N ILE A 75 50.46 -41.36 37.79
CA ILE A 75 49.77 -40.12 37.40
C ILE A 75 50.15 -38.97 38.33
N MET A 76 50.10 -37.73 37.81
CA MET A 76 50.23 -36.53 38.59
C MET A 76 48.85 -35.97 38.96
N HIS A 77 48.83 -35.21 40.06
CA HIS A 77 47.67 -34.43 40.47
C HIS A 77 47.35 -33.36 39.42
N PRO A 78 46.08 -32.90 39.31
CA PRO A 78 45.73 -31.82 38.39
C PRO A 78 46.53 -30.53 38.52
N SER A 79 47.02 -30.17 39.71
CA SER A 79 47.63 -28.87 39.95
C SER A 79 48.90 -28.95 40.82
N GLN A 80 48.98 -29.94 41.72
CA GLN A 80 50.05 -30.02 42.70
C GLN A 80 51.08 -31.07 42.27
N MET A 81 52.28 -30.94 42.84
CA MET A 81 53.40 -31.84 42.62
C MET A 81 53.22 -33.08 43.51
N VAL A 82 52.13 -33.77 43.27
CA VAL A 82 51.74 -34.98 43.99
C VAL A 82 51.62 -36.09 42.97
N ILE A 83 52.42 -37.15 43.15
CA ILE A 83 52.47 -38.26 42.21
C ILE A 83 51.86 -39.48 42.88
N SER A 84 51.10 -40.25 42.10
CA SER A 84 50.47 -41.48 42.56
C SER A 84 51.06 -42.63 41.76
N VAL A 85 51.57 -43.63 42.45
CA VAL A 85 52.29 -44.73 41.82
C VAL A 85 51.67 -46.03 42.31
N ARG A 86 51.52 -47.00 41.40
CA ARG A 86 51.07 -48.32 41.80
C ARG A 86 51.98 -49.37 41.17
N ALA A 87 52.11 -50.52 41.85
CA ALA A 87 52.83 -51.67 41.33
C ALA A 87 51.88 -52.87 41.17
N ASN A 88 51.68 -53.21 39.87
CA ASN A 88 50.88 -54.35 39.48
C ASN A 88 49.49 -54.25 40.11
N GLY A 89 48.92 -53.04 40.16
CA GLY A 89 47.56 -52.85 40.64
C GLY A 89 47.35 -53.02 42.15
N THR A 90 48.32 -53.51 42.94
CA THR A 90 48.06 -53.85 44.34
C THR A 90 48.75 -52.87 45.30
N ILE A 91 50.05 -52.59 45.12
CA ILE A 91 50.72 -51.68 46.05
C ILE A 91 50.54 -50.26 45.55
N VAL A 92 50.04 -49.36 46.41
CA VAL A 92 49.74 -47.99 46.02
C VAL A 92 50.42 -47.03 46.99
N GLN A 93 51.13 -46.05 46.44
CA GLN A 93 51.73 -45.00 47.25
C GLN A 93 51.57 -43.67 46.51
N ILE A 94 51.27 -42.63 47.30
CA ILE A 94 51.05 -41.30 46.79
C ILE A 94 51.97 -40.38 47.58
N PHE A 95 52.77 -39.57 46.88
CA PHE A 95 53.80 -38.74 47.49
C PHE A 95 53.64 -37.29 47.07
N ASN A 96 53.82 -36.41 48.04
CA ASN A 96 54.08 -35.01 47.72
C ASN A 96 55.56 -34.87 47.41
N LEU A 97 55.92 -34.58 46.15
CA LEU A 97 57.33 -34.50 45.74
C LEU A 97 58.03 -33.26 46.30
N GLU A 98 57.27 -32.23 46.71
CA GLU A 98 57.86 -31.03 47.30
C GLU A 98 58.30 -31.28 48.74
N THR A 99 57.34 -31.75 49.58
CA THR A 99 57.55 -31.94 51.00
C THR A 99 58.13 -33.33 51.24
N LYS A 100 58.19 -34.16 50.19
CA LYS A 100 58.75 -35.50 50.28
C LYS A 100 57.81 -36.47 51.00
N SER A 101 56.63 -36.00 51.42
CA SER A 101 55.83 -36.75 52.38
C SER A 101 54.91 -37.75 51.67
N LYS A 102 54.70 -38.89 52.33
CA LYS A 102 53.80 -39.92 51.83
C LYS A 102 52.37 -39.63 52.30
N LEU A 103 51.47 -39.39 51.37
CA LEU A 103 50.08 -39.02 51.65
C LEU A 103 49.22 -40.28 51.82
N LYS A 104 49.50 -41.29 51.01
CA LYS A 104 48.77 -42.57 51.08
C LYS A 104 49.75 -43.71 50.80
N SER A 105 49.53 -44.81 51.50
CA SER A 105 50.33 -46.01 51.32
C SER A 105 49.48 -47.18 51.79
N PHE A 106 49.13 -48.07 50.86
CA PHE A 106 48.34 -49.24 51.22
C PHE A 106 48.51 -50.31 50.13
N THR A 107 48.07 -51.53 50.44
CA THR A 107 48.10 -52.65 49.52
C THR A 107 46.68 -53.16 49.40
N LEU A 108 46.20 -53.20 48.15
CA LEU A 108 44.85 -53.64 47.85
C LEU A 108 44.87 -55.15 47.60
N ASP A 109 43.81 -55.83 48.06
CA ASP A 109 43.64 -57.24 47.78
C ASP A 109 43.12 -57.41 46.35
N GLU A 110 42.20 -56.53 45.94
CA GLU A 110 41.67 -56.57 44.57
C GLU A 110 42.38 -55.48 43.75
N PRO A 111 43.13 -55.83 42.67
CA PRO A 111 43.96 -54.85 41.99
C PRO A 111 43.16 -53.71 41.35
N VAL A 112 43.71 -52.48 41.47
CA VAL A 112 43.19 -51.37 40.70
C VAL A 112 43.64 -51.52 39.27
N ILE A 113 42.70 -51.37 38.32
CA ILE A 113 42.99 -51.53 36.91
C ILE A 113 42.86 -50.19 36.18
N PHE A 114 42.26 -49.17 36.82
CA PHE A 114 42.24 -47.83 36.24
C PHE A 114 42.06 -46.83 37.37
N TRP A 115 42.67 -45.64 37.21
CA TRP A 115 42.46 -44.58 38.16
C TRP A 115 42.53 -43.22 37.46
N ARG A 116 41.94 -42.25 38.12
CA ARG A 116 41.80 -40.88 37.58
C ARG A 116 41.43 -39.95 38.71
N TRP A 117 42.04 -38.74 38.75
CA TRP A 117 41.61 -37.73 39.69
C TRP A 117 40.20 -37.23 39.36
N LEU A 118 39.31 -37.31 40.35
CA LEU A 118 37.92 -36.90 40.15
C LEU A 118 37.76 -35.41 40.43
N SER A 119 38.61 -34.88 41.30
CA SER A 119 38.61 -33.51 41.81
C SER A 119 40.02 -33.26 42.32
N GLU A 120 40.26 -32.07 42.86
CA GLU A 120 41.53 -31.74 43.47
C GLU A 120 41.77 -32.52 44.77
N THR A 121 40.71 -33.07 45.38
CA THR A 121 40.88 -33.75 46.66
C THR A 121 40.73 -35.26 46.52
N THR A 122 40.12 -35.75 45.44
CA THR A 122 39.61 -37.12 45.40
C THR A 122 40.15 -37.86 44.18
N LEU A 123 40.76 -39.03 44.44
CA LEU A 123 41.22 -39.95 43.42
C LEU A 123 40.23 -41.10 43.28
N GLY A 124 39.89 -41.41 42.01
CA GLY A 124 38.98 -42.50 41.71
C GLY A 124 39.75 -43.75 41.30
N PHE A 125 39.27 -44.92 41.76
CA PHE A 125 39.86 -46.21 41.43
C PHE A 125 38.77 -47.12 40.88
N VAL A 126 39.12 -47.89 39.84
CA VAL A 126 38.25 -48.93 39.35
C VAL A 126 39.03 -50.26 39.39
N THR A 127 38.44 -51.26 40.04
CA THR A 127 39.00 -52.61 40.06
C THR A 127 38.24 -53.48 39.05
N ALA A 128 38.54 -54.79 39.02
CA ALA A 128 37.77 -55.70 38.18
C ALA A 128 36.28 -55.68 38.54
N ARG A 129 35.96 -55.48 39.83
CA ARG A 129 34.61 -55.65 40.33
C ARG A 129 33.99 -54.36 40.91
N SER A 130 34.82 -53.38 41.30
CA SER A 130 34.38 -52.31 42.18
C SER A 130 34.85 -50.94 41.72
N ILE A 131 34.18 -49.89 42.20
CA ILE A 131 34.53 -48.50 42.00
C ILE A 131 34.73 -47.90 43.38
N LEU A 132 35.87 -47.23 43.58
CA LEU A 132 36.26 -46.68 44.88
C LEU A 132 36.77 -45.25 44.71
N THR A 133 36.77 -44.50 45.83
CA THR A 133 37.36 -43.17 45.84
C THR A 133 38.19 -43.03 47.11
N SER A 134 39.25 -42.23 47.01
CA SER A 134 40.09 -41.90 48.13
C SER A 134 40.20 -40.39 48.28
N ASN A 135 39.92 -39.91 49.50
CA ASN A 135 40.29 -38.56 49.90
C ASN A 135 41.78 -38.56 50.21
N VAL A 136 42.59 -38.26 49.18
CA VAL A 136 44.03 -38.45 49.25
C VAL A 136 44.65 -37.54 50.28
N PHE A 137 44.05 -36.37 50.51
CA PHE A 137 44.60 -35.39 51.42
C PHE A 137 43.89 -35.36 52.76
N ASP A 138 43.33 -36.52 53.20
CA ASP A 138 42.63 -36.52 54.49
C ASP A 138 43.58 -36.76 55.67
N GLY A 139 44.81 -37.13 55.39
CA GLY A 139 45.82 -37.23 56.43
C GLY A 139 45.96 -38.64 56.99
N ASN A 140 45.09 -39.58 56.59
CA ASN A 140 45.16 -40.93 57.11
C ASN A 140 45.84 -41.82 56.07
N VAL A 141 47.16 -41.94 56.22
CA VAL A 141 48.05 -42.45 55.18
C VAL A 141 47.68 -43.89 54.83
N ASN A 142 47.27 -44.69 55.82
CA ASN A 142 47.06 -46.11 55.57
C ASN A 142 45.61 -46.46 55.30
N ALA A 143 44.73 -45.46 55.27
CA ALA A 143 43.32 -45.73 55.02
C ALA A 143 43.13 -46.06 53.53
N LYS A 144 42.51 -47.20 53.28
CA LYS A 144 42.27 -47.68 51.92
C LYS A 144 41.10 -46.89 51.30
N PRO A 145 40.96 -46.93 49.97
CA PRO A 145 39.83 -46.26 49.32
C PRO A 145 38.49 -46.83 49.77
N GLN A 146 37.49 -45.96 49.79
CA GLN A 146 36.15 -46.32 50.18
C GLN A 146 35.37 -46.81 48.97
N LEU A 147 34.64 -47.92 49.15
CA LEU A 147 33.77 -48.46 48.13
C LEU A 147 32.69 -47.44 47.79
N LEU A 148 32.53 -47.12 46.51
CA LEU A 148 31.47 -46.24 46.04
C LEU A 148 30.30 -47.11 45.63
N THR A 149 30.57 -48.06 44.71
CA THR A 149 29.56 -49.01 44.26
C THR A 149 30.25 -50.13 43.50
N LEU A 150 29.54 -51.22 43.25
CA LEU A 150 30.03 -52.28 42.39
C LEU A 150 29.88 -51.87 40.92
N ARG A 151 30.77 -52.39 40.08
CA ARG A 151 30.65 -52.14 38.65
C ARG A 151 29.39 -52.83 38.13
N HIS A 152 28.75 -52.22 37.14
CA HIS A 152 27.60 -52.79 36.45
C HIS A 152 28.11 -53.79 35.41
N ALA A 153 27.30 -54.83 35.12
CA ALA A 153 27.66 -55.87 34.18
C ALA A 153 27.87 -55.34 32.75
N ASN A 154 27.33 -54.16 32.40
CA ASN A 154 27.48 -53.59 31.08
C ASN A 154 28.96 -53.23 30.82
N LEU A 155 29.75 -53.07 31.88
CA LEU A 155 31.16 -52.74 31.75
C LEU A 155 32.01 -54.01 31.74
N ASN A 156 31.39 -55.19 31.81
CA ASN A 156 32.12 -56.44 31.70
C ASN A 156 32.81 -56.48 30.32
N ASN A 157 34.08 -56.91 30.36
CA ASN A 157 34.86 -57.14 29.16
C ASN A 157 35.20 -55.84 28.47
N THR A 158 35.14 -54.70 29.17
CA THR A 158 35.52 -53.42 28.58
C THR A 158 36.92 -53.09 29.07
N GLN A 159 37.60 -52.22 28.32
CA GLN A 159 38.77 -51.52 28.83
C GLN A 159 38.26 -50.21 29.44
N ILE A 160 38.51 -50.00 30.72
CA ILE A 160 38.08 -48.80 31.41
C ILE A 160 38.99 -47.66 30.95
N ILE A 161 38.42 -46.55 30.45
CA ILE A 161 39.21 -45.47 29.90
C ILE A 161 38.92 -44.13 30.57
N ASN A 162 37.88 -44.02 31.41
CA ASN A 162 37.61 -42.76 32.08
C ASN A 162 36.71 -42.98 33.30
N PHE A 163 36.84 -42.04 34.25
CA PHE A 163 36.06 -42.01 35.46
C PHE A 163 35.95 -40.55 35.86
N VAL A 164 34.72 -40.02 35.83
CA VAL A 164 34.46 -38.60 36.05
C VAL A 164 33.39 -38.44 37.13
N ALA A 165 33.32 -37.23 37.70
CA ALA A 165 32.38 -36.90 38.75
C ALA A 165 31.95 -35.45 38.62
N ASN A 166 30.85 -35.11 39.30
CA ASN A 166 30.41 -33.73 39.43
C ASN A 166 31.20 -33.07 40.56
N LYS A 167 31.06 -31.74 40.68
CA LYS A 167 31.77 -30.99 41.69
C LYS A 167 31.30 -31.39 43.09
N ASN A 168 30.03 -31.78 43.24
CA ASN A 168 29.54 -32.20 44.55
C ASN A 168 30.01 -33.60 44.95
N LEU A 169 30.67 -34.33 44.04
CA LEU A 169 31.10 -35.71 44.26
C LEU A 169 29.94 -36.59 44.73
N ASP A 170 28.78 -36.47 44.06
CA ASP A 170 27.68 -37.36 44.35
C ASP A 170 27.06 -37.91 43.07
N TRP A 171 27.59 -37.52 41.92
CA TRP A 171 27.30 -38.19 40.65
C TRP A 171 28.61 -38.57 39.96
N PHE A 172 28.62 -39.75 39.33
CA PHE A 172 29.82 -40.36 38.82
C PHE A 172 29.50 -41.10 37.51
N ALA A 173 30.52 -41.16 36.62
CA ALA A 173 30.42 -41.98 35.43
C ALA A 173 31.75 -42.69 35.16
N VAL A 174 31.65 -44.00 34.86
CA VAL A 174 32.78 -44.81 34.44
C VAL A 174 32.56 -45.22 32.99
N VAL A 175 33.59 -45.04 32.15
CA VAL A 175 33.50 -45.33 30.73
C VAL A 175 34.43 -46.49 30.40
N GLY A 176 33.89 -47.46 29.65
CA GLY A 176 34.68 -48.53 29.09
C GLY A 176 34.39 -48.72 27.60
N ILE A 177 35.36 -49.30 26.88
CA ILE A 177 35.22 -49.56 25.46
C ILE A 177 35.49 -51.04 25.21
N LEU A 178 34.86 -51.56 24.16
CA LEU A 178 35.10 -52.91 23.68
C LEU A 178 34.87 -52.95 22.18
N GLN A 179 35.39 -54.01 21.56
CA GLN A 179 35.16 -54.26 20.14
C GLN A 179 33.80 -54.89 19.94
N GLU A 180 33.06 -54.37 18.95
CA GLU A 180 31.73 -54.86 18.64
C GLU A 180 31.42 -54.52 17.17
N ASN A 181 31.05 -55.55 16.40
CA ASN A 181 30.67 -55.38 15.00
C ASN A 181 31.85 -54.81 14.20
N GLY A 182 33.08 -55.19 14.56
CA GLY A 182 34.29 -54.67 13.92
C GLY A 182 34.59 -53.19 14.25
N ARG A 183 33.91 -52.62 15.24
CA ARG A 183 34.09 -51.22 15.60
C ARG A 183 34.37 -51.15 17.10
N ILE A 184 34.64 -49.95 17.61
CA ILE A 184 34.75 -49.74 19.04
C ILE A 184 33.43 -49.18 19.56
N ALA A 185 32.80 -49.92 20.48
CA ALA A 185 31.61 -49.46 21.19
C ALA A 185 32.02 -48.91 22.55
N GLY A 186 31.21 -47.96 23.06
CA GLY A 186 31.42 -47.35 24.35
C GLY A 186 30.28 -47.71 25.31
N ARG A 187 30.62 -47.99 26.58
CA ARG A 187 29.63 -48.30 27.60
C ARG A 187 29.92 -47.40 28.79
N ILE A 188 28.86 -46.87 29.42
CA ILE A 188 28.98 -45.98 30.55
C ILE A 188 28.11 -46.49 31.71
N GLN A 189 28.71 -46.55 32.90
CA GLN A 189 27.97 -46.71 34.13
C GLN A 189 27.82 -45.35 34.81
N LEU A 190 26.58 -44.89 34.93
CA LEU A 190 26.25 -43.65 35.63
C LEU A 190 25.78 -44.05 37.03
N PHE A 191 26.29 -43.36 38.05
CA PHE A 191 25.93 -43.68 39.43
C PHE A 191 25.56 -42.41 40.18
N SER A 192 24.39 -42.43 40.81
CA SER A 192 23.96 -41.43 41.77
C SER A 192 24.20 -41.94 43.18
N LYS A 193 25.08 -41.27 43.89
CA LYS A 193 25.43 -41.66 45.25
C LYS A 193 24.24 -41.42 46.18
N GLN A 194 23.53 -40.32 45.98
CA GLN A 194 22.40 -40.00 46.84
C GLN A 194 21.30 -41.06 46.72
N ARG A 195 21.06 -41.55 45.51
CA ARG A 195 20.02 -42.53 45.26
C ARG A 195 20.55 -43.97 45.40
N ASN A 196 21.88 -44.14 45.37
CA ASN A 196 22.53 -45.45 45.40
C ASN A 196 22.02 -46.33 44.23
N ILE A 197 21.96 -45.73 43.04
CA ILE A 197 21.45 -46.37 41.84
C ILE A 197 22.45 -46.11 40.71
N SER A 198 22.69 -47.15 39.89
CA SER A 198 23.46 -47.06 38.66
C SER A 198 22.53 -47.20 37.46
N GLN A 199 22.96 -46.67 36.32
CA GLN A 199 22.26 -46.84 35.04
C GLN A 199 23.33 -47.12 33.97
N ALA A 200 23.04 -48.11 33.11
CA ALA A 200 23.93 -48.45 32.01
C ALA A 200 23.46 -47.71 30.77
N ILE A 201 24.37 -46.96 30.14
CA ILE A 201 24.06 -46.26 28.91
C ILE A 201 25.17 -46.53 27.90
N ASP A 202 24.89 -46.25 26.63
CA ASP A 202 25.88 -46.31 25.58
C ASP A 202 26.55 -44.94 25.46
N GLY A 203 27.89 -44.95 25.44
CA GLY A 203 28.64 -43.75 25.19
C GLY A 203 30.14 -44.01 25.28
N HIS A 204 30.91 -43.18 24.55
CA HIS A 204 32.35 -43.23 24.51
C HIS A 204 32.99 -42.19 25.43
N VAL A 205 32.28 -41.08 25.70
CA VAL A 205 32.81 -39.97 26.47
C VAL A 205 31.71 -39.45 27.40
N ALA A 206 32.15 -38.84 28.51
CA ALA A 206 31.24 -38.28 29.49
C ALA A 206 31.91 -37.19 30.32
N ILE A 207 31.09 -36.23 30.76
CA ILE A 207 31.51 -35.21 31.72
C ILE A 207 30.29 -34.59 32.39
N PHE A 208 30.47 -34.14 33.63
CA PHE A 208 29.49 -33.36 34.37
C PHE A 208 29.90 -31.89 34.31
N THR A 209 28.92 -30.99 34.18
CA THR A 209 29.19 -29.56 34.13
C THR A 209 27.98 -28.80 34.65
N ASN A 210 28.05 -27.47 34.57
CA ASN A 210 27.11 -26.55 35.18
C ASN A 210 26.81 -25.42 34.20
N ILE A 211 25.58 -24.90 34.24
CA ILE A 211 25.19 -23.82 33.34
C ILE A 211 24.26 -22.85 34.08
N LEU A 212 24.51 -21.55 33.89
CA LEU A 212 23.66 -20.49 34.39
C LEU A 212 22.61 -20.14 33.35
N LEU A 213 21.33 -20.34 33.68
CA LEU A 213 20.21 -20.06 32.80
C LEU A 213 19.50 -18.78 33.25
N GLU A 214 18.92 -18.08 32.28
CA GLU A 214 18.05 -16.94 32.51
C GLU A 214 16.99 -17.30 33.54
N GLY A 215 16.85 -16.46 34.57
CA GLY A 215 15.87 -16.69 35.62
C GLY A 215 16.49 -17.24 36.90
N ASN A 216 17.69 -17.84 36.82
CA ASN A 216 18.24 -18.64 37.92
C ASN A 216 19.31 -17.84 38.71
N GLY A 217 19.41 -16.54 38.44
CA GLY A 217 20.35 -15.68 39.16
C GLY A 217 21.78 -16.11 38.89
N SER A 218 22.53 -16.41 39.96
CA SER A 218 23.91 -16.89 39.81
C SER A 218 24.00 -18.36 40.21
N THR A 219 22.86 -19.02 40.43
CA THR A 219 22.85 -20.43 40.80
C THR A 219 22.83 -21.29 39.54
N PRO A 220 23.85 -22.13 39.31
CA PRO A 220 23.88 -22.99 38.14
C PRO A 220 22.95 -24.19 38.27
N VAL A 221 22.58 -24.77 37.13
CA VAL A 221 21.97 -26.09 37.09
C VAL A 221 23.02 -27.08 36.54
N GLN A 222 22.91 -28.35 36.96
CA GLN A 222 23.86 -29.37 36.56
C GLN A 222 23.38 -30.12 35.31
N VAL A 223 24.32 -30.40 34.39
CA VAL A 223 24.01 -31.23 33.22
C VAL A 223 25.08 -32.30 33.07
N PHE A 224 24.67 -33.43 32.49
CA PHE A 224 25.54 -34.52 32.10
C PHE A 224 25.67 -34.50 30.59
N VAL A 225 26.91 -34.50 30.09
CA VAL A 225 27.19 -34.43 28.66
C VAL A 225 27.81 -35.76 28.26
N THR A 226 27.30 -36.38 27.18
CA THR A 226 27.83 -37.65 26.74
C THR A 226 27.84 -37.68 25.22
N GLY A 227 28.85 -38.36 24.66
CA GLY A 227 28.93 -38.54 23.23
C GLY A 227 29.08 -40.01 22.90
N ASN A 228 28.46 -40.44 21.80
CA ASN A 228 28.39 -41.84 21.42
C ASN A 228 28.51 -41.97 19.91
N ARG A 229 29.14 -43.06 19.46
CA ARG A 229 29.00 -43.51 18.10
C ARG A 229 28.51 -44.95 18.11
N ASN A 230 27.33 -45.17 17.53
CA ASN A 230 26.72 -46.49 17.46
C ASN A 230 27.58 -47.41 16.57
N ALA A 231 28.02 -48.55 17.12
CA ALA A 231 28.91 -49.47 16.45
C ALA A 231 28.21 -50.23 15.30
N THR A 232 26.87 -50.29 15.29
CA THR A 232 26.13 -50.96 14.23
C THR A 232 25.83 -49.96 13.10
N THR A 233 25.32 -48.76 13.44
CA THR A 233 24.78 -47.84 12.45
C THR A 233 25.81 -46.79 12.05
N GLY A 234 26.79 -46.55 12.92
CA GLY A 234 27.80 -45.52 12.68
C GLY A 234 27.29 -44.13 13.08
N ALA A 235 26.06 -44.03 13.60
CA ALA A 235 25.48 -42.74 13.94
C ALA A 235 26.12 -42.15 15.21
N GLY A 236 26.57 -40.89 15.11
CA GLY A 236 27.18 -40.18 16.21
C GLY A 236 26.17 -39.25 16.87
N GLU A 237 26.15 -39.24 18.21
CA GLU A 237 25.19 -38.42 18.93
C GLU A 237 25.76 -37.85 20.21
N LEU A 238 25.64 -36.52 20.39
CA LEU A 238 25.90 -35.85 21.64
C LEU A 238 24.57 -35.62 22.37
N ARG A 239 24.53 -35.92 23.67
CA ARG A 239 23.37 -35.63 24.47
C ARG A 239 23.75 -34.84 25.72
N ILE A 240 22.88 -33.88 26.07
CA ILE A 240 23.07 -33.05 27.25
C ILE A 240 21.78 -33.10 28.05
N ILE A 241 21.87 -33.59 29.31
CA ILE A 241 20.66 -33.83 30.11
C ILE A 241 20.86 -33.29 31.53
N GLU A 242 19.81 -32.66 32.09
CA GLU A 242 19.84 -32.15 33.45
C GLU A 242 19.94 -33.28 34.47
N ILE A 243 20.68 -33.04 35.56
CA ILE A 243 20.63 -33.92 36.72
C ILE A 243 20.30 -33.08 37.96
N ASP A 244 19.58 -33.72 38.90
CA ASP A 244 19.26 -33.14 40.20
C ASP A 244 18.69 -31.72 40.09
N HIS A 245 17.62 -31.49 39.32
CA HIS A 245 17.07 -30.15 39.22
C HIS A 245 16.65 -29.64 40.60
N ASP A 246 17.12 -28.44 40.97
CA ASP A 246 16.72 -27.74 42.18
C ASP A 246 15.36 -27.12 41.90
N ALA A 247 14.31 -27.61 42.58
CA ALA A 247 12.95 -27.23 42.29
C ALA A 247 12.68 -25.78 42.71
N SER A 248 13.58 -25.21 43.53
CA SER A 248 13.51 -23.80 43.90
C SER A 248 13.83 -22.89 42.71
N LEU A 249 14.56 -23.38 41.70
CA LEU A 249 14.99 -22.55 40.58
C LEU A 249 13.92 -22.55 39.49
N PRO A 250 13.57 -21.37 38.93
CA PRO A 250 12.51 -21.29 37.93
C PRO A 250 12.83 -21.93 36.58
N SER A 251 14.11 -21.97 36.16
CA SER A 251 14.44 -22.42 34.82
C SER A 251 15.14 -23.77 34.84
N GLN A 252 14.59 -24.71 34.06
CA GLN A 252 15.14 -26.03 33.90
C GLN A 252 15.86 -26.16 32.55
N TYR A 253 16.81 -27.09 32.49
CA TYR A 253 17.56 -27.36 31.27
C TYR A 253 16.84 -28.45 30.48
N GLN A 254 16.26 -28.06 29.35
CA GLN A 254 15.62 -28.99 28.42
C GLN A 254 16.69 -29.81 27.68
N LYS A 255 16.49 -31.12 27.63
CA LYS A 255 17.43 -32.05 27.05
C LYS A 255 17.75 -31.64 25.61
N GLU A 256 19.04 -31.69 25.24
CA GLU A 256 19.45 -31.42 23.88
C GLU A 256 20.16 -32.64 23.32
N THR A 257 19.98 -32.89 22.01
CA THR A 257 20.63 -33.94 21.28
C THR A 257 21.16 -33.33 19.97
N THR A 258 22.39 -33.65 19.59
CA THR A 258 22.99 -33.10 18.38
C THR A 258 23.77 -34.23 17.69
N ASP A 259 23.75 -34.24 16.36
CA ASP A 259 24.56 -35.16 15.59
C ASP A 259 26.04 -34.86 15.81
N ILE A 260 26.84 -35.93 15.88
CA ILE A 260 28.29 -35.83 15.78
C ILE A 260 28.68 -36.27 14.37
N PHE A 261 29.25 -35.34 13.59
CA PHE A 261 29.54 -35.62 12.19
C PHE A 261 30.79 -36.49 12.08
N PHE A 262 30.71 -37.51 11.22
CA PHE A 262 31.86 -38.34 10.87
C PHE A 262 31.94 -38.33 9.35
N PRO A 263 33.07 -37.92 8.74
CA PRO A 263 33.19 -37.97 7.29
C PRO A 263 33.19 -39.40 6.77
N PRO A 264 32.90 -39.61 5.47
CA PRO A 264 32.71 -40.94 4.90
C PRO A 264 33.86 -41.92 5.10
N ASP A 265 35.09 -41.40 5.14
CA ASP A 265 36.25 -42.29 5.19
C ASP A 265 36.74 -42.48 6.64
N ALA A 266 35.92 -42.10 7.62
CA ALA A 266 36.30 -42.18 9.03
C ALA A 266 35.48 -43.26 9.75
N THR A 267 35.28 -44.40 9.09
CA THR A 267 34.41 -45.45 9.57
C THR A 267 34.79 -45.94 10.96
N ASN A 268 36.11 -45.96 11.28
CA ASN A 268 36.58 -46.54 12.52
C ASN A 268 36.90 -45.47 13.58
N ASP A 269 36.55 -44.23 13.31
CA ASP A 269 36.73 -43.17 14.28
C ASP A 269 35.60 -43.19 15.31
N PHE A 270 35.84 -42.63 16.49
CA PHE A 270 34.82 -42.49 17.54
C PHE A 270 35.24 -41.39 18.50
N PRO A 271 34.34 -40.84 19.36
CA PRO A 271 34.75 -39.85 20.36
C PRO A 271 35.73 -40.42 21.39
N ILE A 272 36.79 -39.68 21.70
CA ILE A 272 37.79 -40.13 22.65
C ILE A 272 37.82 -39.23 23.89
N ALA A 273 37.40 -37.97 23.77
CA ALA A 273 37.35 -37.08 24.92
C ALA A 273 36.28 -36.02 24.77
N VAL A 274 35.81 -35.53 25.92
CA VAL A 274 34.91 -34.38 25.98
C VAL A 274 35.34 -33.54 27.17
N GLN A 275 35.50 -32.23 26.97
CA GLN A 275 35.74 -31.29 28.05
C GLN A 275 34.79 -30.10 27.83
N VAL A 276 34.55 -29.31 28.89
CA VAL A 276 33.58 -28.23 28.85
C VAL A 276 34.14 -27.01 29.57
N SER A 277 34.05 -25.85 28.91
CA SER A 277 34.20 -24.56 29.57
C SER A 277 32.87 -24.15 30.21
N GLU A 278 32.82 -24.17 31.53
CA GLU A 278 31.67 -23.67 32.27
C GLU A 278 31.46 -22.19 32.04
N LYS A 279 32.56 -21.43 32.11
CA LYS A 279 32.49 -19.99 31.98
C LYS A 279 31.82 -19.58 30.66
N TYR A 280 32.23 -20.20 29.54
CA TYR A 280 31.79 -19.76 28.22
C TYR A 280 30.63 -20.61 27.68
N GLY A 281 30.31 -21.70 28.37
CA GLY A 281 29.31 -22.66 27.91
C GLY A 281 29.66 -23.29 26.55
N ILE A 282 30.85 -23.88 26.47
CA ILE A 282 31.33 -24.50 25.23
C ILE A 282 31.75 -25.94 25.54
N ILE A 283 31.26 -26.87 24.73
CA ILE A 283 31.65 -28.27 24.78
C ILE A 283 32.70 -28.52 23.69
N TYR A 284 33.82 -29.14 24.07
CA TYR A 284 34.85 -29.57 23.13
C TYR A 284 34.91 -31.09 23.11
N LEU A 285 34.64 -31.68 21.95
CA LEU A 285 34.61 -33.12 21.78
C LEU A 285 35.66 -33.48 20.75
N LEU A 286 36.55 -34.40 21.15
CA LEU A 286 37.67 -34.82 20.33
C LEU A 286 37.45 -36.26 19.92
N THR A 287 37.75 -36.59 18.66
CA THR A 287 37.71 -37.97 18.18
C THR A 287 39.10 -38.59 18.20
N LYS A 288 39.14 -39.93 18.17
CA LYS A 288 40.37 -40.68 18.13
C LYS A 288 41.26 -40.26 16.96
N TYR A 289 40.66 -40.00 15.78
CA TYR A 289 41.42 -39.66 14.58
C TYR A 289 41.86 -38.20 14.57
N GLY A 290 41.48 -37.41 15.57
CA GLY A 290 42.01 -36.05 15.72
C GLY A 290 41.07 -34.92 15.33
N PHE A 291 39.77 -35.20 15.16
CA PHE A 291 38.80 -34.14 14.84
C PHE A 291 38.28 -33.50 16.13
N ILE A 292 38.24 -32.15 16.15
CA ILE A 292 37.65 -31.42 17.25
C ILE A 292 36.28 -30.92 16.80
N HIS A 293 35.30 -31.04 17.69
CA HIS A 293 33.92 -30.58 17.47
C HIS A 293 33.55 -29.66 18.64
N LEU A 294 33.10 -28.46 18.34
CA LEU A 294 32.63 -27.52 19.36
C LEU A 294 31.11 -27.47 19.34
N TYR A 295 30.52 -27.45 20.52
CA TYR A 295 29.07 -27.29 20.67
C TYR A 295 28.80 -26.24 21.74
N GLU A 296 27.73 -25.48 21.56
CA GLU A 296 27.31 -24.53 22.58
C GLU A 296 26.49 -25.32 23.59
N LEU A 297 26.73 -25.06 24.90
CA LEU A 297 26.22 -25.89 25.98
C LEU A 297 24.71 -25.72 26.18
N GLU A 298 24.20 -24.49 26.05
CA GLU A 298 22.80 -24.23 26.33
C GLU A 298 21.86 -24.90 25.30
N THR A 299 22.26 -24.85 24.02
CA THR A 299 21.42 -25.27 22.89
C THR A 299 21.88 -26.59 22.29
N GLY A 300 23.12 -27.00 22.56
CA GLY A 300 23.72 -28.13 21.91
C GLY A 300 24.16 -27.88 20.46
N THR A 301 24.09 -26.63 20.00
CA THR A 301 24.37 -26.32 18.61
C THR A 301 25.83 -26.62 18.26
N ASN A 302 26.06 -27.31 17.15
CA ASN A 302 27.40 -27.61 16.67
C ASN A 302 27.96 -26.34 16.01
N LEU A 303 29.03 -25.77 16.55
CA LEU A 303 29.56 -24.49 16.11
C LEU A 303 30.60 -24.69 15.02
N PHE A 304 31.40 -25.75 15.12
CA PHE A 304 32.66 -25.83 14.40
C PHE A 304 33.18 -27.25 14.44
N VAL A 305 33.79 -27.69 13.32
CA VAL A 305 34.45 -28.97 13.23
C VAL A 305 35.75 -28.74 12.46
N ASN A 306 36.86 -29.32 12.93
CA ASN A 306 38.14 -29.13 12.26
C ASN A 306 39.06 -30.31 12.65
N ARG A 307 40.14 -30.52 11.89
CA ARG A 307 41.06 -31.58 12.26
C ARG A 307 42.29 -30.97 12.91
N ILE A 308 42.50 -31.26 14.19
CA ILE A 308 43.65 -30.70 14.89
C ILE A 308 44.89 -31.59 14.79
N THR A 309 44.72 -32.91 14.61
CA THR A 309 45.85 -33.79 14.39
C THR A 309 45.47 -34.94 13.44
N ALA A 310 46.45 -35.43 12.69
CA ALA A 310 46.23 -36.56 11.80
C ALA A 310 46.67 -37.85 12.50
N GLU A 311 47.67 -37.77 13.37
CA GLU A 311 48.06 -38.89 14.20
C GLU A 311 46.98 -39.06 15.28
N SER A 312 46.72 -40.31 15.68
CA SER A 312 45.65 -40.62 16.62
C SER A 312 45.89 -40.00 17.98
N VAL A 313 44.80 -39.61 18.65
CA VAL A 313 44.82 -39.16 20.02
C VAL A 313 44.66 -40.37 20.93
N PHE A 314 45.46 -40.42 22.02
CA PHE A 314 45.34 -41.51 22.97
C PHE A 314 44.92 -41.02 24.35
N THR A 315 45.00 -39.72 24.67
CA THR A 315 44.52 -39.21 25.96
C THR A 315 44.25 -37.71 25.84
N ALA A 316 43.48 -37.18 26.77
CA ALA A 316 43.07 -35.78 26.77
C ALA A 316 42.75 -35.35 28.20
N ALA A 317 42.67 -34.03 28.40
CA ALA A 317 42.43 -33.44 29.70
C ALA A 317 41.94 -32.01 29.54
N PRO A 318 41.42 -31.36 30.61
CA PRO A 318 41.08 -29.95 30.52
C PRO A 318 42.33 -29.10 30.29
N TYR A 319 42.14 -27.95 29.66
CA TYR A 319 43.21 -27.01 29.37
C TYR A 319 42.80 -25.63 29.87
N ASN A 320 43.77 -24.90 30.42
CA ASN A 320 43.67 -23.49 30.78
C ASN A 320 42.53 -23.25 31.77
N HIS A 321 42.69 -23.80 32.98
CA HIS A 321 41.72 -23.65 34.05
C HIS A 321 40.37 -24.14 33.56
N GLU A 322 40.41 -25.28 32.83
CA GLU A 322 39.22 -25.94 32.34
C GLU A 322 38.38 -25.07 31.39
N ASN A 323 39.03 -24.16 30.64
CA ASN A 323 38.33 -23.38 29.63
C ASN A 323 38.49 -23.98 28.23
N GLY A 324 39.31 -25.01 28.09
CA GLY A 324 39.60 -25.64 26.82
C GLY A 324 39.92 -27.12 26.99
N ILE A 325 40.51 -27.70 25.95
CA ILE A 325 40.85 -29.11 25.92
C ILE A 325 42.30 -29.24 25.44
N ALA A 326 43.04 -30.20 26.04
CA ALA A 326 44.36 -30.57 25.54
C ALA A 326 44.38 -32.08 25.30
N CYS A 327 45.27 -32.52 24.41
CA CYS A 327 45.37 -33.93 24.08
C CYS A 327 46.79 -34.28 23.69
N ILE A 328 47.09 -35.60 23.65
CA ILE A 328 48.38 -36.09 23.24
C ILE A 328 48.14 -37.05 22.08
N ASN A 329 48.90 -36.87 20.99
CA ASN A 329 48.83 -37.76 19.83
C ASN A 329 49.96 -38.77 19.87
N LYS A 330 49.90 -39.73 18.95
CA LYS A 330 50.83 -40.85 18.93
C LYS A 330 52.26 -40.42 18.60
N LYS A 331 52.46 -39.22 18.04
CA LYS A 331 53.80 -38.70 17.79
C LYS A 331 54.34 -37.89 18.97
N GLY A 332 53.56 -37.76 20.06
CA GLY A 332 54.05 -37.14 21.29
C GLY A 332 53.79 -35.63 21.35
N GLN A 333 53.01 -35.09 20.40
CA GLN A 333 52.61 -33.71 20.45
C GLN A 333 51.48 -33.54 21.46
N VAL A 334 51.67 -32.58 22.37
CA VAL A 334 50.63 -32.17 23.32
C VAL A 334 49.99 -30.91 22.75
N LEU A 335 48.71 -31.02 22.39
CA LEU A 335 48.02 -30.00 21.60
C LEU A 335 46.88 -29.45 22.44
N ALA A 336 46.57 -28.16 22.26
CA ALA A 336 45.53 -27.52 23.04
C ALA A 336 44.65 -26.69 22.12
N VAL A 337 43.35 -26.68 22.46
CA VAL A 337 42.35 -25.87 21.80
C VAL A 337 41.50 -25.17 22.87
N GLU A 338 41.28 -23.87 22.69
CA GLU A 338 40.21 -23.16 23.38
C GLU A 338 39.59 -22.17 22.39
N ILE A 339 38.44 -21.61 22.74
CA ILE A 339 37.78 -20.64 21.88
C ILE A 339 38.64 -19.38 21.85
N SER A 340 38.58 -18.69 20.72
CA SER A 340 39.09 -17.35 20.57
C SER A 340 38.04 -16.40 21.13
N THR A 341 38.39 -15.66 22.18
CA THR A 341 37.41 -14.77 22.80
C THR A 341 37.12 -13.61 21.85
N SER A 342 38.04 -13.23 20.97
CA SER A 342 37.77 -12.13 20.05
C SER A 342 36.97 -12.57 18.82
N GLN A 343 37.11 -13.82 18.37
CA GLN A 343 36.50 -14.21 17.09
C GLN A 343 35.25 -15.09 17.22
N ILE A 344 34.97 -15.66 18.40
CA ILE A 344 33.90 -16.65 18.46
C ILE A 344 32.55 -16.02 18.12
N VAL A 345 32.24 -14.82 18.67
CA VAL A 345 30.95 -14.20 18.42
C VAL A 345 30.85 -13.74 16.97
N PRO A 346 31.83 -12.99 16.40
CA PRO A 346 31.81 -12.68 14.98
C PRO A 346 31.64 -13.90 14.09
N TYR A 347 32.26 -15.02 14.47
CA TYR A 347 32.14 -16.27 13.73
C TYR A 347 30.69 -16.75 13.71
N ILE A 348 30.04 -16.78 14.89
CA ILE A 348 28.66 -17.23 14.98
C ILE A 348 27.75 -16.29 14.19
N LEU A 349 28.00 -14.99 14.28
CA LEU A 349 27.19 -13.97 13.63
C LEU A 349 27.36 -14.03 12.11
N ASN A 350 28.60 -14.13 11.64
CA ASN A 350 28.89 -13.93 10.22
C ASN A 350 28.95 -15.25 9.47
N LYS A 351 29.55 -16.29 10.06
CA LYS A 351 29.72 -17.55 9.37
C LYS A 351 28.50 -18.43 9.58
N LEU A 352 27.95 -18.47 10.81
CA LEU A 352 26.77 -19.28 11.05
C LEU A 352 25.48 -18.50 10.83
N SER A 353 25.56 -17.15 10.81
CA SER A 353 24.41 -16.28 10.60
C SER A 353 23.32 -16.61 11.62
N ASN A 354 23.71 -16.70 12.89
CA ASN A 354 22.81 -17.09 13.97
C ASN A 354 22.85 -16.03 15.07
N VAL A 355 21.96 -15.04 14.98
CA VAL A 355 21.97 -13.91 15.88
C VAL A 355 21.63 -14.37 17.28
N ALA A 356 20.62 -15.25 17.43
CA ALA A 356 20.21 -15.71 18.75
C ALA A 356 21.37 -16.41 19.47
N LEU A 357 22.07 -17.29 18.76
CA LEU A 357 23.17 -18.02 19.35
C LEU A 357 24.33 -17.08 19.68
N ALA A 358 24.60 -16.08 18.82
CA ALA A 358 25.65 -15.10 19.08
C ALA A 358 25.37 -14.35 20.38
N LEU A 359 24.10 -13.98 20.59
CA LEU A 359 23.68 -13.30 21.80
C LEU A 359 23.89 -14.19 23.03
N ILE A 360 23.53 -15.46 22.94
CA ILE A 360 23.69 -16.40 24.04
C ILE A 360 25.15 -16.49 24.45
N VAL A 361 26.03 -16.70 23.48
CA VAL A 361 27.44 -16.88 23.76
C VAL A 361 28.05 -15.57 24.28
N ALA A 362 27.76 -14.46 23.61
CA ALA A 362 28.28 -13.16 24.02
C ALA A 362 27.88 -12.82 25.46
N THR A 363 26.60 -13.07 25.80
CA THR A 363 26.05 -12.69 27.09
C THR A 363 26.64 -13.56 28.20
N ARG A 364 26.71 -14.88 27.98
CA ARG A 364 27.24 -15.77 28.99
C ARG A 364 28.71 -15.43 29.28
N GLY A 365 29.49 -15.20 28.22
CA GLY A 365 30.93 -15.13 28.37
C GLY A 365 31.46 -13.71 28.54
N GLY A 366 30.59 -12.71 28.42
CA GLY A 366 30.97 -11.30 28.38
C GLY A 366 31.92 -11.02 27.21
N LEU A 367 31.64 -11.62 26.04
CA LEU A 367 32.56 -11.57 24.92
C LEU A 367 32.20 -10.42 23.97
N PRO A 368 33.18 -9.87 23.21
CA PRO A 368 32.90 -8.83 22.22
C PRO A 368 32.24 -9.37 20.94
N GLY A 369 31.61 -8.47 20.18
CA GLY A 369 31.12 -8.76 18.85
C GLY A 369 29.59 -8.65 18.71
N ALA A 370 28.88 -8.45 19.83
CA ALA A 370 27.43 -8.47 19.83
C ALA A 370 26.81 -7.15 20.29
N ASP A 371 27.60 -6.07 20.30
CA ASP A 371 27.13 -4.79 20.85
C ASP A 371 26.07 -4.14 19.97
N ASP A 372 26.05 -4.48 18.67
CA ASP A 372 25.15 -3.86 17.71
C ASP A 372 23.88 -4.69 17.50
N LEU A 373 23.69 -5.77 18.27
CA LEU A 373 22.55 -6.65 18.02
C LEU A 373 21.30 -6.07 18.70
N ALA B 2 1.50 -43.31 1.31
CA ALA B 2 0.58 -43.60 0.19
C ALA B 2 -0.87 -43.55 0.68
N MET B 3 -1.65 -44.65 0.58
CA MET B 3 -3.08 -44.59 0.88
C MET B 3 -3.30 -44.53 2.40
N ALA B 4 -2.81 -45.48 3.22
CA ALA B 4 -3.04 -45.40 4.66
C ALA B 4 -2.21 -44.26 5.26
N MET B 5 -2.76 -43.57 6.27
CA MET B 5 -2.08 -42.42 6.83
C MET B 5 -0.70 -42.81 7.40
N SER B 6 -0.61 -44.00 8.01
CA SER B 6 0.64 -44.48 8.61
C SER B 6 1.74 -44.73 7.57
N ASP B 7 1.41 -44.79 6.26
CA ASP B 7 2.38 -45.04 5.23
C ASP B 7 2.84 -43.76 4.54
N LEU B 8 2.26 -42.61 4.87
CA LEU B 8 2.64 -41.35 4.24
C LEU B 8 4.12 -41.08 4.52
N PRO B 9 4.88 -40.58 3.53
CA PRO B 9 6.25 -40.19 3.74
C PRO B 9 6.43 -38.81 4.37
N ILE B 10 5.31 -38.13 4.70
CA ILE B 10 5.37 -36.80 5.29
C ILE B 10 4.58 -36.80 6.60
N GLU B 11 4.91 -35.82 7.45
CA GLU B 11 4.12 -35.49 8.63
C GLU B 11 3.54 -34.11 8.41
N PHE B 12 2.23 -34.00 8.59
CA PHE B 12 1.49 -32.76 8.46
C PHE B 12 1.07 -32.28 9.84
N THR B 13 1.19 -30.97 10.06
CA THR B 13 0.74 -30.33 11.30
C THR B 13 0.11 -28.96 11.00
N GLU B 14 -1.07 -28.71 11.60
CA GLU B 14 -1.57 -27.34 11.71
C GLU B 14 -0.90 -26.68 12.90
N LEU B 15 -0.03 -25.69 12.64
CA LEU B 15 0.68 -24.98 13.69
C LEU B 15 -0.28 -24.06 14.46
N VAL B 16 -1.16 -23.33 13.77
CA VAL B 16 -2.09 -22.44 14.43
C VAL B 16 -3.18 -22.06 13.42
N ASP B 17 -4.35 -21.73 13.94
CA ASP B 17 -5.41 -21.10 13.17
C ASP B 17 -5.47 -19.64 13.58
N LEU B 18 -5.04 -18.75 12.67
CA LEU B 18 -4.94 -17.32 12.98
C LEU B 18 -6.31 -16.73 13.26
N MET B 19 -7.35 -17.25 12.62
CA MET B 19 -8.71 -16.78 12.83
C MET B 19 -9.14 -17.01 14.28
N SER B 20 -8.57 -18.02 14.95
CA SER B 20 -8.86 -18.30 16.35
C SER B 20 -8.22 -17.27 17.28
N LEU B 21 -7.20 -16.55 16.79
CA LEU B 21 -6.51 -15.56 17.60
C LEU B 21 -7.17 -14.19 17.46
N GLY B 22 -8.16 -14.09 16.56
CA GLY B 22 -8.89 -12.86 16.34
C GLY B 22 -8.39 -12.07 15.13
N ILE B 23 -7.53 -12.64 14.29
CA ILE B 23 -7.11 -11.97 13.08
C ILE B 23 -8.26 -12.06 12.07
N SER B 24 -8.54 -10.94 11.38
CA SER B 24 -9.62 -10.91 10.41
C SER B 24 -9.13 -11.46 9.06
N PRO B 25 -9.96 -12.23 8.32
CA PRO B 25 -9.58 -12.74 7.00
C PRO B 25 -9.33 -11.68 5.94
N GLN B 26 -9.76 -10.44 6.20
CA GLN B 26 -9.56 -9.30 5.31
C GLN B 26 -8.06 -9.06 5.08
N PHE B 27 -7.21 -9.43 6.06
CA PHE B 27 -5.80 -9.08 6.09
C PHE B 27 -4.94 -10.28 5.72
N LEU B 28 -5.57 -11.42 5.43
CA LEU B 28 -4.83 -12.61 5.05
C LEU B 28 -4.50 -12.58 3.56
N ASP B 29 -3.41 -11.89 3.21
CA ASP B 29 -2.96 -11.80 1.83
C ASP B 29 -1.45 -11.52 1.84
N PHE B 30 -0.82 -11.66 0.68
CA PHE B 30 0.62 -11.60 0.51
C PHE B 30 1.21 -10.29 1.05
N ARG B 31 0.51 -9.18 0.86
CA ARG B 31 1.02 -7.87 1.26
C ARG B 31 0.83 -7.62 2.76
N SER B 32 -0.24 -8.16 3.35
CA SER B 32 -0.65 -7.78 4.70
C SER B 32 -0.17 -8.75 5.80
N THR B 33 -0.05 -10.04 5.48
CA THR B 33 0.38 -11.04 6.43
C THR B 33 1.72 -11.59 5.95
N THR B 34 2.81 -11.31 6.70
CA THR B 34 4.14 -11.73 6.30
C THR B 34 4.65 -12.85 7.22
N PHE B 35 5.54 -13.66 6.67
CA PHE B 35 6.02 -14.90 7.26
C PHE B 35 7.46 -15.11 6.82
N GLU B 36 8.42 -14.58 7.57
CA GLU B 36 9.84 -14.68 7.23
C GLU B 36 10.48 -15.96 7.78
N SER B 37 9.86 -16.51 8.82
CA SER B 37 10.34 -17.74 9.42
C SER B 37 9.18 -18.37 10.19
N ASP B 38 9.41 -19.59 10.68
CA ASP B 38 8.45 -20.31 11.47
C ASP B 38 8.31 -19.70 12.89
N HIS B 39 9.09 -18.65 13.21
CA HIS B 39 9.04 -18.06 14.54
C HIS B 39 7.83 -17.12 14.70
N PHE B 40 7.45 -16.40 13.62
CA PHE B 40 6.51 -15.30 13.73
C PHE B 40 5.63 -15.19 12.47
N VAL B 41 4.39 -14.74 12.69
CA VAL B 41 3.52 -14.24 11.64
C VAL B 41 3.17 -12.80 11.99
N THR B 42 3.24 -11.88 11.01
CA THR B 42 2.98 -10.46 11.26
C THR B 42 1.82 -10.02 10.38
N VAL B 43 0.74 -9.56 11.01
CA VAL B 43 -0.46 -9.17 10.30
C VAL B 43 -0.69 -7.66 10.43
N ARG B 44 -0.73 -6.96 9.30
CA ARG B 44 -1.08 -5.56 9.27
C ARG B 44 -2.61 -5.46 9.18
N GLU B 45 -3.24 -4.88 10.19
CA GLU B 45 -4.69 -4.87 10.36
C GLU B 45 -5.22 -3.44 10.34
N THR B 46 -6.49 -3.30 9.94
CA THR B 46 -7.29 -2.13 10.26
C THR B 46 -8.44 -2.64 11.13
N LYS B 47 -8.55 -2.10 12.34
CA LYS B 47 -9.44 -2.65 13.35
C LYS B 47 -9.98 -1.48 14.16
N ASP B 48 -11.30 -1.27 14.14
CA ASP B 48 -11.95 -0.13 14.78
C ASP B 48 -11.44 1.17 14.15
N GLY B 49 -11.14 1.12 12.85
CA GLY B 49 -10.70 2.28 12.10
C GLY B 49 -9.30 2.74 12.47
N THR B 50 -8.49 1.84 13.04
CA THR B 50 -7.13 2.16 13.45
C THR B 50 -6.21 1.11 12.81
N ASN B 51 -5.07 1.56 12.25
CA ASN B 51 -4.11 0.64 11.65
C ASN B 51 -3.18 0.11 12.75
N SER B 52 -2.99 -1.20 12.79
CA SER B 52 -2.16 -1.84 13.79
C SER B 52 -1.40 -3.01 13.16
N VAL B 53 -0.41 -3.53 13.89
CA VAL B 53 0.28 -4.75 13.51
C VAL B 53 0.18 -5.76 14.65
N ALA B 54 -0.22 -6.99 14.30
CA ALA B 54 -0.30 -8.09 15.25
C ALA B 54 0.83 -9.07 14.95
N ILE B 55 1.75 -9.21 15.93
CA ILE B 55 2.86 -10.14 15.82
C ILE B 55 2.49 -11.41 16.60
N VAL B 56 2.42 -12.54 15.90
CA VAL B 56 2.03 -13.81 16.49
C VAL B 56 3.31 -14.62 16.69
N ASP B 57 3.64 -14.93 17.95
CA ASP B 57 4.92 -15.57 18.27
C ASP B 57 4.67 -17.06 18.35
N LEU B 58 4.94 -17.76 17.24
CA LEU B 58 4.64 -19.19 17.16
C LEU B 58 5.55 -19.99 18.10
N ALA B 59 6.68 -19.41 18.52
CA ALA B 59 7.63 -20.08 19.39
C ALA B 59 7.26 -19.90 20.86
N LYS B 60 6.26 -19.05 21.15
CA LYS B 60 5.84 -18.77 22.51
C LYS B 60 4.32 -18.91 22.64
N GLY B 61 3.78 -20.04 22.19
CA GLY B 61 2.39 -20.37 22.44
C GLY B 61 1.44 -19.46 21.66
N ASN B 62 1.91 -18.90 20.51
CA ASN B 62 1.11 -18.03 19.66
C ASN B 62 0.69 -16.75 20.39
N GLU B 63 1.48 -16.28 21.35
CA GLU B 63 1.23 -15.02 22.02
C GLU B 63 1.27 -13.89 20.99
N VAL B 64 0.28 -13.00 21.10
CA VAL B 64 0.09 -11.90 20.18
C VAL B 64 0.57 -10.60 20.83
N THR B 65 1.44 -9.86 20.12
CA THR B 65 1.79 -8.50 20.50
C THR B 65 1.20 -7.56 19.46
N ARG B 66 0.33 -6.62 19.88
CA ARG B 66 -0.26 -5.65 18.97
C ARG B 66 0.35 -4.27 19.20
N LYS B 67 0.60 -3.54 18.11
CA LYS B 67 1.17 -2.20 18.14
C LYS B 67 0.54 -1.34 17.04
N ASN B 68 0.17 -0.08 17.36
CA ASN B 68 -0.31 0.82 16.32
C ASN B 68 0.84 1.16 15.39
N MET B 69 0.56 1.28 14.08
CA MET B 69 1.62 1.63 13.15
C MET B 69 1.08 2.35 11.92
N GLY B 70 2.00 2.82 11.07
CA GLY B 70 1.62 3.28 9.73
C GLY B 70 2.58 2.84 8.63
N GLY B 71 2.20 1.88 7.77
CA GLY B 71 3.10 1.52 6.70
C GLY B 71 2.45 0.68 5.60
N ASP B 72 3.18 0.60 4.48
CA ASP B 72 2.97 -0.36 3.42
C ASP B 72 3.32 -1.79 3.83
N SER B 73 4.27 -2.00 4.78
CA SER B 73 4.73 -3.35 5.04
C SER B 73 5.35 -3.43 6.44
N ALA B 74 5.08 -4.56 7.13
CA ALA B 74 5.82 -4.92 8.34
C ALA B 74 6.28 -6.38 8.28
N ILE B 75 7.56 -6.62 8.60
CA ILE B 75 8.14 -7.95 8.66
C ILE B 75 8.96 -8.10 9.94
N MET B 76 8.98 -9.34 10.47
CA MET B 76 9.78 -9.68 11.64
C MET B 76 11.09 -10.32 11.18
N HIS B 77 12.11 -10.21 12.04
CA HIS B 77 13.36 -10.94 11.89
C HIS B 77 13.08 -12.44 12.00
N PRO B 78 13.90 -13.33 11.38
CA PRO B 78 13.73 -14.76 11.51
C PRO B 78 13.67 -15.32 12.95
N SER B 79 14.33 -14.68 13.92
CA SER B 79 14.43 -15.20 15.28
C SER B 79 14.20 -14.13 16.34
N GLN B 80 14.57 -12.88 16.08
CA GLN B 80 14.58 -11.83 17.09
C GLN B 80 13.31 -10.97 16.99
N MET B 81 13.01 -10.29 18.10
CA MET B 81 11.93 -9.34 18.22
C MET B 81 12.36 -8.01 17.62
N VAL B 82 12.66 -8.06 16.32
CA VAL B 82 13.14 -6.92 15.55
C VAL B 82 12.18 -6.80 14.38
N ILE B 83 11.50 -5.65 14.33
CA ILE B 83 10.47 -5.41 13.31
C ILE B 83 11.01 -4.37 12.35
N SER B 84 10.70 -4.57 11.07
CA SER B 84 11.07 -3.65 10.00
C SER B 84 9.77 -3.13 9.40
N VAL B 85 9.63 -1.80 9.36
CA VAL B 85 8.41 -1.16 8.87
C VAL B 85 8.78 -0.17 7.77
N ARG B 86 7.97 -0.12 6.71
CA ARG B 86 8.19 0.86 5.66
C ARG B 86 6.88 1.57 5.36
N ALA B 87 6.95 2.85 4.95
CA ALA B 87 5.78 3.63 4.60
C ALA B 87 6.03 4.47 3.34
N ASN B 88 4.98 4.57 2.50
CA ASN B 88 5.00 5.38 1.29
C ASN B 88 6.22 5.04 0.43
N GLY B 89 6.63 3.77 0.42
CA GLY B 89 7.76 3.30 -0.38
C GLY B 89 9.13 3.65 0.20
N THR B 90 9.34 4.87 0.75
CA THR B 90 10.68 5.41 0.90
C THR B 90 11.13 5.45 2.36
N ILE B 91 10.20 5.60 3.29
CA ILE B 91 10.56 5.70 4.70
C ILE B 91 10.71 4.29 5.27
N VAL B 92 11.87 4.02 5.88
CA VAL B 92 12.15 2.72 6.46
C VAL B 92 12.67 2.91 7.88
N GLN B 93 12.12 2.12 8.82
CA GLN B 93 12.60 2.08 10.18
C GLN B 93 12.60 0.63 10.67
N ILE B 94 13.63 0.29 11.45
CA ILE B 94 13.81 -1.03 12.01
C ILE B 94 14.05 -0.86 13.50
N PHE B 95 13.27 -1.58 14.32
CA PHE B 95 13.29 -1.41 15.76
C PHE B 95 13.47 -2.76 16.45
N ASN B 96 14.32 -2.77 17.47
CA ASN B 96 14.32 -3.84 18.44
C ASN B 96 13.21 -3.57 19.45
N LEU B 97 12.14 -4.39 19.44
CA LEU B 97 10.99 -4.17 20.30
C LEU B 97 11.27 -4.44 21.77
N GLU B 98 12.33 -5.23 22.06
CA GLU B 98 12.69 -5.55 23.44
C GLU B 98 13.44 -4.37 24.08
N THR B 99 14.52 -3.91 23.42
CA THR B 99 15.38 -2.87 23.95
C THR B 99 14.84 -1.50 23.55
N LYS B 100 13.81 -1.48 22.69
CA LYS B 100 13.18 -0.25 22.24
C LYS B 100 14.07 0.53 21.28
N SER B 101 15.19 -0.06 20.87
CA SER B 101 16.24 0.65 20.16
C SER B 101 15.94 0.71 18.65
N LYS B 102 16.27 1.85 18.04
CA LYS B 102 16.12 2.02 16.60
C LYS B 102 17.43 1.59 15.95
N LEU B 103 17.39 0.52 15.15
CA LEU B 103 18.58 -0.03 14.53
C LEU B 103 18.88 0.66 13.20
N LYS B 104 17.81 1.02 12.46
CA LYS B 104 17.93 1.70 11.20
C LYS B 104 16.77 2.67 11.04
N SER B 105 17.07 3.81 10.41
CA SER B 105 16.07 4.81 10.08
C SER B 105 16.61 5.63 8.91
N PHE B 106 15.95 5.53 7.76
CA PHE B 106 16.41 6.25 6.57
C PHE B 106 15.26 6.41 5.59
N THR B 107 15.49 7.28 4.61
CA THR B 107 14.60 7.50 3.49
C THR B 107 15.33 7.14 2.20
N LEU B 108 14.64 6.43 1.32
CA LEU B 108 15.21 5.99 0.06
C LEU B 108 14.79 6.93 -1.06
N ASP B 109 15.63 6.96 -2.10
CA ASP B 109 15.40 7.76 -3.31
C ASP B 109 14.30 7.12 -4.15
N GLU B 110 14.33 5.78 -4.26
CA GLU B 110 13.37 5.00 -5.01
C GLU B 110 12.48 4.21 -4.04
N PRO B 111 11.17 4.08 -4.31
CA PRO B 111 10.28 3.31 -3.46
C PRO B 111 10.67 1.83 -3.36
N VAL B 112 10.64 1.26 -2.15
CA VAL B 112 10.82 -0.18 -1.99
C VAL B 112 9.48 -0.83 -2.34
N ILE B 113 9.54 -1.86 -3.21
CA ILE B 113 8.35 -2.57 -3.62
C ILE B 113 8.41 -4.01 -3.11
N PHE B 114 9.55 -4.49 -2.59
CA PHE B 114 9.62 -5.80 -1.98
C PHE B 114 10.84 -5.86 -1.05
N TRP B 115 10.69 -6.59 0.06
CA TRP B 115 11.83 -6.85 0.91
C TRP B 115 11.66 -8.18 1.62
N ARG B 116 12.80 -8.72 2.09
CA ARG B 116 12.82 -9.87 2.96
C ARG B 116 14.22 -10.08 3.53
N TRP B 117 14.27 -10.80 4.65
CA TRP B 117 15.55 -11.15 5.26
C TRP B 117 16.22 -12.20 4.39
N LEU B 118 17.41 -11.88 3.86
CA LEU B 118 18.19 -12.80 3.06
C LEU B 118 18.92 -13.83 3.94
N SER B 119 19.27 -13.38 5.15
CA SER B 119 19.94 -14.14 6.20
C SER B 119 19.53 -13.49 7.52
N GLU B 120 20.06 -13.96 8.65
CA GLU B 120 19.74 -13.34 9.91
C GLU B 120 20.42 -11.99 10.07
N THR B 121 21.41 -11.66 9.21
CA THR B 121 22.14 -10.42 9.37
C THR B 121 21.81 -9.40 8.28
N THR B 122 21.21 -9.87 7.17
CA THR B 122 21.11 -9.06 5.97
C THR B 122 19.65 -9.00 5.49
N LEU B 123 19.17 -7.76 5.33
CA LEU B 123 17.86 -7.47 4.76
C LEU B 123 17.98 -7.10 3.28
N GLY B 124 17.15 -7.71 2.43
CA GLY B 124 17.17 -7.48 1.00
C GLY B 124 16.02 -6.55 0.60
N PHE B 125 16.30 -5.62 -0.32
CA PHE B 125 15.31 -4.70 -0.83
C PHE B 125 15.29 -4.75 -2.36
N VAL B 126 14.08 -4.64 -2.94
CA VAL B 126 13.94 -4.44 -4.38
C VAL B 126 13.09 -3.18 -4.60
N THR B 127 13.59 -2.26 -5.43
CA THR B 127 12.86 -1.09 -5.88
C THR B 127 12.38 -1.32 -7.31
N ALA B 128 11.76 -0.32 -7.93
CA ALA B 128 11.39 -0.38 -9.34
C ALA B 128 12.62 -0.61 -10.22
N ARG B 129 13.80 -0.12 -9.81
CA ARG B 129 14.98 -0.14 -10.68
C ARG B 129 16.16 -0.93 -10.10
N SER B 130 16.19 -1.15 -8.79
CA SER B 130 17.41 -1.55 -8.09
C SER B 130 17.18 -2.71 -7.14
N ILE B 131 18.27 -3.42 -6.83
CA ILE B 131 18.31 -4.47 -5.84
C ILE B 131 19.39 -4.09 -4.83
N LEU B 132 19.02 -4.08 -3.54
CA LEU B 132 19.91 -3.59 -2.48
C LEU B 132 19.90 -4.53 -1.29
N THR B 133 20.92 -4.38 -0.43
CA THR B 133 21.00 -5.14 0.82
C THR B 133 21.44 -4.20 1.93
N SER B 134 21.00 -4.50 3.16
CA SER B 134 21.41 -3.78 4.35
C SER B 134 21.96 -4.75 5.40
N ASN B 135 23.15 -4.44 5.92
CA ASN B 135 23.68 -5.07 7.11
C ASN B 135 23.03 -4.38 8.31
N VAL B 136 21.90 -4.92 8.76
CA VAL B 136 21.02 -4.21 9.68
C VAL B 136 21.69 -3.99 11.03
N PHE B 137 22.58 -4.92 11.42
CA PHE B 137 23.17 -4.89 12.75
C PHE B 137 24.60 -4.33 12.72
N ASP B 138 24.88 -3.38 11.82
CA ASP B 138 26.20 -2.80 11.70
C ASP B 138 26.38 -1.59 12.64
N GLY B 139 25.28 -1.12 13.25
CA GLY B 139 25.35 -0.02 14.23
C GLY B 139 25.25 1.37 13.60
N ASN B 140 25.10 1.47 12.28
CA ASN B 140 25.00 2.76 11.62
C ASN B 140 23.52 2.99 11.29
N VAL B 141 22.84 3.72 12.18
CA VAL B 141 21.39 3.84 12.12
C VAL B 141 20.94 4.51 10.81
N ASN B 142 21.73 5.45 10.31
CA ASN B 142 21.29 6.25 9.18
C ASN B 142 21.85 5.74 7.86
N ALA B 143 22.66 4.68 7.89
CA ALA B 143 23.31 4.17 6.68
C ALA B 143 22.27 3.47 5.79
N LYS B 144 22.19 3.91 4.54
CA LYS B 144 21.21 3.40 3.60
C LYS B 144 21.68 2.05 3.08
N PRO B 145 20.76 1.24 2.50
CA PRO B 145 21.16 0.00 1.85
C PRO B 145 22.15 0.22 0.71
N GLN B 146 23.03 -0.76 0.54
CA GLN B 146 24.03 -0.74 -0.51
C GLN B 146 23.45 -1.40 -1.77
N LEU B 147 23.71 -0.76 -2.91
CA LEU B 147 23.29 -1.27 -4.21
C LEU B 147 24.01 -2.57 -4.50
N LEU B 148 23.27 -3.62 -4.85
CA LEU B 148 23.85 -4.88 -5.28
C LEU B 148 24.00 -4.85 -6.80
N THR B 149 22.89 -4.58 -7.51
CA THR B 149 22.88 -4.49 -8.95
C THR B 149 21.54 -3.86 -9.38
N LEU B 150 21.50 -3.43 -10.64
CA LEU B 150 20.27 -2.95 -11.25
C LEU B 150 19.39 -4.14 -11.65
N ARG B 151 18.07 -3.95 -11.60
CA ARG B 151 17.16 -4.97 -12.06
C ARG B 151 17.32 -5.21 -13.56
N HIS B 152 17.14 -6.46 -13.98
CA HIS B 152 17.11 -6.83 -15.39
C HIS B 152 15.73 -6.49 -15.95
N ALA B 153 15.67 -6.19 -17.25
CA ALA B 153 14.43 -5.83 -17.92
C ALA B 153 13.42 -6.99 -17.94
N ASN B 154 13.86 -8.24 -17.74
CA ASN B 154 12.94 -9.38 -17.74
C ASN B 154 11.99 -9.31 -16.55
N LEU B 155 12.33 -8.52 -15.53
CA LEU B 155 11.47 -8.33 -14.36
C LEU B 155 10.53 -7.13 -14.53
N ASN B 156 10.59 -6.46 -15.69
CA ASN B 156 9.70 -5.34 -15.95
C ASN B 156 8.23 -5.80 -15.88
N ASN B 157 7.42 -4.97 -15.21
CA ASN B 157 5.98 -5.15 -15.15
C ASN B 157 5.59 -6.40 -14.38
N THR B 158 6.50 -6.93 -13.54
CA THR B 158 6.21 -8.08 -12.71
C THR B 158 5.85 -7.59 -11.32
N GLN B 159 5.15 -8.45 -10.58
CA GLN B 159 5.05 -8.31 -9.14
C GLN B 159 6.23 -9.08 -8.55
N ILE B 160 7.09 -8.40 -7.81
CA ILE B 160 8.24 -9.04 -7.20
C ILE B 160 7.72 -9.83 -6.00
N ILE B 161 8.02 -11.13 -5.94
CA ILE B 161 7.46 -11.99 -4.91
C ILE B 161 8.55 -12.72 -4.10
N ASN B 162 9.81 -12.65 -4.51
CA ASN B 162 10.87 -13.27 -3.72
C ASN B 162 12.23 -12.67 -4.06
N PHE B 163 13.14 -12.73 -3.07
CA PHE B 163 14.52 -12.33 -3.22
C PHE B 163 15.32 -13.23 -2.26
N VAL B 164 16.17 -14.09 -2.83
CA VAL B 164 16.87 -15.12 -2.07
C VAL B 164 18.35 -14.99 -2.36
N ALA B 165 19.16 -15.54 -1.45
CA ALA B 165 20.59 -15.58 -1.60
C ALA B 165 21.15 -16.91 -1.08
N ASN B 166 22.40 -17.19 -1.43
CA ASN B 166 23.13 -18.31 -0.87
C ASN B 166 23.70 -17.87 0.48
N LYS B 167 24.19 -18.83 1.26
CA LYS B 167 24.74 -18.55 2.59
C LYS B 167 25.96 -17.63 2.48
N ASN B 168 26.73 -17.73 1.40
CA ASN B 168 27.89 -16.87 1.23
C ASN B 168 27.53 -15.43 0.85
N LEU B 169 26.26 -15.16 0.54
CA LEU B 169 25.80 -13.85 0.11
C LEU B 169 26.60 -13.36 -1.10
N ASP B 170 26.83 -14.23 -2.08
CA ASP B 170 27.47 -13.78 -3.32
C ASP B 170 26.73 -14.31 -4.54
N TRP B 171 25.65 -15.06 -4.33
CA TRP B 171 24.71 -15.40 -5.37
C TRP B 171 23.29 -15.05 -4.90
N PHE B 172 22.49 -14.51 -5.84
CA PHE B 172 21.19 -13.94 -5.52
C PHE B 172 20.21 -14.26 -6.65
N ALA B 173 18.92 -14.34 -6.28
CA ALA B 173 17.85 -14.45 -7.26
C ALA B 173 16.66 -13.65 -6.82
N VAL B 174 16.10 -12.89 -7.77
CA VAL B 174 14.89 -12.12 -7.59
C VAL B 174 13.82 -12.71 -8.51
N VAL B 175 12.62 -12.91 -7.96
CA VAL B 175 11.53 -13.57 -8.66
C VAL B 175 10.39 -12.58 -8.81
N GLY B 176 9.86 -12.51 -10.03
CA GLY B 176 8.67 -11.72 -10.32
C GLY B 176 7.67 -12.55 -11.13
N ILE B 177 6.38 -12.22 -11.02
CA ILE B 177 5.33 -12.90 -11.77
C ILE B 177 4.53 -11.84 -12.51
N LEU B 178 3.97 -12.26 -13.65
CA LEU B 178 3.12 -11.41 -14.46
C LEU B 178 2.13 -12.28 -15.24
N GLN B 179 1.09 -11.65 -15.78
CA GLN B 179 0.10 -12.37 -16.56
C GLN B 179 0.61 -12.52 -17.99
N GLU B 180 0.47 -13.73 -18.54
CA GLU B 180 0.89 -14.02 -19.89
C GLU B 180 0.06 -15.18 -20.42
N ASN B 181 -0.59 -14.96 -21.55
CA ASN B 181 -1.33 -16.00 -22.26
C ASN B 181 -2.47 -16.53 -21.38
N GLY B 182 -3.09 -15.63 -20.60
CA GLY B 182 -4.16 -15.99 -19.68
C GLY B 182 -3.67 -16.74 -18.45
N ARG B 183 -2.35 -16.82 -18.22
CA ARG B 183 -1.80 -17.60 -17.12
C ARG B 183 -0.84 -16.71 -16.33
N ILE B 184 -0.29 -17.22 -15.22
CA ILE B 184 0.75 -16.51 -14.50
C ILE B 184 2.11 -17.09 -14.90
N ALA B 185 2.96 -16.24 -15.47
CA ALA B 185 4.34 -16.59 -15.80
C ALA B 185 5.26 -16.09 -14.70
N GLY B 186 6.39 -16.77 -14.54
CA GLY B 186 7.40 -16.37 -13.57
C GLY B 186 8.70 -16.00 -14.27
N ARG B 187 9.37 -14.96 -13.77
CA ARG B 187 10.65 -14.50 -14.29
C ARG B 187 11.63 -14.42 -13.13
N ILE B 188 12.88 -14.79 -13.38
CA ILE B 188 13.93 -14.76 -12.37
C ILE B 188 15.16 -14.03 -12.92
N GLN B 189 15.69 -13.10 -12.10
CA GLN B 189 17.01 -12.54 -12.33
C GLN B 189 17.99 -13.22 -11.37
N LEU B 190 18.96 -13.94 -11.94
CA LEU B 190 20.02 -14.58 -11.17
C LEU B 190 21.26 -13.70 -11.26
N PHE B 191 21.89 -13.44 -10.12
CA PHE B 191 23.03 -12.53 -10.10
C PHE B 191 24.19 -13.15 -9.33
N SER B 192 25.36 -13.20 -9.99
CA SER B 192 26.62 -13.53 -9.35
C SER B 192 27.36 -12.25 -9.01
N LYS B 193 27.54 -12.02 -7.70
CA LYS B 193 28.21 -10.82 -7.23
C LYS B 193 29.67 -10.85 -7.63
N GLN B 194 30.31 -12.01 -7.54
CA GLN B 194 31.73 -12.12 -7.81
C GLN B 194 31.99 -11.79 -9.29
N ARG B 195 31.11 -12.23 -10.19
CA ARG B 195 31.28 -12.01 -11.61
C ARG B 195 30.63 -10.70 -12.08
N ASN B 196 29.74 -10.15 -11.26
CA ASN B 196 28.97 -8.94 -11.59
C ASN B 196 28.16 -9.15 -12.87
N ILE B 197 27.52 -10.33 -12.98
CA ILE B 197 26.72 -10.70 -14.14
C ILE B 197 25.36 -11.20 -13.64
N SER B 198 24.30 -10.80 -14.38
CA SER B 198 22.96 -11.30 -14.18
C SER B 198 22.60 -12.20 -15.36
N GLN B 199 21.70 -13.15 -15.12
CA GLN B 199 21.07 -13.93 -16.18
C GLN B 199 19.56 -13.98 -15.95
N ALA B 200 18.80 -13.82 -17.03
CA ALA B 200 17.35 -13.87 -16.99
C ALA B 200 16.92 -15.29 -17.31
N ILE B 201 16.13 -15.90 -16.40
CA ILE B 201 15.59 -17.23 -16.63
C ILE B 201 14.09 -17.22 -16.32
N ASP B 202 13.38 -18.24 -16.78
CA ASP B 202 11.98 -18.42 -16.46
C ASP B 202 11.85 -19.22 -15.16
N GLY B 203 11.02 -18.75 -14.23
CA GLY B 203 10.70 -19.52 -13.04
C GLY B 203 9.79 -18.78 -12.07
N HIS B 204 9.00 -19.54 -11.29
CA HIS B 204 8.10 -19.01 -10.29
C HIS B 204 8.68 -19.07 -8.88
N VAL B 205 9.62 -20.01 -8.64
CA VAL B 205 10.20 -20.23 -7.33
C VAL B 205 11.69 -20.49 -7.47
N ALA B 206 12.44 -20.14 -6.43
CA ALA B 206 13.88 -20.28 -6.41
C ALA B 206 14.41 -20.39 -4.97
N ILE B 207 15.51 -21.16 -4.84
CA ILE B 207 16.25 -21.24 -3.59
C ILE B 207 17.67 -21.74 -3.89
N PHE B 208 18.62 -21.30 -3.06
CA PHE B 208 19.98 -21.80 -3.05
C PHE B 208 20.13 -22.81 -1.93
N THR B 209 20.84 -23.91 -2.20
CA THR B 209 21.06 -24.91 -1.17
C THR B 209 22.42 -25.59 -1.39
N ASN B 210 22.68 -26.61 -0.59
CA ASN B 210 23.98 -27.25 -0.47
C ASN B 210 23.76 -28.76 -0.36
N ILE B 211 24.67 -29.55 -0.94
CA ILE B 211 24.53 -31.01 -0.94
C ILE B 211 25.91 -31.64 -0.82
N LEU B 212 26.01 -32.63 0.07
CA LEU B 212 27.23 -33.42 0.21
C LEU B 212 27.10 -34.66 -0.69
N LEU B 213 28.00 -34.80 -1.66
CA LEU B 213 27.97 -35.90 -2.61
C LEU B 213 29.00 -36.96 -2.26
N GLU B 214 28.62 -38.21 -2.52
CA GLU B 214 29.54 -39.34 -2.50
C GLU B 214 30.80 -39.00 -3.28
N GLY B 215 31.95 -39.23 -2.65
CA GLY B 215 33.24 -38.96 -3.27
C GLY B 215 33.87 -37.62 -2.88
N ASN B 216 33.09 -36.71 -2.27
CA ASN B 216 33.56 -35.37 -1.97
C ASN B 216 33.98 -35.19 -0.51
N GLY B 217 34.12 -36.30 0.23
CA GLY B 217 34.61 -36.22 1.61
C GLY B 217 33.63 -35.45 2.49
N SER B 218 34.04 -34.31 3.05
CA SER B 218 33.18 -33.49 3.89
C SER B 218 32.78 -32.19 3.19
N THR B 219 33.17 -32.04 1.91
CA THR B 219 32.99 -30.75 1.23
C THR B 219 31.66 -30.73 0.47
N PRO B 220 30.72 -29.84 0.83
CA PRO B 220 29.46 -29.72 0.08
C PRO B 220 29.63 -28.94 -1.21
N VAL B 221 28.71 -29.12 -2.15
CA VAL B 221 28.64 -28.32 -3.35
C VAL B 221 27.34 -27.50 -3.29
N GLN B 222 27.32 -26.35 -3.97
CA GLN B 222 26.15 -25.49 -4.01
C GLN B 222 25.30 -25.80 -5.26
N VAL B 223 23.98 -25.80 -5.07
CA VAL B 223 23.05 -25.91 -6.18
C VAL B 223 21.99 -24.82 -6.09
N PHE B 224 21.46 -24.44 -7.26
CA PHE B 224 20.29 -23.58 -7.38
C PHE B 224 19.10 -24.41 -7.81
N VAL B 225 17.99 -24.30 -7.07
CA VAL B 225 16.76 -25.03 -7.34
C VAL B 225 15.71 -24.04 -7.82
N THR B 226 15.03 -24.37 -8.92
CA THR B 226 14.02 -23.49 -9.46
C THR B 226 12.87 -24.32 -10.00
N GLY B 227 11.65 -23.80 -9.89
CA GLY B 227 10.47 -24.45 -10.41
C GLY B 227 9.72 -23.45 -11.31
N ASN B 228 9.19 -23.96 -12.43
CA ASN B 228 8.56 -23.15 -13.44
C ASN B 228 7.33 -23.85 -13.99
N ARG B 229 6.31 -23.07 -14.34
CA ARG B 229 5.24 -23.54 -15.18
C ARG B 229 5.15 -22.63 -16.40
N ASN B 230 5.39 -23.23 -17.56
CA ASN B 230 5.36 -22.54 -18.83
C ASN B 230 3.94 -22.03 -19.10
N ALA B 231 3.83 -20.71 -19.33
CA ALA B 231 2.52 -20.07 -19.51
C ALA B 231 1.86 -20.39 -20.85
N THR B 232 2.65 -20.87 -21.83
CA THR B 232 2.13 -21.23 -23.15
C THR B 232 1.67 -22.69 -23.15
N THR B 233 2.50 -23.59 -22.64
CA THR B 233 2.28 -25.03 -22.80
C THR B 233 1.62 -25.60 -21.56
N GLY B 234 1.78 -24.93 -20.41
CA GLY B 234 1.26 -25.44 -19.16
C GLY B 234 2.19 -26.44 -18.51
N ALA B 235 3.33 -26.74 -19.16
CA ALA B 235 4.27 -27.73 -18.65
C ALA B 235 5.01 -27.21 -17.42
N GLY B 236 5.05 -28.04 -16.36
CA GLY B 236 5.80 -27.71 -15.16
C GLY B 236 7.16 -28.40 -15.15
N GLU B 237 8.19 -27.68 -14.66
CA GLU B 237 9.54 -28.22 -14.65
C GLU B 237 10.30 -27.72 -13.42
N LEU B 238 10.90 -28.66 -12.68
CA LEU B 238 11.88 -28.37 -11.65
C LEU B 238 13.28 -28.56 -12.23
N ARG B 239 14.18 -27.63 -11.94
CA ARG B 239 15.56 -27.72 -12.37
C ARG B 239 16.50 -27.53 -11.18
N ILE B 240 17.57 -28.32 -11.17
CA ILE B 240 18.57 -28.24 -10.13
C ILE B 240 19.93 -28.16 -10.82
N ILE B 241 20.68 -27.09 -10.56
CA ILE B 241 21.91 -26.84 -11.26
C ILE B 241 23.01 -26.41 -10.29
N GLU B 242 24.23 -26.93 -10.50
CA GLU B 242 25.37 -26.53 -9.70
C GLU B 242 25.75 -25.08 -9.97
N ILE B 243 26.21 -24.39 -8.92
CA ILE B 243 26.87 -23.11 -9.08
C ILE B 243 28.26 -23.19 -8.45
N ASP B 244 29.18 -22.42 -9.03
CA ASP B 244 30.56 -22.32 -8.56
C ASP B 244 31.18 -23.72 -8.46
N HIS B 245 31.16 -24.43 -9.60
CA HIS B 245 31.80 -25.73 -9.76
C HIS B 245 33.26 -25.65 -9.30
N ASP B 246 33.62 -26.60 -8.44
CA ASP B 246 35.00 -26.75 -7.97
C ASP B 246 35.62 -27.99 -8.63
N ALA B 247 36.51 -27.75 -9.62
CA ALA B 247 37.10 -28.84 -10.39
C ALA B 247 38.14 -29.60 -9.55
N SER B 248 38.50 -29.08 -8.37
CA SER B 248 39.36 -29.79 -7.43
C SER B 248 38.60 -30.91 -6.70
N LEU B 249 37.27 -30.90 -6.72
CA LEU B 249 36.47 -31.93 -6.06
C LEU B 249 36.24 -33.10 -7.00
N PRO B 250 36.30 -34.37 -6.54
CA PRO B 250 36.04 -35.53 -7.38
C PRO B 250 34.65 -35.63 -8.01
N SER B 251 33.61 -35.19 -7.30
CA SER B 251 32.24 -35.36 -7.75
C SER B 251 31.62 -34.01 -8.06
N GLN B 252 31.00 -33.90 -9.24
CA GLN B 252 30.25 -32.70 -9.59
C GLN B 252 28.77 -33.04 -9.56
N TYR B 253 27.95 -32.02 -9.40
CA TYR B 253 26.51 -32.16 -9.44
C TYR B 253 26.04 -31.98 -10.89
N GLN B 254 25.62 -33.07 -11.52
CA GLN B 254 25.02 -33.06 -12.85
C GLN B 254 23.63 -32.44 -12.79
N LYS B 255 23.35 -31.55 -13.74
CA LYS B 255 22.07 -30.87 -13.81
C LYS B 255 20.92 -31.88 -13.82
N GLU B 256 19.86 -31.62 -13.06
CA GLU B 256 18.69 -32.48 -13.04
C GLU B 256 17.48 -31.66 -13.47
N THR B 257 16.56 -32.30 -14.19
CA THR B 257 15.29 -31.72 -14.60
C THR B 257 14.19 -32.73 -14.29
N THR B 258 13.08 -32.30 -13.70
CA THR B 258 11.97 -33.20 -13.37
C THR B 258 10.66 -32.48 -13.71
N ASP B 259 9.67 -33.24 -14.17
CA ASP B 259 8.33 -32.71 -14.40
C ASP B 259 7.69 -32.31 -13.06
N ILE B 260 6.93 -31.22 -13.08
CA ILE B 260 6.06 -30.85 -11.97
C ILE B 260 4.64 -31.14 -12.42
N PHE B 261 3.96 -32.06 -11.70
CA PHE B 261 2.62 -32.49 -12.06
C PHE B 261 1.60 -31.38 -11.75
N PHE B 262 0.70 -31.12 -12.70
CA PHE B 262 -0.46 -30.27 -12.50
C PHE B 262 -1.65 -31.05 -13.03
N PRO B 263 -2.73 -31.29 -12.25
CA PRO B 263 -3.88 -31.99 -12.79
C PRO B 263 -4.59 -31.18 -13.87
N PRO B 264 -5.42 -31.81 -14.72
CA PRO B 264 -6.10 -31.12 -15.83
C PRO B 264 -6.94 -29.90 -15.41
N ASP B 265 -7.48 -29.96 -14.22
CA ASP B 265 -8.44 -28.99 -13.72
C ASP B 265 -7.75 -27.93 -12.88
N ALA B 266 -6.41 -27.87 -12.91
CA ALA B 266 -5.63 -26.87 -12.19
C ALA B 266 -4.91 -25.94 -13.17
N THR B 267 -5.66 -25.47 -14.17
CA THR B 267 -5.09 -24.70 -15.28
C THR B 267 -4.36 -23.45 -14.81
N ASN B 268 -4.83 -22.80 -13.74
CA ASN B 268 -4.28 -21.51 -13.31
C ASN B 268 -3.39 -21.66 -12.07
N ASP B 269 -3.06 -22.90 -11.70
CA ASP B 269 -2.15 -23.12 -10.58
C ASP B 269 -0.70 -22.93 -11.03
N PHE B 270 0.19 -22.62 -10.08
CA PHE B 270 1.61 -22.49 -10.37
C PHE B 270 2.39 -22.66 -9.07
N PRO B 271 3.73 -22.91 -9.12
CA PRO B 271 4.52 -22.99 -7.90
C PRO B 271 4.58 -21.64 -7.16
N ILE B 272 4.38 -21.66 -5.84
CA ILE B 272 4.35 -20.43 -5.05
C ILE B 272 5.48 -20.45 -4.02
N ALA B 273 6.02 -21.61 -3.65
CA ALA B 273 7.16 -21.64 -2.74
C ALA B 273 8.01 -22.89 -2.91
N VAL B 274 9.29 -22.77 -2.53
CA VAL B 274 10.20 -23.89 -2.52
C VAL B 274 11.11 -23.76 -1.28
N GLN B 275 11.23 -24.85 -0.54
CA GLN B 275 12.15 -24.91 0.61
C GLN B 275 12.92 -26.22 0.50
N VAL B 276 14.09 -26.30 1.15
CA VAL B 276 14.92 -27.50 1.08
C VAL B 276 15.47 -27.87 2.46
N SER B 277 15.34 -29.15 2.80
CA SER B 277 16.08 -29.75 3.90
C SER B 277 17.45 -30.15 3.40
N GLU B 278 18.47 -29.46 3.90
CA GLU B 278 19.85 -29.80 3.56
C GLU B 278 20.20 -31.14 4.16
N LYS B 279 19.81 -31.39 5.42
CA LYS B 279 20.17 -32.60 6.11
C LYS B 279 19.67 -33.83 5.34
N TYR B 280 18.42 -33.80 4.86
CA TYR B 280 17.80 -34.99 4.29
C TYR B 280 17.89 -35.00 2.77
N GLY B 281 18.26 -33.86 2.17
CA GLY B 281 18.29 -33.70 0.73
C GLY B 281 16.88 -33.85 0.15
N ILE B 282 15.94 -33.05 0.64
CA ILE B 282 14.55 -33.08 0.20
C ILE B 282 14.14 -31.67 -0.16
N ILE B 283 13.53 -31.55 -1.35
CA ILE B 283 12.94 -30.32 -1.84
C ILE B 283 11.42 -30.40 -1.60
N TYR B 284 10.88 -29.34 -0.99
CA TYR B 284 9.44 -29.16 -0.82
C TYR B 284 8.99 -28.01 -1.72
N LEU B 285 8.11 -28.32 -2.67
CA LEU B 285 7.55 -27.34 -3.59
C LEU B 285 6.06 -27.26 -3.35
N LEU B 286 5.58 -26.04 -3.11
CA LEU B 286 4.16 -25.79 -2.82
C LEU B 286 3.57 -25.01 -3.97
N THR B 287 2.36 -25.38 -4.40
CA THR B 287 1.64 -24.62 -5.41
C THR B 287 0.63 -23.70 -4.74
N LYS B 288 0.20 -22.68 -5.51
CA LYS B 288 -0.81 -21.73 -5.03
C LYS B 288 -2.08 -22.45 -4.59
N TYR B 289 -2.51 -23.48 -5.32
CA TYR B 289 -3.76 -24.16 -5.02
C TYR B 289 -3.64 -25.15 -3.87
N GLY B 290 -2.44 -25.34 -3.33
CA GLY B 290 -2.28 -26.10 -2.09
C GLY B 290 -1.71 -27.50 -2.25
N PHE B 291 -1.07 -27.79 -3.41
CA PHE B 291 -0.40 -29.07 -3.59
C PHE B 291 1.03 -28.97 -3.09
N ILE B 292 1.46 -29.99 -2.31
CA ILE B 292 2.86 -30.15 -1.94
C ILE B 292 3.48 -31.23 -2.83
N HIS B 293 4.70 -30.95 -3.29
CA HIS B 293 5.48 -31.86 -4.12
C HIS B 293 6.84 -32.05 -3.44
N LEU B 294 7.21 -33.30 -3.19
CA LEU B 294 8.53 -33.61 -2.63
C LEU B 294 9.42 -34.14 -3.75
N TYR B 295 10.67 -33.69 -3.77
CA TYR B 295 11.68 -34.19 -4.68
C TYR B 295 12.97 -34.48 -3.90
N GLU B 296 13.68 -35.52 -4.31
CA GLU B 296 14.97 -35.81 -3.73
C GLU B 296 15.99 -34.90 -4.40
N LEU B 297 16.90 -34.31 -3.59
CA LEU B 297 17.78 -33.23 -4.05
C LEU B 297 18.87 -33.74 -4.99
N GLU B 298 19.43 -34.92 -4.72
CA GLU B 298 20.57 -35.40 -5.50
C GLU B 298 20.14 -35.77 -6.94
N THR B 299 18.96 -36.38 -7.10
CA THR B 299 18.49 -36.94 -8.36
C THR B 299 17.39 -36.11 -9.02
N GLY B 300 16.76 -35.24 -8.24
CA GLY B 300 15.56 -34.51 -8.64
C GLY B 300 14.29 -35.35 -8.67
N THR B 301 14.35 -36.62 -8.24
CA THR B 301 13.22 -37.53 -8.40
C THR B 301 12.02 -37.05 -7.58
N ASN B 302 10.84 -37.06 -8.20
CA ASN B 302 9.60 -36.69 -7.54
C ASN B 302 9.14 -37.86 -6.67
N LEU B 303 9.07 -37.66 -5.36
CA LEU B 303 8.77 -38.74 -4.42
C LEU B 303 7.28 -38.87 -4.16
N PHE B 304 6.59 -37.73 -4.11
CA PHE B 304 5.26 -37.69 -3.55
C PHE B 304 4.60 -36.36 -3.91
N VAL B 305 3.29 -36.41 -4.18
CA VAL B 305 2.46 -35.24 -4.39
C VAL B 305 1.17 -35.45 -3.60
N ASN B 306 0.71 -34.41 -2.91
CA ASN B 306 -0.50 -34.52 -2.10
C ASN B 306 -1.10 -33.12 -1.98
N ARG B 307 -2.38 -33.06 -1.63
CA ARG B 307 -3.02 -31.78 -1.44
C ARG B 307 -3.10 -31.48 0.06
N ILE B 308 -2.35 -30.47 0.51
CA ILE B 308 -2.34 -30.13 1.93
C ILE B 308 -3.41 -29.10 2.30
N THR B 309 -3.84 -28.26 1.34
CA THR B 309 -4.94 -27.33 1.57
C THR B 309 -5.71 -27.12 0.27
N ALA B 310 -7.01 -26.85 0.40
CA ALA B 310 -7.87 -26.54 -0.73
C ALA B 310 -7.99 -25.03 -0.88
N GLU B 311 -7.93 -24.28 0.24
CA GLU B 311 -7.84 -22.83 0.19
C GLU B 311 -6.44 -22.47 -0.30
N SER B 312 -6.33 -21.39 -1.08
CA SER B 312 -5.06 -21.00 -1.69
C SER B 312 -3.99 -20.62 -0.65
N VAL B 313 -2.74 -20.94 -0.99
CA VAL B 313 -1.58 -20.56 -0.20
C VAL B 313 -1.08 -19.22 -0.74
N PHE B 314 -0.67 -18.31 0.15
CA PHE B 314 -0.18 -17.00 -0.27
C PHE B 314 1.24 -16.74 0.24
N THR B 315 1.76 -17.53 1.21
CA THR B 315 3.12 -17.34 1.69
C THR B 315 3.62 -18.61 2.37
N ALA B 316 4.95 -18.70 2.50
CA ALA B 316 5.60 -19.88 3.05
C ALA B 316 6.95 -19.50 3.66
N ALA B 317 7.49 -20.42 4.46
CA ALA B 317 8.77 -20.23 5.10
C ALA B 317 9.38 -21.59 5.41
N PRO B 318 10.68 -21.66 5.76
CA PRO B 318 11.22 -22.90 6.28
C PRO B 318 10.56 -23.27 7.61
N TYR B 319 10.51 -24.58 7.90
CA TYR B 319 9.95 -25.06 9.16
C TYR B 319 10.93 -26.01 9.85
N ASN B 320 11.05 -25.90 11.18
CA ASN B 320 11.74 -26.87 12.04
C ASN B 320 13.23 -27.04 11.67
N HIS B 321 13.98 -25.98 11.99
CA HIS B 321 15.41 -25.93 11.74
C HIS B 321 15.64 -26.13 10.24
N GLU B 322 14.75 -25.58 9.41
CA GLU B 322 14.80 -25.67 7.96
C GLU B 322 14.78 -27.12 7.44
N ASN B 323 14.12 -28.03 8.16
CA ASN B 323 13.99 -29.41 7.68
C ASN B 323 12.66 -29.62 6.97
N GLY B 324 11.75 -28.64 7.03
CA GLY B 324 10.44 -28.75 6.41
C GLY B 324 9.99 -27.41 5.84
N ILE B 325 8.69 -27.34 5.54
CA ILE B 325 8.08 -26.16 4.98
C ILE B 325 6.83 -25.83 5.79
N ALA B 326 6.58 -24.53 6.01
CA ALA B 326 5.32 -24.07 6.59
C ALA B 326 4.71 -23.05 5.63
N CYS B 327 3.38 -22.93 5.66
CA CYS B 327 2.70 -22.00 4.78
C CYS B 327 1.42 -21.50 5.43
N ILE B 328 0.83 -20.45 4.85
CA ILE B 328 -0.40 -19.87 5.33
C ILE B 328 -1.40 -19.86 4.18
N ASN B 329 -2.65 -20.29 4.45
CA ASN B 329 -3.71 -20.30 3.45
C ASN B 329 -4.65 -19.12 3.70
N LYS B 330 -5.61 -18.93 2.78
CA LYS B 330 -6.52 -17.79 2.81
C LYS B 330 -7.47 -17.85 3.99
N LYS B 331 -7.64 -19.01 4.64
CA LYS B 331 -8.49 -19.11 5.82
C LYS B 331 -7.68 -18.87 7.11
N GLY B 332 -6.37 -18.64 7.01
CA GLY B 332 -5.57 -18.25 8.15
C GLY B 332 -4.94 -19.46 8.88
N GLN B 333 -5.02 -20.64 8.26
CA GLN B 333 -4.35 -21.82 8.80
C GLN B 333 -2.88 -21.77 8.44
N VAL B 334 -2.02 -21.93 9.46
CA VAL B 334 -0.60 -22.08 9.27
C VAL B 334 -0.28 -23.57 9.35
N LEU B 335 0.17 -24.12 8.22
CA LEU B 335 0.31 -25.55 8.01
C LEU B 335 1.78 -25.86 7.84
N ALA B 336 2.20 -27.02 8.33
CA ALA B 336 3.59 -27.45 8.21
C ALA B 336 3.64 -28.87 7.64
N VAL B 337 4.68 -29.11 6.81
CA VAL B 337 5.00 -30.42 6.29
C VAL B 337 6.50 -30.67 6.45
N GLU B 338 6.84 -31.85 7.00
CA GLU B 338 8.21 -32.34 7.04
C GLU B 338 8.18 -33.83 6.67
N ILE B 339 9.32 -34.41 6.33
CA ILE B 339 9.34 -35.84 6.03
C ILE B 339 9.09 -36.62 7.31
N SER B 340 8.53 -37.82 7.16
CA SER B 340 8.52 -38.82 8.20
C SER B 340 9.85 -39.55 8.18
N THR B 341 10.66 -39.42 9.23
CA THR B 341 11.96 -40.08 9.23
C THR B 341 11.78 -41.59 9.28
N SER B 342 10.71 -42.10 9.89
CA SER B 342 10.49 -43.53 10.00
C SER B 342 9.92 -44.13 8.71
N GLN B 343 9.12 -43.38 7.93
CA GLN B 343 8.40 -43.97 6.82
C GLN B 343 8.93 -43.60 5.43
N ILE B 344 9.79 -42.59 5.32
CA ILE B 344 10.18 -42.14 3.98
C ILE B 344 10.90 -43.24 3.19
N VAL B 345 11.86 -43.94 3.80
CA VAL B 345 12.59 -44.98 3.08
C VAL B 345 11.70 -46.18 2.79
N PRO B 346 10.92 -46.74 3.73
CA PRO B 346 9.94 -47.77 3.39
C PRO B 346 8.99 -47.37 2.26
N TYR B 347 8.56 -46.11 2.27
CA TYR B 347 7.72 -45.58 1.20
C TYR B 347 8.43 -45.68 -0.16
N ILE B 348 9.69 -45.23 -0.24
CA ILE B 348 10.44 -45.26 -1.49
C ILE B 348 10.61 -46.71 -1.95
N LEU B 349 10.88 -47.63 -1.02
CA LEU B 349 11.11 -49.03 -1.35
C LEU B 349 9.82 -49.71 -1.78
N ASN B 350 8.72 -49.46 -1.06
CA ASN B 350 7.51 -50.24 -1.23
C ASN B 350 6.53 -49.58 -2.20
N LYS B 351 6.42 -48.25 -2.18
CA LYS B 351 5.47 -47.57 -3.05
C LYS B 351 6.13 -47.24 -4.37
N LEU B 352 7.39 -46.80 -4.35
CA LEU B 352 8.06 -46.42 -5.61
C LEU B 352 8.85 -47.60 -6.20
N SER B 353 9.15 -48.63 -5.39
CA SER B 353 10.00 -49.74 -5.79
C SER B 353 11.36 -49.25 -6.29
N ASN B 354 11.93 -48.24 -5.65
CA ASN B 354 13.13 -47.58 -6.13
C ASN B 354 14.25 -47.79 -5.10
N VAL B 355 14.96 -48.90 -5.27
CA VAL B 355 16.02 -49.31 -4.37
C VAL B 355 17.14 -48.28 -4.39
N ALA B 356 17.52 -47.81 -5.58
CA ALA B 356 18.60 -46.83 -5.69
C ALA B 356 18.30 -45.56 -4.90
N LEU B 357 17.09 -45.04 -5.06
CA LEU B 357 16.68 -43.82 -4.38
C LEU B 357 16.59 -44.05 -2.88
N ALA B 358 16.09 -45.21 -2.45
CA ALA B 358 16.03 -45.57 -1.03
C ALA B 358 17.44 -45.52 -0.41
N LEU B 359 18.42 -46.07 -1.12
CA LEU B 359 19.80 -46.09 -0.65
C LEU B 359 20.34 -44.64 -0.51
N ILE B 360 20.03 -43.79 -1.49
CA ILE B 360 20.50 -42.43 -1.49
C ILE B 360 19.94 -41.68 -0.28
N VAL B 361 18.62 -41.77 -0.10
CA VAL B 361 17.95 -41.05 0.98
C VAL B 361 18.38 -41.61 2.34
N ALA B 362 18.39 -42.95 2.48
CA ALA B 362 18.77 -43.57 3.74
C ALA B 362 20.20 -43.16 4.14
N THR B 363 21.13 -43.16 3.17
CA THR B 363 22.53 -42.92 3.44
C THR B 363 22.75 -41.45 3.81
N ARG B 364 22.13 -40.53 3.08
CA ARG B 364 22.31 -39.12 3.35
C ARG B 364 21.78 -38.79 4.75
N GLY B 365 20.61 -39.30 5.08
CA GLY B 365 19.88 -38.83 6.26
C GLY B 365 20.14 -39.68 7.49
N GLY B 366 20.87 -40.80 7.34
CA GLY B 366 20.97 -41.80 8.39
C GLY B 366 19.59 -42.35 8.80
N LEU B 367 18.74 -42.61 7.80
CA LEU B 367 17.36 -42.98 8.07
C LEU B 367 17.19 -44.48 8.06
N PRO B 368 16.19 -45.03 8.80
CA PRO B 368 15.94 -46.46 8.83
C PRO B 368 15.21 -46.96 7.58
N GLY B 369 15.29 -48.28 7.31
CA GLY B 369 14.45 -48.94 6.32
C GLY B 369 15.22 -49.57 5.15
N ALA B 370 16.55 -49.38 5.09
CA ALA B 370 17.35 -49.87 3.97
C ALA B 370 18.51 -50.72 4.46
N ASP B 371 18.36 -51.30 5.66
CA ASP B 371 19.38 -52.16 6.24
C ASP B 371 19.32 -53.55 5.61
N ASP B 372 18.16 -53.97 5.09
CA ASP B 372 18.01 -55.32 4.56
C ASP B 372 18.30 -55.41 3.06
N LEU B 373 18.59 -54.24 2.50
CA LEU B 373 19.27 -54.04 1.23
C LEU B 373 20.39 -53.02 1.53
N MET C 3 9.43 35.70 -26.03
CA MET C 3 8.04 36.22 -26.11
C MET C 3 7.72 36.94 -24.80
N ALA C 4 7.11 38.13 -24.89
CA ALA C 4 6.76 38.89 -23.70
C ALA C 4 5.65 38.18 -22.93
N MET C 5 5.68 38.33 -21.60
CA MET C 5 4.68 37.70 -20.75
C MET C 5 3.27 38.18 -21.10
N SER C 6 3.11 39.45 -21.48
CA SER C 6 1.81 40.00 -21.85
C SER C 6 1.22 39.35 -23.09
N ASP C 7 2.03 38.64 -23.90
CA ASP C 7 1.54 38.01 -25.11
C ASP C 7 1.27 36.52 -24.91
N LEU C 8 1.57 35.95 -23.75
CA LEU C 8 1.29 34.54 -23.49
C LEU C 8 -0.20 34.28 -23.66
N PRO C 9 -0.58 33.15 -24.31
CA PRO C 9 -1.98 32.81 -24.48
C PRO C 9 -2.58 32.12 -23.27
N ILE C 10 -1.79 31.93 -22.20
CA ILE C 10 -2.25 31.27 -20.98
C ILE C 10 -1.99 32.19 -19.79
N GLU C 11 -2.73 31.94 -18.71
CA GLU C 11 -2.45 32.51 -17.39
C GLU C 11 -2.02 31.37 -16.48
N PHE C 12 -0.90 31.58 -15.81
CA PHE C 12 -0.34 30.64 -14.84
C PHE C 12 -0.56 31.18 -13.43
N THR C 13 -0.91 30.29 -12.51
CA THR C 13 -1.07 30.61 -11.09
C THR C 13 -0.55 29.46 -10.23
N GLU C 14 0.26 29.78 -9.20
CA GLU C 14 0.48 28.84 -8.10
C GLU C 14 -0.68 28.96 -7.14
N LEU C 15 -1.51 27.92 -7.04
CA LEU C 15 -2.65 27.91 -6.12
C LEU C 15 -2.19 27.80 -4.67
N VAL C 16 -1.25 26.90 -4.38
CA VAL C 16 -0.75 26.74 -3.03
C VAL C 16 0.59 26.00 -3.07
N ASP C 17 1.41 26.23 -2.06
CA ASP C 17 2.59 25.42 -1.81
C ASP C 17 2.29 24.50 -0.62
N LEU C 18 2.13 23.21 -0.86
CA LEU C 18 1.74 22.27 0.18
C LEU C 18 2.81 22.17 1.27
N MET C 19 4.08 22.30 0.89
CA MET C 19 5.16 22.22 1.87
C MET C 19 5.09 23.40 2.83
N SER C 20 4.49 24.51 2.43
CA SER C 20 4.29 25.66 3.31
C SER C 20 3.20 25.39 4.36
N LEU C 21 2.33 24.41 4.11
CA LEU C 21 1.24 24.08 5.02
C LEU C 21 1.72 23.05 6.05
N GLY C 22 2.93 22.52 5.86
CA GLY C 22 3.53 21.58 6.80
C GLY C 22 3.46 20.15 6.29
N ILE C 23 3.04 19.91 5.05
CA ILE C 23 3.01 18.56 4.51
C ILE C 23 4.44 18.18 4.15
N SER C 24 4.82 16.93 4.50
CA SER C 24 6.14 16.40 4.26
C SER C 24 6.25 15.92 2.81
N PRO C 25 7.42 16.09 2.15
CA PRO C 25 7.59 15.64 0.78
C PRO C 25 7.55 14.13 0.58
N GLN C 26 7.65 13.37 1.68
CA GLN C 26 7.60 11.91 1.63
C GLN C 26 6.22 11.42 1.21
N PHE C 27 5.19 12.27 1.38
CA PHE C 27 3.81 11.89 1.08
C PHE C 27 3.36 12.45 -0.26
N LEU C 28 4.22 13.22 -0.94
CA LEU C 28 3.87 13.82 -2.22
C LEU C 28 4.16 12.82 -3.34
N ASP C 29 3.21 11.91 -3.57
CA ASP C 29 3.32 10.88 -4.60
C ASP C 29 1.90 10.48 -5.01
N PHE C 30 1.80 9.77 -6.13
CA PHE C 30 0.53 9.45 -6.77
C PHE C 30 -0.41 8.69 -5.82
N ARG C 31 0.12 7.81 -4.97
CA ARG C 31 -0.69 6.99 -4.10
C ARG C 31 -1.14 7.76 -2.85
N SER C 32 -0.32 8.70 -2.35
CA SER C 32 -0.52 9.31 -1.05
C SER C 32 -1.21 10.68 -1.09
N THR C 33 -1.02 11.44 -2.18
CA THR C 33 -1.60 12.77 -2.31
C THR C 33 -2.54 12.73 -3.50
N THR C 34 -3.87 12.79 -3.25
CA THR C 34 -4.87 12.65 -4.31
C THR C 34 -5.55 13.99 -4.59
N PHE C 35 -6.03 14.13 -5.83
CA PHE C 35 -6.43 15.40 -6.42
C PHE C 35 -7.54 15.14 -7.43
N GLU C 36 -8.81 15.12 -6.98
CA GLU C 36 -9.95 14.78 -7.81
C GLU C 36 -10.53 16.02 -8.50
N SER C 37 -10.27 17.19 -7.91
CA SER C 37 -10.71 18.46 -8.45
C SER C 37 -9.83 19.53 -7.82
N ASP C 38 -9.97 20.76 -8.30
CA ASP C 38 -9.24 21.88 -7.75
C ASP C 38 -9.87 22.38 -6.44
N HIS C 39 -10.87 21.68 -5.90
CA HIS C 39 -11.46 22.05 -4.63
C HIS C 39 -10.60 21.57 -3.44
N PHE C 40 -9.96 20.41 -3.58
CA PHE C 40 -9.29 19.75 -2.46
C PHE C 40 -8.05 19.00 -2.89
N VAL C 41 -7.08 18.94 -1.97
CA VAL C 41 -5.97 18.00 -2.03
C VAL C 41 -6.03 17.16 -0.75
N THR C 42 -5.88 15.84 -0.87
CA THR C 42 -5.94 14.96 0.30
C THR C 42 -4.62 14.23 0.44
N VAL C 43 -3.97 14.41 1.60
CA VAL C 43 -2.66 13.85 1.85
C VAL C 43 -2.76 12.81 2.96
N ARG C 44 -2.35 11.58 2.64
CA ARG C 44 -2.26 10.52 3.62
C ARG C 44 -0.89 10.62 4.28
N GLU C 45 -0.88 10.82 5.60
CA GLU C 45 0.34 11.04 6.36
C GLU C 45 0.51 9.96 7.42
N THR C 46 1.78 9.74 7.84
CA THR C 46 2.08 8.95 9.02
C THR C 46 2.73 9.86 10.05
N LYS C 47 2.19 9.84 11.27
CA LYS C 47 2.82 10.54 12.37
C LYS C 47 2.88 9.63 13.60
N ASP C 48 4.09 9.22 13.96
CA ASP C 48 4.34 8.45 15.18
C ASP C 48 3.41 7.24 15.29
N GLY C 49 3.17 6.55 14.18
CA GLY C 49 2.39 5.32 14.19
C GLY C 49 0.90 5.55 13.99
N THR C 50 0.42 6.79 14.18
CA THR C 50 -0.96 7.15 13.87
C THR C 50 -0.97 7.73 12.46
N ASN C 51 -1.68 7.00 11.60
CA ASN C 51 -1.93 7.42 10.23
C ASN C 51 -3.06 8.43 10.24
N SER C 52 -2.94 9.47 9.40
CA SER C 52 -3.94 10.52 9.35
C SER C 52 -4.14 10.96 7.90
N VAL C 53 -5.22 11.71 7.68
CA VAL C 53 -5.47 12.33 6.40
C VAL C 53 -5.59 13.84 6.62
N ALA C 54 -4.86 14.60 5.79
CA ALA C 54 -4.96 16.07 5.78
C ALA C 54 -5.69 16.49 4.52
N ILE C 55 -6.85 17.13 4.72
CA ILE C 55 -7.67 17.64 3.63
C ILE C 55 -7.39 19.13 3.51
N VAL C 56 -6.86 19.56 2.34
CA VAL C 56 -6.55 20.96 2.11
C VAL C 56 -7.66 21.52 1.22
N ASP C 57 -8.40 22.51 1.75
CA ASP C 57 -9.57 23.03 1.07
C ASP C 57 -9.14 24.27 0.30
N LEU C 58 -8.84 24.08 -0.99
CA LEU C 58 -8.33 25.16 -1.83
C LEU C 58 -9.39 26.25 -2.03
N ALA C 59 -10.68 25.89 -1.83
CA ALA C 59 -11.78 26.83 -2.04
C ALA C 59 -12.05 27.63 -0.78
N LYS C 60 -11.38 27.31 0.34
CA LYS C 60 -11.58 28.00 1.61
C LYS C 60 -10.24 28.44 2.20
N GLY C 61 -9.41 29.09 1.38
CA GLY C 61 -8.16 29.68 1.82
C GLY C 61 -7.15 28.64 2.30
N ASN C 62 -7.21 27.43 1.70
CA ASN C 62 -6.28 26.35 1.99
C ASN C 62 -6.37 25.89 3.44
N GLU C 63 -7.56 26.00 4.06
CA GLU C 63 -7.79 25.46 5.38
C GLU C 63 -7.54 23.95 5.38
N VAL C 64 -6.79 23.48 6.38
CA VAL C 64 -6.45 22.07 6.51
C VAL C 64 -7.31 21.43 7.59
N THR C 65 -8.01 20.34 7.25
CA THR C 65 -8.78 19.53 8.20
C THR C 65 -8.08 18.19 8.32
N ARG C 66 -7.64 17.83 9.53
CA ARG C 66 -6.93 16.58 9.76
C ARG C 66 -7.84 15.61 10.51
N LYS C 67 -7.79 14.33 10.10
CA LYS C 67 -8.52 13.26 10.77
C LYS C 67 -7.64 12.02 10.85
N ASN C 68 -7.63 11.32 12.00
CA ASN C 68 -7.04 9.99 12.04
C ASN C 68 -7.86 9.05 11.17
N MET C 69 -7.16 8.13 10.49
CA MET C 69 -7.87 7.22 9.62
C MET C 69 -7.17 5.85 9.63
N GLY C 70 -8.00 4.81 9.60
CA GLY C 70 -7.57 3.51 9.15
C GLY C 70 -7.81 3.49 7.66
N GLY C 71 -7.07 2.64 6.95
CA GLY C 71 -7.08 2.77 5.51
C GLY C 71 -5.73 3.19 4.95
N ASP C 72 -5.66 3.12 3.61
CA ASP C 72 -4.42 3.31 2.88
C ASP C 72 -4.67 3.97 1.52
N SER C 73 -5.87 4.54 1.31
CA SER C 73 -6.18 5.34 0.13
C SER C 73 -7.40 6.20 0.46
N ALA C 74 -7.31 7.50 0.15
CA ALA C 74 -8.34 8.45 0.54
C ALA C 74 -8.50 9.48 -0.56
N ILE C 75 -9.75 9.66 -1.02
CA ILE C 75 -10.06 10.69 -2.01
C ILE C 75 -11.28 11.51 -1.56
N MET C 76 -11.28 12.79 -1.96
CA MET C 76 -12.40 13.69 -1.71
C MET C 76 -13.30 13.76 -2.95
N HIS C 77 -14.58 14.08 -2.73
CA HIS C 77 -15.53 14.41 -3.79
C HIS C 77 -15.07 15.65 -4.54
N PRO C 78 -15.43 15.83 -5.82
CA PRO C 78 -15.09 17.03 -6.57
C PRO C 78 -15.48 18.37 -5.92
N SER C 79 -16.55 18.41 -5.12
CA SER C 79 -17.03 19.67 -4.54
C SER C 79 -17.40 19.56 -3.07
N GLN C 80 -17.86 18.38 -2.63
CA GLN C 80 -18.43 18.23 -1.30
C GLN C 80 -17.40 17.62 -0.34
N MET C 81 -17.67 17.83 0.96
CA MET C 81 -16.89 17.28 2.05
C MET C 81 -17.34 15.83 2.26
N VAL C 82 -17.12 15.02 1.23
CA VAL C 82 -17.46 13.61 1.23
C VAL C 82 -16.17 12.87 0.90
N ILE C 83 -15.71 12.06 1.87
CA ILE C 83 -14.41 11.41 1.76
C ILE C 83 -14.67 9.91 1.57
N SER C 84 -13.87 9.30 0.69
CA SER C 84 -13.95 7.88 0.39
C SER C 84 -12.63 7.25 0.82
N VAL C 85 -12.70 6.23 1.67
CA VAL C 85 -11.52 5.62 2.24
C VAL C 85 -11.58 4.11 1.99
N ARG C 86 -10.42 3.52 1.66
CA ARG C 86 -10.35 2.07 1.52
C ARG C 86 -9.18 1.53 2.34
N ALA C 87 -9.34 0.30 2.83
CA ALA C 87 -8.31 -0.43 3.55
C ALA C 87 -8.08 -1.79 2.90
N ASN C 88 -6.82 -1.99 2.54
CA ASN C 88 -6.33 -3.24 1.97
C ASN C 88 -7.20 -3.66 0.78
N GLY C 89 -7.64 -2.69 -0.02
CA GLY C 89 -8.35 -2.96 -1.26
C GLY C 89 -9.81 -3.39 -1.09
N THR C 90 -10.19 -4.06 0.00
CA THR C 90 -11.50 -4.72 0.07
C THR C 90 -12.48 -3.95 0.95
N ILE C 91 -12.00 -3.29 2.00
CA ILE C 91 -12.90 -2.55 2.89
C ILE C 91 -13.06 -1.14 2.34
N VAL C 92 -14.30 -0.71 2.10
CA VAL C 92 -14.57 0.61 1.55
C VAL C 92 -15.62 1.30 2.41
N GLN C 93 -15.36 2.56 2.77
CA GLN C 93 -16.34 3.38 3.45
C GLN C 93 -16.30 4.80 2.87
N ILE C 94 -17.49 5.40 2.75
CA ILE C 94 -17.64 6.75 2.24
C ILE C 94 -18.46 7.52 3.26
N PHE C 95 -17.96 8.70 3.70
CA PHE C 95 -18.61 9.49 4.73
C PHE C 95 -18.82 10.92 4.27
N ASN C 96 -19.98 11.46 4.59
CA ASN C 96 -20.24 12.89 4.48
C ASN C 96 -19.76 13.50 5.78
N LEU C 97 -18.66 14.26 5.76
CA LEU C 97 -18.06 14.81 6.97
C LEU C 97 -18.89 15.97 7.51
N GLU C 98 -19.77 16.57 6.68
CA GLU C 98 -20.65 17.65 7.14
C GLU C 98 -21.82 17.12 7.95
N THR C 99 -22.57 16.16 7.39
CA THR C 99 -23.76 15.59 8.03
C THR C 99 -23.35 14.43 8.92
N LYS C 100 -22.08 14.03 8.89
CA LYS C 100 -21.53 12.97 9.71
C LYS C 100 -22.01 11.58 9.25
N SER C 101 -22.68 11.51 8.10
CA SER C 101 -23.41 10.34 7.69
C SER C 101 -22.50 9.36 6.91
N LYS C 102 -22.69 8.06 7.13
CA LYS C 102 -22.03 7.04 6.32
C LYS C 102 -22.89 6.74 5.08
N LEU C 103 -22.36 7.06 3.90
CA LEU C 103 -23.11 6.96 2.65
C LEU C 103 -22.97 5.56 2.06
N LYS C 104 -21.78 4.97 2.20
CA LYS C 104 -21.50 3.63 1.72
C LYS C 104 -20.55 2.93 2.69
N SER C 105 -20.76 1.61 2.84
CA SER C 105 -19.91 0.77 3.65
C SER C 105 -20.06 -0.66 3.14
N PHE C 106 -18.98 -1.23 2.59
CA PHE C 106 -19.05 -2.56 2.02
C PHE C 106 -17.65 -3.16 1.92
N THR C 107 -17.63 -4.48 1.70
CA THR C 107 -16.41 -5.25 1.50
C THR C 107 -16.49 -5.87 0.11
N LEU C 108 -15.43 -5.67 -0.66
CA LEU C 108 -15.34 -6.18 -2.01
C LEU C 108 -14.63 -7.53 -1.98
N ASP C 109 -15.07 -8.36 -2.91
CA ASP C 109 -14.55 -9.69 -3.19
C ASP C 109 -13.15 -9.60 -3.81
N GLU C 110 -12.99 -8.67 -4.76
CA GLU C 110 -11.72 -8.40 -5.41
C GLU C 110 -11.20 -7.06 -4.92
N PRO C 111 -9.90 -6.94 -4.56
CA PRO C 111 -9.34 -5.67 -4.12
C PRO C 111 -9.40 -4.57 -5.16
N VAL C 112 -9.76 -3.35 -4.75
CA VAL C 112 -9.68 -2.18 -5.59
C VAL C 112 -8.22 -1.76 -5.68
N ILE C 113 -7.74 -1.51 -6.89
CA ILE C 113 -6.38 -1.02 -7.11
C ILE C 113 -6.39 0.40 -7.67
N PHE C 114 -7.53 0.91 -8.09
CA PHE C 114 -7.62 2.31 -8.54
C PHE C 114 -9.08 2.78 -8.44
N TRP C 115 -9.26 4.04 -8.06
CA TRP C 115 -10.58 4.61 -8.05
C TRP C 115 -10.50 6.12 -8.32
N ARG C 116 -11.62 6.65 -8.78
CA ARG C 116 -11.79 8.07 -8.97
CA ARG C 116 -11.80 8.07 -8.92
C ARG C 116 -13.24 8.42 -9.28
N TRP C 117 -13.59 9.66 -8.98
CA TRP C 117 -14.92 10.15 -9.27
C TRP C 117 -15.06 10.32 -10.79
N LEU C 118 -16.04 9.63 -11.38
CA LEU C 118 -16.30 9.72 -12.82
C LEU C 118 -17.13 10.94 -13.16
N SER C 119 -17.96 11.35 -12.18
CA SER C 119 -18.87 12.47 -12.23
C SER C 119 -19.10 12.85 -10.77
N GLU C 120 -19.94 13.86 -10.49
CA GLU C 120 -20.20 14.22 -9.11
C GLU C 120 -21.11 13.20 -8.42
N THR C 121 -21.70 12.27 -9.17
CA THR C 121 -22.64 11.31 -8.60
C THR C 121 -22.07 9.90 -8.57
N THR C 122 -21.02 9.64 -9.36
CA THR C 122 -20.60 8.28 -9.67
C THR C 122 -19.12 8.11 -9.39
N LEU C 123 -18.80 7.12 -8.55
CA LEU C 123 -17.43 6.71 -8.27
C LEU C 123 -17.06 5.48 -9.09
N GLY C 124 -15.88 5.53 -9.72
CA GLY C 124 -15.37 4.45 -10.54
C GLY C 124 -14.31 3.64 -9.80
N PHE C 125 -14.35 2.31 -9.95
CA PHE C 125 -13.40 1.40 -9.32
C PHE C 125 -12.80 0.50 -10.40
N VAL C 126 -11.49 0.21 -10.23
CA VAL C 126 -10.82 -0.81 -11.02
C VAL C 126 -10.18 -1.80 -10.06
N THR C 127 -10.48 -3.10 -10.28
CA THR C 127 -9.83 -4.18 -9.56
C THR C 127 -8.79 -4.82 -10.47
N ALA C 128 -8.20 -5.93 -10.02
CA ALA C 128 -7.28 -6.71 -10.85
C ALA C 128 -7.97 -7.21 -12.12
N ARG C 129 -9.27 -7.49 -12.06
CA ARG C 129 -9.98 -8.14 -13.16
C ARG C 129 -11.14 -7.31 -13.71
N SER C 130 -11.65 -6.34 -12.95
CA SER C 130 -12.97 -5.76 -13.22
C SER C 130 -12.95 -4.24 -13.20
N ILE C 131 -13.95 -3.64 -13.86
CA ILE C 131 -14.21 -2.21 -13.86
C ILE C 131 -15.65 -2.04 -13.37
N LEU C 132 -15.83 -1.22 -12.33
CA LEU C 132 -17.11 -1.07 -11.64
C LEU C 132 -17.41 0.40 -11.37
N THR C 133 -18.69 0.70 -11.08
CA THR C 133 -19.13 2.04 -10.75
C THR C 133 -20.14 1.96 -9.61
N SER C 134 -20.18 3.01 -8.80
CA SER C 134 -21.13 3.13 -7.69
C SER C 134 -21.85 4.47 -7.77
N ASN C 135 -23.17 4.40 -7.69
CA ASN C 135 -24.01 5.55 -7.45
C ASN C 135 -23.98 5.85 -5.95
N VAL C 136 -23.03 6.70 -5.55
CA VAL C 136 -22.70 6.84 -4.13
C VAL C 136 -23.87 7.42 -3.33
N PHE C 137 -24.69 8.25 -3.98
CA PHE C 137 -25.74 8.97 -3.28
C PHE C 137 -27.11 8.33 -3.52
N ASP C 138 -27.17 7.01 -3.68
CA ASP C 138 -28.42 6.32 -3.96
C ASP C 138 -29.18 5.95 -2.68
N GLY C 139 -28.53 6.07 -1.52
CA GLY C 139 -29.17 5.79 -0.24
C GLY C 139 -29.07 4.33 0.19
N ASN C 140 -28.42 3.46 -0.59
CA ASN C 140 -28.27 2.06 -0.21
C ASN C 140 -26.85 1.87 0.31
N VAL C 141 -26.67 2.01 1.63
CA VAL C 141 -25.36 2.11 2.24
C VAL C 141 -24.54 0.85 1.97
N ASN C 142 -25.19 -0.33 1.92
CA ASN C 142 -24.43 -1.57 1.84
C ASN C 142 -24.30 -2.08 0.42
N ALA C 143 -24.89 -1.39 -0.56
CA ALA C 143 -24.90 -1.88 -1.93
C ALA C 143 -23.50 -1.72 -2.54
N LYS C 144 -22.95 -2.83 -3.04
CA LYS C 144 -21.63 -2.86 -3.64
C LYS C 144 -21.66 -2.25 -5.04
N PRO C 145 -20.50 -1.81 -5.57
CA PRO C 145 -20.45 -1.29 -6.92
C PRO C 145 -20.89 -2.32 -7.98
N GLN C 146 -21.48 -1.80 -9.05
CA GLN C 146 -21.99 -2.61 -10.14
C GLN C 146 -20.91 -2.80 -11.20
N LEU C 147 -20.82 -4.04 -11.69
CA LEU C 147 -19.87 -4.40 -12.73
C LEU C 147 -20.22 -3.65 -14.01
N LEU C 148 -19.24 -2.97 -14.60
CA LEU C 148 -19.41 -2.35 -15.91
C LEU C 148 -18.92 -3.32 -16.99
N THR C 149 -17.68 -3.79 -16.86
CA THR C 149 -17.11 -4.77 -17.77
C THR C 149 -15.85 -5.34 -17.16
N LEU C 150 -15.38 -6.46 -17.73
CA LEU C 150 -14.10 -7.02 -17.35
C LEU C 150 -12.97 -6.23 -18.00
N ARG C 151 -11.82 -6.16 -17.33
CA ARG C 151 -10.64 -5.57 -17.94
C ARG C 151 -10.18 -6.51 -19.06
N HIS C 152 -9.69 -5.95 -20.16
CA HIS C 152 -9.19 -6.77 -21.26
C HIS C 152 -7.67 -6.90 -21.07
N ALA C 153 -7.09 -7.82 -21.85
CA ALA C 153 -5.72 -8.24 -21.67
C ALA C 153 -4.71 -7.14 -21.97
N ASN C 154 -5.10 -6.11 -22.70
CA ASN C 154 -4.19 -5.01 -23.04
C ASN C 154 -3.82 -4.23 -21.77
N LEU C 155 -4.62 -4.34 -20.68
CA LEU C 155 -4.30 -3.66 -19.43
C LEU C 155 -3.50 -4.58 -18.49
N ASN C 156 -3.19 -5.81 -18.92
CA ASN C 156 -2.44 -6.73 -18.10
C ASN C 156 -1.07 -6.16 -17.75
N ASN C 157 -0.70 -6.28 -16.47
CA ASN C 157 0.63 -5.92 -15.99
C ASN C 157 0.87 -4.40 -16.09
N THR C 158 -0.19 -3.61 -16.14
CA THR C 158 -0.08 -2.16 -16.14
C THR C 158 -0.31 -1.63 -14.72
N GLN C 159 0.15 -0.41 -14.47
CA GLN C 159 -0.34 0.38 -13.36
C GLN C 159 -1.53 1.18 -13.86
N ILE C 160 -2.71 0.98 -13.25
CA ILE C 160 -3.90 1.72 -13.63
C ILE C 160 -3.76 3.14 -13.09
N ILE C 161 -3.88 4.15 -13.97
CA ILE C 161 -3.61 5.53 -13.55
C ILE C 161 -4.78 6.45 -13.82
N ASN C 162 -5.81 6.00 -14.56
CA ASN C 162 -6.98 6.84 -14.78
C ASN C 162 -8.20 6.00 -15.18
N PHE C 163 -9.39 6.56 -14.92
CA PHE C 163 -10.66 6.01 -15.33
C PHE C 163 -11.59 7.19 -15.54
N VAL C 164 -12.01 7.39 -16.79
CA VAL C 164 -12.82 8.55 -17.19
C VAL C 164 -14.09 8.07 -17.88
N ALA C 165 -15.08 8.95 -17.93
CA ALA C 165 -16.37 8.68 -18.57
C ALA C 165 -16.88 9.95 -19.24
N ASN C 166 -17.84 9.77 -20.15
CA ASN C 166 -18.57 10.87 -20.74
C ASN C 166 -19.67 11.30 -19.75
N LYS C 167 -20.31 12.45 -20.05
CA LYS C 167 -21.36 12.97 -19.20
C LYS C 167 -22.55 12.03 -19.17
N ASN C 168 -22.82 11.32 -20.27
CA ASN C 168 -23.94 10.39 -20.29
C ASN C 168 -23.68 9.10 -19.52
N LEU C 169 -22.44 8.89 -19.04
CA LEU C 169 -22.03 7.68 -18.35
C LEU C 169 -22.39 6.43 -19.15
N ASP C 170 -22.09 6.44 -20.46
CA ASP C 170 -22.26 5.24 -21.28
C ASP C 170 -21.04 4.99 -22.17
N TRP C 171 -20.03 5.86 -22.07
CA TRP C 171 -18.71 5.60 -22.62
C TRP C 171 -17.67 5.82 -21.52
N PHE C 172 -16.66 4.95 -21.53
CA PHE C 172 -15.67 4.88 -20.47
C PHE C 172 -14.29 4.58 -21.05
N ALA C 173 -13.25 5.05 -20.35
CA ALA C 173 -11.90 4.64 -20.67
C ALA C 173 -11.10 4.42 -19.39
N VAL C 174 -10.38 3.30 -19.36
CA VAL C 174 -9.42 3.00 -18.29
C VAL C 174 -8.01 3.05 -18.87
N VAL C 175 -7.10 3.72 -18.15
CA VAL C 175 -5.74 3.95 -18.63
C VAL C 175 -4.78 3.23 -17.70
N GLY C 176 -3.83 2.50 -18.28
CA GLY C 176 -2.73 1.87 -17.56
C GLY C 176 -1.41 2.18 -18.27
N ILE C 177 -0.30 2.16 -17.51
CA ILE C 177 1.03 2.36 -18.06
C ILE C 177 1.90 1.17 -17.66
N LEU C 178 2.91 0.90 -18.49
CA LEU C 178 3.85 -0.18 -18.23
C LEU C 178 5.16 0.16 -18.95
N GLN C 179 6.25 -0.47 -18.55
CA GLN C 179 7.53 -0.33 -19.20
C GLN C 179 7.58 -1.17 -20.47
N GLU C 180 8.09 -0.56 -21.54
CA GLU C 180 8.23 -1.24 -22.82
C GLU C 180 9.34 -0.54 -23.62
N ASN C 181 10.32 -1.33 -24.05
CA ASN C 181 11.38 -0.87 -24.94
C ASN C 181 12.18 0.25 -24.26
N GLY C 182 12.37 0.13 -22.94
CA GLY C 182 13.10 1.11 -22.16
C GLY C 182 12.31 2.40 -21.91
N ARG C 183 11.01 2.47 -22.29
CA ARG C 183 10.20 3.65 -22.11
C ARG C 183 8.93 3.29 -21.34
N ILE C 184 8.09 4.29 -21.09
CA ILE C 184 6.77 4.05 -20.51
C ILE C 184 5.74 4.06 -21.65
N ALA C 185 5.04 2.95 -21.83
CA ALA C 185 3.94 2.86 -22.78
C ALA C 185 2.60 3.03 -22.06
N GLY C 186 1.61 3.54 -22.79
CA GLY C 186 0.28 3.73 -22.24
C GLY C 186 -0.73 2.86 -22.99
N ARG C 187 -1.65 2.28 -22.21
CA ARG C 187 -2.68 1.42 -22.76
C ARG C 187 -4.02 1.90 -22.27
N ILE C 188 -4.99 1.94 -23.19
CA ILE C 188 -6.33 2.38 -22.87
C ILE C 188 -7.31 1.29 -23.29
N GLN C 189 -8.24 0.98 -22.39
CA GLN C 189 -9.42 0.21 -22.73
C GLN C 189 -10.59 1.18 -22.85
N LEU C 190 -11.13 1.33 -24.06
CA LEU C 190 -12.27 2.19 -24.33
C LEU C 190 -13.51 1.29 -24.42
N PHE C 191 -14.55 1.61 -23.66
CA PHE C 191 -15.70 0.74 -23.52
C PHE C 191 -16.99 1.53 -23.78
N SER C 192 -17.81 1.00 -24.70
CA SER C 192 -19.16 1.46 -24.94
C SER C 192 -20.12 0.56 -24.20
N LYS C 193 -20.83 1.13 -23.22
CA LYS C 193 -21.78 0.38 -22.43
C LYS C 193 -22.94 -0.07 -23.29
N GLN C 194 -23.41 0.81 -24.18
CA GLN C 194 -24.58 0.50 -24.98
C GLN C 194 -24.26 -0.66 -25.93
N ARG C 195 -23.05 -0.68 -26.48
CA ARG C 195 -22.66 -1.69 -27.45
C ARG C 195 -22.04 -2.91 -26.78
N ASN C 196 -21.61 -2.76 -25.51
CA ASN C 196 -20.94 -3.81 -24.77
C ASN C 196 -19.66 -4.26 -25.49
N ILE C 197 -18.88 -3.28 -26.00
CA ILE C 197 -17.66 -3.54 -26.76
C ILE C 197 -16.54 -2.68 -26.17
N SER C 198 -15.35 -3.28 -26.04
CA SER C 198 -14.13 -2.59 -25.67
C SER C 198 -13.20 -2.55 -26.87
N GLN C 199 -12.37 -1.50 -26.92
CA GLN C 199 -11.32 -1.38 -27.92
C GLN C 199 -10.04 -0.99 -27.18
N ALA C 200 -8.95 -1.67 -27.53
CA ALA C 200 -7.62 -1.43 -27.00
C ALA C 200 -6.92 -0.40 -27.88
N ILE C 201 -6.52 0.70 -27.25
CA ILE C 201 -5.97 1.85 -27.91
C ILE C 201 -4.68 2.19 -27.18
N ASP C 202 -3.75 2.78 -27.92
CA ASP C 202 -2.49 3.22 -27.35
C ASP C 202 -2.68 4.64 -26.84
N GLY C 203 -2.31 4.88 -25.58
CA GLY C 203 -2.37 6.22 -25.04
C GLY C 203 -2.08 6.26 -23.55
N HIS C 204 -1.48 7.38 -23.12
CA HIS C 204 -1.14 7.64 -21.74
C HIS C 204 -2.20 8.46 -21.01
N VAL C 205 -3.01 9.21 -21.77
CA VAL C 205 -4.00 10.11 -21.22
C VAL C 205 -5.25 10.03 -22.08
N ALA C 206 -6.40 10.28 -21.44
CA ALA C 206 -7.69 10.24 -22.12
C ALA C 206 -8.71 11.15 -21.43
N ILE C 207 -9.65 11.69 -22.24
CA ILE C 207 -10.80 12.41 -21.72
C ILE C 207 -11.89 12.44 -22.79
N PHE C 208 -13.15 12.46 -22.34
CA PHE C 208 -14.32 12.68 -23.17
C PHE C 208 -14.73 14.15 -23.09
N THR C 209 -15.19 14.72 -24.21
CA THR C 209 -15.64 16.09 -24.23
C THR C 209 -16.69 16.27 -25.33
N ASN C 210 -17.09 17.52 -25.55
CA ASN C 210 -18.21 17.86 -26.41
C ASN C 210 -17.87 19.13 -27.20
N ILE C 211 -18.37 19.24 -28.46
CA ILE C 211 -18.06 20.38 -29.30
C ILE C 211 -19.28 20.72 -30.16
N LEU C 212 -19.59 22.01 -30.22
CA LEU C 212 -20.65 22.52 -31.09
C LEU C 212 -20.06 22.90 -32.45
N LEU C 213 -20.53 22.22 -33.52
CA LEU C 213 -20.02 22.43 -34.86
C LEU C 213 -21.04 23.19 -35.68
N GLU C 214 -20.52 24.04 -36.56
CA GLU C 214 -21.31 24.77 -37.54
C GLU C 214 -22.18 23.78 -38.32
N GLY C 215 -23.48 24.13 -38.41
CA GLY C 215 -24.45 23.33 -39.14
C GLY C 215 -25.27 22.40 -38.24
N ASN C 216 -24.88 22.25 -36.96
CA ASN C 216 -25.52 21.30 -36.07
C ASN C 216 -26.47 22.00 -35.10
N GLY C 217 -26.87 23.25 -35.40
CA GLY C 217 -27.80 24.00 -34.56
C GLY C 217 -27.21 24.22 -33.17
N SER C 218 -27.91 23.71 -32.16
CA SER C 218 -27.47 23.82 -30.77
C SER C 218 -26.98 22.48 -30.24
N THR C 219 -26.92 21.45 -31.09
CA THR C 219 -26.64 20.09 -30.64
C THR C 219 -25.14 19.83 -30.72
N PRO C 220 -24.46 19.55 -29.58
CA PRO C 220 -23.06 19.19 -29.61
C PRO C 220 -22.82 17.77 -30.11
N VAL C 221 -21.60 17.50 -30.57
CA VAL C 221 -21.15 16.14 -30.85
C VAL C 221 -20.11 15.76 -29.81
N GLN C 222 -20.00 14.46 -29.52
CA GLN C 222 -19.04 13.97 -28.52
C GLN C 222 -17.73 13.60 -29.19
N VAL C 223 -16.60 13.93 -28.55
CA VAL C 223 -15.29 13.48 -29.02
C VAL C 223 -14.50 12.83 -27.86
N PHE C 224 -13.61 11.92 -28.23
CA PHE C 224 -12.69 11.28 -27.31
C PHE C 224 -11.29 11.77 -27.66
N VAL C 225 -10.56 12.26 -26.65
CA VAL C 225 -9.23 12.84 -26.83
C VAL C 225 -8.24 11.93 -26.13
N THR C 226 -7.15 11.56 -26.83
CA THR C 226 -6.08 10.78 -26.26
C THR C 226 -4.74 11.45 -26.59
N GLY C 227 -3.78 11.30 -25.69
CA GLY C 227 -2.40 11.65 -25.98
C GLY C 227 -1.52 10.43 -25.73
N ASN C 228 -0.56 10.20 -26.63
CA ASN C 228 0.26 9.01 -26.63
C ASN C 228 1.71 9.36 -26.95
N ARG C 229 2.63 8.61 -26.38
CA ARG C 229 4.00 8.58 -26.86
C ARG C 229 4.37 7.14 -27.16
N ASN C 230 4.64 6.89 -28.44
CA ASN C 230 4.94 5.57 -28.96
C ASN C 230 6.28 5.16 -28.39
N ALA C 231 6.31 3.98 -27.73
CA ALA C 231 7.48 3.50 -27.02
C ALA C 231 8.57 3.02 -27.98
N THR C 232 8.19 2.71 -29.24
CA THR C 232 9.12 2.21 -30.24
C THR C 232 9.75 3.38 -30.99
N THR C 233 8.94 4.37 -31.41
CA THR C 233 9.41 5.44 -32.29
C THR C 233 9.76 6.69 -31.48
N GLY C 234 9.20 6.82 -30.28
CA GLY C 234 9.38 8.01 -29.46
C GLY C 234 8.44 9.16 -29.85
N ALA C 235 7.65 8.95 -30.90
CA ALA C 235 6.77 9.99 -31.44
C ALA C 235 5.57 10.18 -30.53
N GLY C 236 5.27 11.45 -30.24
CA GLY C 236 4.05 11.82 -29.54
C GLY C 236 2.91 12.18 -30.49
N GLU C 237 1.70 11.80 -30.10
CA GLU C 237 0.53 12.04 -30.92
C GLU C 237 -0.67 12.35 -30.04
N LEU C 238 -1.36 13.45 -30.36
CA LEU C 238 -2.69 13.76 -29.86
C LEU C 238 -3.71 13.31 -30.91
N ARG C 239 -4.74 12.59 -30.47
CA ARG C 239 -5.76 12.10 -31.40
C ARG C 239 -7.13 12.46 -30.86
N ILE C 240 -8.01 12.93 -31.77
CA ILE C 240 -9.35 13.35 -31.39
C ILE C 240 -10.31 12.67 -32.35
N ILE C 241 -11.26 11.89 -31.81
CA ILE C 241 -12.18 11.13 -32.64
C ILE C 241 -13.61 11.28 -32.13
N GLU C 242 -14.57 11.28 -33.03
CA GLU C 242 -15.98 11.34 -32.66
C GLU C 242 -16.43 10.04 -32.01
N ILE C 243 -17.37 10.14 -31.07
CA ILE C 243 -18.06 9.02 -30.45
C ILE C 243 -19.56 9.18 -30.71
N ASP C 244 -20.24 8.07 -31.04
CA ASP C 244 -21.68 8.04 -31.21
C ASP C 244 -22.22 9.17 -32.09
N HIS C 245 -21.76 9.29 -33.34
CA HIS C 245 -22.34 10.28 -34.23
C HIS C 245 -23.85 10.08 -34.38
N ASP C 246 -24.63 11.14 -34.17
CA ASP C 246 -26.06 11.18 -34.48
C ASP C 246 -26.19 11.51 -35.96
N ALA C 247 -26.66 10.54 -36.76
CA ALA C 247 -26.70 10.68 -38.21
C ALA C 247 -27.70 11.74 -38.65
N SER C 248 -28.63 12.12 -37.74
CA SER C 248 -29.57 13.20 -38.01
C SER C 248 -28.87 14.56 -38.09
N LEU C 249 -27.67 14.70 -37.51
CA LEU C 249 -26.93 15.94 -37.55
C LEU C 249 -26.10 16.01 -38.84
N PRO C 250 -26.10 17.15 -39.56
CA PRO C 250 -25.36 17.29 -40.80
C PRO C 250 -23.84 17.30 -40.65
N SER C 251 -23.29 17.75 -39.53
CA SER C 251 -21.83 17.92 -39.44
C SER C 251 -21.24 16.90 -38.49
N GLN C 252 -20.25 16.17 -39.02
CA GLN C 252 -19.50 15.20 -38.26
C GLN C 252 -18.16 15.81 -37.89
N TYR C 253 -17.60 15.30 -36.80
CA TYR C 253 -16.25 15.65 -36.40
C TYR C 253 -15.29 14.70 -37.10
N GLN C 254 -14.51 15.26 -38.05
CA GLN C 254 -13.46 14.55 -38.74
C GLN C 254 -12.29 14.34 -37.79
N LYS C 255 -11.76 13.11 -37.81
CA LYS C 255 -10.67 12.72 -36.93
C LYS C 255 -9.50 13.69 -37.09
N GLU C 256 -8.90 14.11 -35.97
CA GLU C 256 -7.72 14.95 -36.02
C GLU C 256 -6.56 14.22 -35.32
N THR C 257 -5.35 14.33 -35.88
CA THR C 257 -4.12 13.86 -35.25
C THR C 257 -3.09 14.98 -35.31
N THR C 258 -2.38 15.23 -34.22
CA THR C 258 -1.37 16.28 -34.14
C THR C 258 -0.17 15.75 -33.36
N ASP C 259 1.03 16.20 -33.73
N ASP C 259 1.03 16.23 -33.71
CA ASP C 259 2.25 15.85 -33.03
CA ASP C 259 2.24 15.88 -33.01
C ASP C 259 2.24 16.44 -31.62
C ASP C 259 2.22 16.45 -31.60
N ILE C 260 2.78 15.67 -30.67
CA ILE C 260 3.14 16.17 -29.34
C ILE C 260 4.65 16.24 -29.29
N PHE C 261 5.21 17.44 -29.17
CA PHE C 261 6.66 17.63 -29.19
C PHE C 261 7.29 17.16 -27.88
N PHE C 262 8.40 16.41 -27.99
CA PHE C 262 9.22 16.06 -26.84
C PHE C 262 10.66 16.41 -27.22
N PRO C 263 11.37 17.24 -26.43
CA PRO C 263 12.73 17.60 -26.79
C PRO C 263 13.67 16.40 -26.76
N PRO C 264 14.83 16.49 -27.43
CA PRO C 264 15.78 15.37 -27.53
C PRO C 264 16.20 14.77 -26.18
N ASP C 265 16.26 15.63 -25.15
CA ASP C 265 16.80 15.25 -23.86
C ASP C 265 15.70 14.77 -22.91
N ALA C 266 14.48 14.55 -23.41
CA ALA C 266 13.35 14.18 -22.59
C ALA C 266 12.87 12.77 -22.97
N THR C 267 13.81 11.85 -23.12
CA THR C 267 13.53 10.51 -23.62
C THR C 267 12.45 9.79 -22.79
N ASN C 268 12.42 10.02 -21.47
CA ASN C 268 11.54 9.26 -20.59
C ASN C 268 10.31 10.05 -20.16
N ASP C 269 10.07 11.19 -20.81
CA ASP C 269 8.87 11.96 -20.56
C ASP C 269 7.70 11.33 -21.32
N PHE C 270 6.47 11.57 -20.83
CA PHE C 270 5.25 11.12 -21.49
C PHE C 270 4.09 11.97 -21.01
N PRO C 271 2.93 11.99 -21.71
CA PRO C 271 1.76 12.70 -21.22
C PRO C 271 1.25 12.14 -19.90
N ILE C 272 0.95 13.04 -18.95
CA ILE C 272 0.50 12.63 -17.63
C ILE C 272 -0.92 13.10 -17.37
N ALA C 273 -1.39 14.14 -18.08
CA ALA C 273 -2.78 14.56 -17.93
C ALA C 273 -3.28 15.25 -19.18
N VAL C 274 -4.60 15.19 -19.38
CA VAL C 274 -5.28 15.95 -20.40
C VAL C 274 -6.58 16.47 -19.82
N GLN C 275 -6.83 17.78 -19.99
CA GLN C 275 -8.09 18.38 -19.61
C GLN C 275 -8.58 19.23 -20.78
N VAL C 276 -9.88 19.51 -20.81
CA VAL C 276 -10.47 20.26 -21.90
C VAL C 276 -11.45 21.31 -21.39
N SER C 277 -11.32 22.54 -21.90
CA SER C 277 -12.37 23.54 -21.80
C SER C 277 -13.37 23.34 -22.92
N GLU C 278 -14.57 22.88 -22.58
CA GLU C 278 -15.65 22.78 -23.54
C GLU C 278 -16.04 24.16 -24.08
N LYS C 279 -16.15 25.14 -23.18
CA LYS C 279 -16.59 26.47 -23.56
C LYS C 279 -15.69 27.06 -24.64
N TYR C 280 -14.37 26.94 -24.50
CA TYR C 280 -13.43 27.62 -25.38
C TYR C 280 -12.92 26.70 -26.49
N GLY C 281 -13.20 25.40 -26.37
CA GLY C 281 -12.66 24.40 -27.28
C GLY C 281 -11.12 24.36 -27.23
N ILE C 282 -10.57 24.19 -26.01
CA ILE C 282 -9.12 24.16 -25.81
C ILE C 282 -8.74 22.90 -25.05
N ILE C 283 -7.74 22.17 -25.58
CA ILE C 283 -7.17 21.01 -24.95
C ILE C 283 -5.88 21.41 -24.24
N TYR C 284 -5.74 21.01 -22.98
CA TYR C 284 -4.53 21.17 -22.21
C TYR C 284 -3.92 19.79 -21.96
N LEU C 285 -2.70 19.57 -22.47
CA LEU C 285 -1.99 18.33 -22.26
C LEU C 285 -0.71 18.64 -21.49
N LEU C 286 -0.53 17.92 -20.38
CA LEU C 286 0.60 18.11 -19.48
C LEU C 286 1.46 16.86 -19.54
N THR C 287 2.79 17.02 -19.57
CA THR C 287 3.71 15.90 -19.52
C THR C 287 4.23 15.73 -18.09
N LYS C 288 4.76 14.56 -17.79
CA LYS C 288 5.34 14.27 -16.49
C LYS C 288 6.45 15.27 -16.13
N TYR C 289 7.28 15.64 -17.11
CA TYR C 289 8.41 16.50 -16.86
C TYR C 289 8.01 17.98 -16.80
N GLY C 290 6.72 18.30 -17.00
CA GLY C 290 6.20 19.62 -16.69
C GLY C 290 5.93 20.53 -17.89
N PHE C 291 5.87 19.95 -19.10
CA PHE C 291 5.53 20.73 -20.30
C PHE C 291 4.01 20.78 -20.47
N ILE C 292 3.49 21.97 -20.77
CA ILE C 292 2.10 22.16 -21.12
C ILE C 292 2.04 22.37 -22.63
N HIS C 293 1.07 21.69 -23.26
CA HIS C 293 0.78 21.80 -24.67
C HIS C 293 -0.70 22.16 -24.82
N LEU C 294 -0.99 23.23 -25.55
CA LEU C 294 -2.36 23.64 -25.83
C LEU C 294 -2.69 23.27 -27.28
N TYR C 295 -3.91 22.77 -27.48
CA TYR C 295 -4.41 22.47 -28.81
C TYR C 295 -5.85 23.01 -28.91
N GLU C 296 -6.21 23.43 -30.13
CA GLU C 296 -7.58 23.83 -30.40
C GLU C 296 -8.37 22.54 -30.68
N LEU C 297 -9.58 22.43 -30.11
CA LEU C 297 -10.36 21.21 -30.11
C LEU C 297 -10.93 20.87 -31.50
N GLU C 298 -11.38 21.87 -32.25
CA GLU C 298 -12.03 21.60 -33.53
C GLU C 298 -11.06 21.06 -34.57
N THR C 299 -9.85 21.64 -34.62
CA THR C 299 -8.88 21.41 -35.68
C THR C 299 -7.72 20.55 -35.20
N GLY C 300 -7.53 20.45 -33.87
CA GLY C 300 -6.38 19.76 -33.30
C GLY C 300 -5.09 20.58 -33.39
N THR C 301 -5.17 21.85 -33.83
CA THR C 301 -3.98 22.65 -34.05
C THR C 301 -3.24 22.88 -32.73
N ASN C 302 -1.92 22.65 -32.73
CA ASN C 302 -1.08 22.91 -31.56
C ASN C 302 -0.83 24.41 -31.48
N LEU C 303 -1.29 25.06 -30.41
CA LEU C 303 -1.26 26.50 -30.28
C LEU C 303 0.03 26.95 -29.63
N PHE C 304 0.48 26.21 -28.62
CA PHE C 304 1.49 26.71 -27.69
C PHE C 304 2.07 25.54 -26.92
N VAL C 305 3.38 25.63 -26.63
CA VAL C 305 4.07 24.70 -25.75
C VAL C 305 4.96 25.54 -24.83
N ASN C 306 5.02 25.17 -23.54
CA ASN C 306 5.83 25.90 -22.58
C ASN C 306 6.14 24.97 -21.40
N ARG C 307 7.15 25.32 -20.59
CA ARG C 307 7.43 24.52 -19.42
C ARG C 307 6.89 25.21 -18.17
N ILE C 308 5.89 24.59 -17.51
CA ILE C 308 5.30 25.21 -16.33
C ILE C 308 6.00 24.77 -15.04
N THR C 309 6.62 23.58 -15.04
CA THR C 309 7.37 23.12 -13.88
C THR C 309 8.56 22.28 -14.33
N ALA C 310 9.64 22.33 -13.56
CA ALA C 310 10.83 21.53 -13.81
C ALA C 310 10.78 20.27 -12.94
N GLU C 311 10.18 20.38 -11.74
CA GLU C 311 9.92 19.20 -10.93
C GLU C 311 8.79 18.41 -11.57
N SER C 312 8.87 17.08 -11.46
CA SER C 312 7.90 16.20 -12.10
C SER C 312 6.48 16.39 -11.57
N VAL C 313 5.49 16.24 -12.44
CA VAL C 313 4.08 16.24 -12.10
C VAL C 313 3.67 14.81 -11.79
N PHE C 314 2.89 14.61 -10.73
CA PHE C 314 2.43 13.27 -10.37
C PHE C 314 0.90 13.16 -10.40
N THR C 315 0.15 14.27 -10.45
CA THR C 315 -1.30 14.23 -10.57
C THR C 315 -1.83 15.54 -11.13
N ALA C 316 -3.07 15.52 -11.62
CA ALA C 316 -3.69 16.70 -12.23
C ALA C 316 -5.21 16.61 -12.13
N ALA C 317 -5.89 17.72 -12.39
CA ALA C 317 -7.34 17.78 -12.33
C ALA C 317 -7.84 18.97 -13.13
N PRO C 318 -9.17 19.08 -13.39
CA PRO C 318 -9.71 20.29 -13.97
C PRO C 318 -9.54 21.46 -13.01
N TYR C 319 -9.46 22.64 -13.60
CA TYR C 319 -9.35 23.87 -12.84
C TYR C 319 -10.42 24.85 -13.34
N ASN C 320 -11.04 25.55 -12.39
CA ASN C 320 -11.91 26.70 -12.63
C ASN C 320 -13.10 26.35 -13.52
N HIS C 321 -13.98 25.53 -12.94
CA HIS C 321 -15.21 25.08 -13.60
C HIS C 321 -14.84 24.43 -14.90
N GLU C 322 -13.76 23.65 -14.87
CA GLU C 322 -13.27 22.85 -15.98
C GLU C 322 -12.90 23.71 -17.19
N ASN C 323 -12.45 24.95 -16.97
CA ASN C 323 -11.97 25.77 -18.08
C ASN C 323 -10.45 25.69 -18.21
N GLY C 324 -9.78 25.06 -17.24
CA GLY C 324 -8.32 24.94 -17.26
C GLY C 324 -7.84 23.65 -16.62
N ILE C 325 -6.55 23.62 -16.28
CA ILE C 325 -5.90 22.44 -15.73
C ILE C 325 -5.11 22.86 -14.50
N ALA C 326 -5.12 22.01 -13.47
CA ALA C 326 -4.27 22.16 -12.29
C ALA C 326 -3.47 20.88 -12.11
N CYS C 327 -2.32 20.98 -11.47
CA CYS C 327 -1.46 19.83 -11.25
C CYS C 327 -0.67 20.02 -9.96
N ILE C 328 -0.06 18.94 -9.48
CA ILE C 328 0.81 18.97 -8.33
C ILE C 328 2.16 18.40 -8.74
N ASN C 329 3.25 19.09 -8.40
CA ASN C 329 4.61 18.63 -8.68
C ASN C 329 5.21 18.00 -7.42
N LYS C 330 6.39 17.40 -7.58
CA LYS C 330 7.06 16.65 -6.52
C LYS C 330 7.49 17.56 -5.36
N LYS C 331 7.58 18.88 -5.57
CA LYS C 331 7.91 19.80 -4.50
C LYS C 331 6.66 20.29 -3.76
N GLY C 332 5.47 19.87 -4.18
CA GLY C 332 4.23 20.17 -3.48
C GLY C 332 3.56 21.45 -3.95
N GLN C 333 4.04 22.02 -5.06
CA GLN C 333 3.38 23.16 -5.68
C GLN C 333 2.14 22.71 -6.44
N VAL C 334 1.01 23.35 -6.17
CA VAL C 334 -0.22 23.15 -6.90
C VAL C 334 -0.33 24.29 -7.91
N LEU C 335 -0.25 23.94 -9.20
CA LEU C 335 -0.10 24.91 -10.26
C LEU C 335 -1.33 24.84 -11.15
N ALA C 336 -1.76 25.98 -11.68
CA ALA C 336 -2.91 26.06 -12.55
C ALA C 336 -2.56 26.83 -13.83
N VAL C 337 -3.16 26.36 -14.95
CA VAL C 337 -3.09 27.03 -16.23
C VAL C 337 -4.50 27.10 -16.82
N GLU C 338 -4.85 28.26 -17.35
CA GLU C 338 -6.01 28.40 -18.22
C GLU C 338 -5.68 29.43 -19.30
N ILE C 339 -6.51 29.50 -20.35
CA ILE C 339 -6.25 30.45 -21.41
C ILE C 339 -6.44 31.87 -20.88
N SER C 340 -5.70 32.81 -21.48
CA SER C 340 -5.95 34.22 -21.33
C SER C 340 -7.05 34.63 -22.30
N THR C 341 -8.19 35.07 -21.75
CA THR C 341 -9.34 35.59 -22.49
C THR C 341 -8.90 36.67 -23.46
N SER C 342 -8.07 37.59 -22.96
CA SER C 342 -7.72 38.79 -23.71
C SER C 342 -6.66 38.50 -24.76
N GLN C 343 -5.75 37.54 -24.53
CA GLN C 343 -4.59 37.40 -25.41
C GLN C 343 -4.63 36.21 -26.35
N ILE C 344 -5.54 35.25 -26.15
CA ILE C 344 -5.45 34.04 -26.95
C ILE C 344 -5.70 34.34 -28.43
N VAL C 345 -6.70 35.17 -28.76
CA VAL C 345 -6.99 35.46 -30.15
C VAL C 345 -5.87 36.30 -30.78
N PRO C 346 -5.41 37.41 -30.17
CA PRO C 346 -4.24 38.12 -30.68
C PRO C 346 -3.02 37.23 -30.88
N TYR C 347 -2.81 36.27 -29.97
CA TYR C 347 -1.73 35.31 -30.08
C TYR C 347 -1.85 34.49 -31.35
N ILE C 348 -3.05 33.93 -31.61
CA ILE C 348 -3.26 33.10 -32.80
C ILE C 348 -3.07 33.94 -34.06
N LEU C 349 -3.56 35.18 -34.04
CA LEU C 349 -3.50 36.09 -35.18
C LEU C 349 -2.06 36.52 -35.45
N ASN C 350 -1.33 36.90 -34.40
CA ASN C 350 -0.05 37.56 -34.57
C ASN C 350 1.12 36.59 -34.50
N LYS C 351 1.07 35.61 -33.58
CA LYS C 351 2.18 34.71 -33.40
C LYS C 351 2.04 33.51 -34.33
N LEU C 352 0.82 32.99 -34.52
CA LEU C 352 0.64 31.86 -35.42
C LEU C 352 0.29 32.31 -36.84
N SER C 353 -0.12 33.58 -37.01
CA SER C 353 -0.51 34.12 -38.31
C SER C 353 -1.60 33.25 -38.95
N ASN C 354 -2.62 32.89 -38.15
CA ASN C 354 -3.67 32.00 -38.58
C ASN C 354 -5.04 32.68 -38.37
N VAL C 355 -5.50 33.41 -39.39
CA VAL C 355 -6.73 34.18 -39.29
C VAL C 355 -7.92 33.24 -39.12
N ALA C 356 -7.96 32.15 -39.90
CA ALA C 356 -9.06 31.21 -39.84
C ALA C 356 -9.21 30.61 -38.43
N LEU C 357 -8.08 30.20 -37.84
CA LEU C 357 -8.11 29.62 -36.51
C LEU C 357 -8.52 30.66 -35.46
N ALA C 358 -8.04 31.90 -35.61
CA ALA C 358 -8.41 32.99 -34.71
C ALA C 358 -9.93 33.18 -34.71
N LEU C 359 -10.54 33.13 -35.91
CA LEU C 359 -11.98 33.26 -36.04
C LEU C 359 -12.72 32.12 -35.35
N ILE C 360 -12.22 30.89 -35.50
CA ILE C 360 -12.84 29.73 -34.87
C ILE C 360 -12.85 29.90 -33.36
N VAL C 361 -11.71 30.24 -32.78
CA VAL C 361 -11.57 30.37 -31.35
C VAL C 361 -12.38 31.57 -30.84
N ALA C 362 -12.27 32.71 -31.52
CA ALA C 362 -13.01 33.91 -31.14
C ALA C 362 -14.51 33.66 -31.12
N THR C 363 -15.02 32.98 -32.16
CA THR C 363 -16.45 32.76 -32.35
C THR C 363 -16.97 31.78 -31.29
N ARG C 364 -16.25 30.67 -31.07
CA ARG C 364 -16.71 29.69 -30.11
C ARG C 364 -16.76 30.29 -28.71
N GLY C 365 -15.72 31.05 -28.34
CA GLY C 365 -15.56 31.49 -26.96
C GLY C 365 -16.16 32.85 -26.66
N GLY C 366 -16.61 33.56 -27.71
CA GLY C 366 -17.02 34.95 -27.59
C GLY C 366 -15.86 35.83 -27.10
N LEU C 367 -14.66 35.58 -27.63
CA LEU C 367 -13.46 36.23 -27.14
C LEU C 367 -13.13 37.46 -27.98
N PRO C 368 -12.42 38.46 -27.41
CA PRO C 368 -12.02 39.64 -28.16
C PRO C 368 -10.81 39.40 -29.05
N GLY C 369 -10.60 40.27 -30.04
CA GLY C 369 -9.37 40.33 -30.81
C GLY C 369 -9.55 40.07 -32.31
N ALA C 370 -10.78 39.78 -32.76
CA ALA C 370 -10.97 39.31 -34.13
C ALA C 370 -12.01 40.14 -34.87
N ASP C 371 -12.27 41.35 -34.38
CA ASP C 371 -13.31 42.20 -34.98
C ASP C 371 -12.81 42.79 -36.31
N ALA D 2 -35.19 17.14 -18.74
CA ALA D 2 -34.40 16.63 -19.87
C ALA D 2 -35.39 15.99 -20.84
N MET D 3 -34.98 14.97 -21.59
CA MET D 3 -35.66 14.62 -22.82
C MET D 3 -37.09 14.13 -22.58
N ALA D 4 -37.33 13.14 -21.69
CA ALA D 4 -38.71 12.67 -21.48
C ALA D 4 -39.51 13.73 -20.72
N MET D 5 -40.80 13.88 -21.02
CA MET D 5 -41.60 14.95 -20.43
C MET D 5 -41.64 14.84 -18.89
N SER D 6 -41.71 13.61 -18.35
CA SER D 6 -41.76 13.42 -16.90
C SER D 6 -40.45 13.85 -16.21
N ASP D 7 -39.36 14.02 -16.96
CA ASP D 7 -38.07 14.41 -16.39
C ASP D 7 -37.79 15.90 -16.52
N LEU D 8 -38.64 16.66 -17.22
CA LEU D 8 -38.43 18.09 -17.39
C LEU D 8 -38.37 18.75 -16.03
N PRO D 9 -37.47 19.74 -15.83
CA PRO D 9 -37.40 20.46 -14.58
C PRO D 9 -38.44 21.59 -14.45
N ILE D 10 -39.28 21.75 -15.49
CA ILE D 10 -40.32 22.77 -15.49
C ILE D 10 -41.68 22.10 -15.73
N GLU D 11 -42.74 22.81 -15.34
CA GLU D 11 -44.10 22.51 -15.74
C GLU D 11 -44.56 23.62 -16.68
N PHE D 12 -45.08 23.19 -17.82
CA PHE D 12 -45.63 24.06 -18.85
C PHE D 12 -47.15 23.91 -18.84
N THR D 13 -47.85 25.06 -18.92
CA THR D 13 -49.30 25.10 -18.97
C THR D 13 -49.76 26.16 -19.97
N GLU D 14 -50.68 25.79 -20.85
CA GLU D 14 -51.47 26.80 -21.57
C GLU D 14 -52.62 27.21 -20.66
N LEU D 15 -52.58 28.45 -20.15
CA LEU D 15 -53.61 28.96 -19.26
C LEU D 15 -54.92 29.21 -20.03
N VAL D 16 -54.84 29.78 -21.23
CA VAL D 16 -56.01 29.98 -22.07
C VAL D 16 -55.57 30.27 -23.49
N ASP D 17 -56.44 29.95 -24.45
CA ASP D 17 -56.31 30.39 -25.82
C ASP D 17 -57.32 31.51 -26.04
N LEU D 18 -56.82 32.74 -26.23
CA LEU D 18 -57.69 33.91 -26.26
C LEU D 18 -58.68 33.87 -27.42
N MET D 19 -58.23 33.31 -28.54
CA MET D 19 -59.03 33.13 -29.75
C MET D 19 -60.29 32.30 -29.47
N SER D 20 -60.19 31.38 -28.49
CA SER D 20 -61.30 30.53 -28.11
C SER D 20 -62.37 31.30 -27.33
N LEU D 21 -62.00 32.45 -26.76
CA LEU D 21 -62.95 33.24 -25.98
C LEU D 21 -63.69 34.21 -26.87
N GLY D 22 -63.26 34.31 -28.14
CA GLY D 22 -63.89 35.21 -29.10
C GLY D 22 -63.12 36.52 -29.27
N ILE D 23 -61.92 36.64 -28.70
CA ILE D 23 -61.11 37.82 -28.95
C ILE D 23 -60.52 37.72 -30.36
N SER D 24 -60.51 38.85 -31.07
CA SER D 24 -59.98 38.95 -32.41
C SER D 24 -58.46 39.06 -32.40
N PRO D 25 -57.75 38.36 -33.33
CA PRO D 25 -56.29 38.40 -33.37
C PRO D 25 -55.70 39.75 -33.70
N GLN D 26 -56.52 40.69 -34.22
CA GLN D 26 -55.99 41.99 -34.60
C GLN D 26 -55.60 42.80 -33.36
N PHE D 27 -56.09 42.42 -32.18
CA PHE D 27 -55.83 43.17 -30.95
C PHE D 27 -54.73 42.54 -30.11
N LEU D 28 -54.10 41.47 -30.63
CA LEU D 28 -53.04 40.80 -29.89
C LEU D 28 -51.70 41.51 -30.17
N ASP D 29 -51.44 42.60 -29.45
CA ASP D 29 -50.20 43.36 -29.57
C ASP D 29 -49.95 44.07 -28.25
N PHE D 30 -48.73 44.60 -28.09
CA PHE D 30 -48.26 45.17 -26.84
C PHE D 30 -49.16 46.29 -26.32
N ARG D 31 -49.69 47.12 -27.23
CA ARG D 31 -50.52 48.26 -26.82
C ARG D 31 -51.94 47.84 -26.47
N SER D 32 -52.49 46.80 -27.11
CA SER D 32 -53.91 46.48 -27.04
C SER D 32 -54.25 45.37 -26.05
N THR D 33 -53.35 44.40 -25.85
CA THR D 33 -53.61 43.28 -24.94
C THR D 33 -52.58 43.35 -23.81
N THR D 34 -53.03 43.71 -22.59
CA THR D 34 -52.12 44.01 -21.49
C THR D 34 -52.24 42.92 -20.43
N PHE D 35 -51.14 42.75 -19.68
CA PHE D 35 -50.95 41.60 -18.82
C PHE D 35 -50.08 42.00 -17.63
N GLU D 36 -50.70 42.40 -16.52
CA GLU D 36 -50.00 42.92 -15.36
C GLU D 36 -49.69 41.78 -14.37
N SER D 37 -50.47 40.71 -14.45
CA SER D 37 -50.28 39.54 -13.59
C SER D 37 -51.01 38.38 -14.25
N ASP D 38 -50.83 37.16 -13.72
CA ASP D 38 -51.52 36.01 -14.26
C ASP D 38 -52.97 35.96 -13.80
N HIS D 39 -53.46 37.00 -13.12
N HIS D 39 -53.50 36.98 -13.12
CA HIS D 39 -54.86 37.03 -12.72
CA HIS D 39 -55.02 37.00 -12.65
CA HIS D 39 -54.92 36.99 -12.74
C HIS D 39 -55.78 37.44 -13.89
C HIS D 39 -55.81 37.42 -13.91
N PHE D 40 -55.31 38.35 -14.77
CA PHE D 40 -56.15 38.96 -15.79
C PHE D 40 -55.38 39.24 -17.07
N VAL D 41 -56.10 39.15 -18.19
CA VAL D 41 -55.67 39.71 -19.48
C VAL D 41 -56.73 40.73 -19.88
N THR D 42 -56.32 41.91 -20.35
CA THR D 42 -57.24 42.96 -20.77
C THR D 42 -57.01 43.26 -22.24
N VAL D 43 -58.07 43.11 -23.03
CA VAL D 43 -57.99 43.34 -24.46
C VAL D 43 -58.84 44.56 -24.82
N ARG D 44 -58.17 45.58 -25.40
CA ARG D 44 -58.83 46.75 -25.94
C ARG D 44 -59.25 46.41 -27.37
N GLU D 45 -60.56 46.44 -27.62
CA GLU D 45 -61.15 46.08 -28.90
C GLU D 45 -61.71 47.34 -29.59
N THR D 46 -61.06 47.71 -30.70
CA THR D 46 -61.34 48.90 -31.51
C THR D 46 -62.07 48.49 -32.76
N ASN D 51 -66.15 50.72 -29.40
CA ASN D 51 -64.88 50.39 -28.68
C ASN D 51 -65.21 49.76 -27.33
N SER D 52 -64.54 48.64 -27.00
CA SER D 52 -64.85 47.91 -25.77
C SER D 52 -63.56 47.36 -25.17
N VAL D 53 -63.66 46.90 -23.93
CA VAL D 53 -62.57 46.20 -23.27
C VAL D 53 -63.10 44.84 -22.80
N ALA D 54 -62.33 43.77 -23.08
CA ALA D 54 -62.62 42.45 -22.58
C ALA D 54 -61.59 42.11 -21.50
N ILE D 55 -62.10 41.90 -20.28
CA ILE D 55 -61.29 41.48 -19.16
C ILE D 55 -61.46 39.97 -19.01
N VAL D 56 -60.37 39.21 -19.15
CA VAL D 56 -60.37 37.77 -19.02
C VAL D 56 -59.84 37.45 -17.62
N ASP D 57 -60.66 36.81 -16.77
CA ASP D 57 -60.27 36.52 -15.41
C ASP D 57 -59.69 35.10 -15.36
N LEU D 58 -58.36 35.00 -15.47
CA LEU D 58 -57.69 33.72 -15.53
C LEU D 58 -57.84 32.94 -14.25
N ALA D 59 -58.12 33.64 -13.14
CA ALA D 59 -58.24 33.01 -11.83
C ALA D 59 -59.65 32.50 -11.59
N LYS D 60 -60.59 32.81 -12.48
CA LYS D 60 -61.99 32.43 -12.33
C LYS D 60 -62.52 31.81 -13.62
N GLY D 61 -61.81 30.79 -14.10
CA GLY D 61 -62.27 29.98 -15.22
C GLY D 61 -62.30 30.76 -16.53
N ASN D 62 -61.47 31.80 -16.66
CA ASN D 62 -61.39 32.63 -17.86
C ASN D 62 -62.70 33.33 -18.16
N GLU D 63 -63.48 33.66 -17.12
CA GLU D 63 -64.70 34.47 -17.28
C GLU D 63 -64.33 35.81 -17.93
N VAL D 64 -65.11 36.19 -18.94
CA VAL D 64 -64.89 37.42 -19.70
C VAL D 64 -65.90 38.48 -19.24
N THR D 65 -65.40 39.66 -18.85
CA THR D 65 -66.25 40.82 -18.56
C THR D 65 -65.99 41.85 -19.65
N ARG D 66 -67.03 42.21 -20.43
CA ARG D 66 -66.89 43.17 -21.50
C ARG D 66 -67.57 44.47 -21.08
N LYS D 67 -66.90 45.60 -21.33
CA LYS D 67 -67.41 46.93 -21.00
C LYS D 67 -67.06 47.91 -22.12
N ASN D 68 -68.02 48.76 -22.50
CA ASN D 68 -67.74 49.81 -23.46
C ASN D 68 -66.77 50.81 -22.83
N MET D 69 -65.83 51.31 -23.64
CA MET D 69 -64.65 51.99 -23.14
C MET D 69 -63.81 52.41 -24.34
N GLY D 70 -63.24 53.62 -24.28
CA GLY D 70 -62.29 54.07 -25.27
C GLY D 70 -61.02 54.53 -24.56
N GLY D 71 -59.86 54.18 -25.12
CA GLY D 71 -58.65 54.77 -24.59
C GLY D 71 -57.44 54.43 -25.43
N ASP D 72 -56.30 54.91 -24.95
CA ASP D 72 -54.97 54.53 -25.39
C ASP D 72 -54.63 53.17 -24.75
N SER D 73 -55.09 52.93 -23.51
CA SER D 73 -54.61 51.81 -22.72
C SER D 73 -55.62 51.47 -21.64
N ALA D 74 -55.80 50.15 -21.40
CA ALA D 74 -56.53 49.65 -20.25
C ALA D 74 -55.75 48.51 -19.58
N ILE D 75 -55.56 48.62 -18.26
CA ILE D 75 -54.83 47.61 -17.50
C ILE D 75 -55.60 47.27 -16.22
N MET D 76 -55.48 46.01 -15.79
CA MET D 76 -56.08 45.54 -14.56
C MET D 76 -55.04 45.53 -13.44
N HIS D 77 -55.51 45.65 -12.20
CA HIS D 77 -54.69 45.48 -11.01
C HIS D 77 -54.12 44.07 -10.96
N PRO D 78 -52.96 43.83 -10.31
CA PRO D 78 -52.40 42.49 -10.20
C PRO D 78 -53.33 41.43 -9.57
N SER D 79 -54.26 41.81 -8.69
CA SER D 79 -55.06 40.84 -7.93
C SER D 79 -56.54 41.24 -7.84
N GLN D 80 -56.86 42.54 -7.87
CA GLN D 80 -58.22 43.02 -7.62
C GLN D 80 -58.88 43.44 -8.94
N MET D 81 -60.21 43.55 -8.90
CA MET D 81 -61.06 43.93 -10.01
C MET D 81 -61.10 45.45 -10.13
N VAL D 82 -59.91 46.01 -10.36
CA VAL D 82 -59.72 47.45 -10.44
C VAL D 82 -59.07 47.72 -11.79
N ILE D 83 -59.79 48.48 -12.64
CA ILE D 83 -59.32 48.76 -13.98
C ILE D 83 -58.85 50.21 -14.06
N SER D 84 -57.77 50.44 -14.81
CA SER D 84 -57.20 51.75 -15.03
C SER D 84 -57.25 52.02 -16.51
N VAL D 85 -57.81 53.16 -16.90
CA VAL D 85 -57.98 53.50 -18.30
C VAL D 85 -57.39 54.89 -18.52
N ARG D 86 -56.67 55.05 -19.63
CA ARG D 86 -56.15 56.36 -20.00
C ARG D 86 -56.54 56.64 -21.44
N ALA D 87 -56.82 57.91 -21.77
CA ALA D 87 -57.36 58.29 -23.06
C ALA D 87 -56.81 59.66 -23.43
N ASN D 88 -56.62 59.89 -24.73
CA ASN D 88 -56.22 61.19 -25.24
C ASN D 88 -54.97 61.70 -24.52
N GLY D 89 -54.04 60.80 -24.28
CA GLY D 89 -52.72 61.09 -23.72
C GLY D 89 -52.74 61.24 -22.20
N THR D 90 -53.59 62.15 -21.70
CA THR D 90 -53.44 62.72 -20.36
C THR D 90 -54.57 62.31 -19.42
N ILE D 91 -55.72 61.88 -19.93
CA ILE D 91 -56.90 61.73 -19.09
C ILE D 91 -56.88 60.32 -18.52
N VAL D 92 -56.99 60.21 -17.19
CA VAL D 92 -56.89 58.94 -16.48
C VAL D 92 -58.07 58.76 -15.55
N GLN D 93 -58.65 57.56 -15.56
CA GLN D 93 -59.62 57.16 -14.55
C GLN D 93 -59.34 55.71 -14.12
N ILE D 94 -59.54 55.46 -12.83
CA ILE D 94 -59.33 54.15 -12.24
C ILE D 94 -60.59 53.83 -11.46
N PHE D 95 -61.18 52.66 -11.70
CA PHE D 95 -62.44 52.26 -11.09
C PHE D 95 -62.31 50.88 -10.45
N ASN D 96 -62.94 50.71 -9.29
CA ASN D 96 -63.20 49.40 -8.73
C ASN D 96 -64.48 48.90 -9.38
N LEU D 97 -64.40 47.86 -10.23
CA LEU D 97 -65.55 47.37 -10.97
C LEU D 97 -66.57 46.65 -10.08
N GLU D 98 -66.13 46.17 -8.90
CA GLU D 98 -67.03 45.50 -7.97
C GLU D 98 -67.90 46.51 -7.21
N THR D 99 -67.27 47.51 -6.58
CA THR D 99 -67.97 48.50 -5.75
C THR D 99 -68.42 49.66 -6.63
N LYS D 100 -68.00 49.68 -7.90
CA LYS D 100 -68.38 50.71 -8.86
C LYS D 100 -67.70 52.03 -8.54
N SER D 101 -66.76 52.04 -7.59
CA SER D 101 -66.22 53.27 -7.03
C SER D 101 -65.07 53.81 -7.89
N LYS D 102 -65.01 55.13 -8.05
CA LYS D 102 -63.94 55.79 -8.78
C LYS D 102 -62.80 56.09 -7.81
N LEU D 103 -61.64 55.45 -8.00
CA LEU D 103 -60.53 55.56 -7.07
C LEU D 103 -59.67 56.77 -7.44
N LYS D 104 -59.51 57.02 -8.75
CA LYS D 104 -58.73 58.14 -9.25
C LYS D 104 -59.36 58.68 -10.53
N SER D 105 -59.24 60.00 -10.69
CA SER D 105 -59.69 60.69 -11.88
C SER D 105 -58.90 61.99 -11.98
N PHE D 106 -58.05 62.09 -13.00
CA PHE D 106 -57.22 63.27 -13.15
C PHE D 106 -56.73 63.39 -14.59
N THR D 107 -56.24 64.59 -14.93
CA THR D 107 -55.69 64.86 -16.24
C THR D 107 -54.26 65.33 -16.02
N LEU D 108 -53.32 64.66 -16.69
CA LEU D 108 -51.91 64.94 -16.54
C LEU D 108 -51.48 66.12 -17.40
N ASP D 109 -50.35 66.72 -17.03
CA ASP D 109 -49.77 67.83 -17.77
C ASP D 109 -49.11 67.31 -19.05
N GLU D 110 -48.44 66.14 -18.96
CA GLU D 110 -47.73 65.52 -20.06
C GLU D 110 -48.43 64.21 -20.44
N PRO D 111 -48.48 63.83 -21.72
CA PRO D 111 -49.07 62.57 -22.13
C PRO D 111 -48.35 61.34 -21.56
N VAL D 112 -49.13 60.36 -21.12
CA VAL D 112 -48.57 59.10 -20.63
C VAL D 112 -48.21 58.26 -21.86
N ILE D 113 -46.99 57.72 -21.88
CA ILE D 113 -46.59 56.81 -22.96
C ILE D 113 -46.41 55.39 -22.44
N PHE D 114 -46.36 55.19 -21.12
CA PHE D 114 -46.28 53.84 -20.58
C PHE D 114 -46.78 53.84 -19.15
N TRP D 115 -47.41 52.75 -18.72
CA TRP D 115 -47.72 52.58 -17.30
C TRP D 115 -47.74 51.11 -16.93
N ARG D 116 -47.60 50.86 -15.63
CA ARG D 116 -47.57 49.51 -15.09
C ARG D 116 -47.78 49.58 -13.57
N TRP D 117 -48.46 48.57 -13.01
CA TRP D 117 -48.50 48.44 -11.57
C TRP D 117 -47.11 48.06 -11.03
N LEU D 118 -46.60 48.86 -10.10
CA LEU D 118 -45.29 48.62 -9.50
C LEU D 118 -45.42 47.67 -8.31
N SER D 119 -46.60 47.71 -7.67
CA SER D 119 -46.92 46.92 -6.49
C SER D 119 -48.43 46.83 -6.43
N GLU D 120 -48.98 46.21 -5.39
CA GLU D 120 -50.41 46.13 -5.19
C GLU D 120 -51.02 47.48 -4.83
N THR D 121 -50.19 48.46 -4.42
CA THR D 121 -50.72 49.74 -3.99
C THR D 121 -50.38 50.85 -4.99
N THR D 122 -49.36 50.66 -5.84
CA THR D 122 -48.73 51.78 -6.54
C THR D 122 -48.72 51.55 -8.04
N LEU D 123 -49.27 52.54 -8.78
CA LEU D 123 -49.21 52.57 -10.23
C LEU D 123 -48.12 53.50 -10.73
N GLY D 124 -47.30 52.98 -11.67
CA GLY D 124 -46.20 53.74 -12.24
C GLY D 124 -46.58 54.32 -13.60
N PHE D 125 -46.16 55.56 -13.87
CA PHE D 125 -46.40 56.24 -15.14
C PHE D 125 -45.08 56.74 -15.71
N VAL D 126 -44.94 56.66 -17.05
CA VAL D 126 -43.83 57.26 -17.76
C VAL D 126 -44.40 58.17 -18.84
N THR D 127 -43.95 59.44 -18.85
CA THR D 127 -44.28 60.39 -19.91
C THR D 127 -43.06 60.52 -20.81
N ALA D 128 -43.12 61.45 -21.79
CA ALA D 128 -41.98 61.75 -22.63
C ALA D 128 -40.79 62.22 -21.80
N ARG D 129 -41.03 62.89 -20.67
CA ARG D 129 -39.98 63.54 -19.92
C ARG D 129 -39.83 63.02 -18.48
N SER D 130 -40.87 62.38 -17.92
CA SER D 130 -40.96 62.20 -16.48
C SER D 130 -41.38 60.77 -16.10
N ILE D 131 -41.04 60.40 -14.86
CA ILE D 131 -41.44 59.14 -14.25
C ILE D 131 -42.21 59.47 -12.97
N LEU D 132 -43.42 58.93 -12.82
CA LEU D 132 -44.32 59.27 -11.72
C LEU D 132 -44.95 58.02 -11.11
N THR D 133 -45.48 58.16 -9.89
CA THR D 133 -46.18 57.08 -9.22
C THR D 133 -47.43 57.63 -8.56
N SER D 134 -48.45 56.77 -8.45
CA SER D 134 -49.68 57.08 -7.73
C SER D 134 -49.98 56.01 -6.68
N ASN D 135 -50.27 56.44 -5.46
CA ASN D 135 -50.89 55.56 -4.46
C ASN D 135 -52.38 55.51 -4.74
N VAL D 136 -52.80 54.54 -5.55
CA VAL D 136 -54.14 54.51 -6.11
C VAL D 136 -55.22 54.38 -5.04
N PHE D 137 -54.91 53.73 -3.93
CA PHE D 137 -55.90 53.44 -2.91
C PHE D 137 -55.83 54.39 -1.71
N ASP D 138 -55.35 55.63 -1.93
CA ASP D 138 -55.14 56.57 -0.85
C ASP D 138 -56.40 57.37 -0.55
N GLY D 139 -57.41 57.33 -1.42
CA GLY D 139 -58.67 58.00 -1.19
C GLY D 139 -58.70 59.47 -1.65
N ASN D 140 -57.63 59.97 -2.27
CA ASN D 140 -57.64 61.30 -2.86
C ASN D 140 -57.87 61.18 -4.35
N VAL D 141 -59.15 61.21 -4.77
CA VAL D 141 -59.54 60.79 -6.11
C VAL D 141 -58.89 61.70 -7.16
N ASN D 142 -58.74 62.98 -6.86
CA ASN D 142 -58.30 63.93 -7.86
C ASN D 142 -56.82 64.22 -7.79
N ALA D 143 -56.11 63.61 -6.84
CA ALA D 143 -54.68 63.87 -6.68
C ALA D 143 -53.90 63.24 -7.85
N LYS D 144 -53.11 64.07 -8.53
CA LYS D 144 -52.30 63.64 -9.66
C LYS D 144 -51.13 62.80 -9.17
N PRO D 145 -50.50 61.98 -10.06
CA PRO D 145 -49.30 61.24 -9.70
C PRO D 145 -48.16 62.16 -9.27
N GLN D 146 -47.36 61.65 -8.35
CA GLN D 146 -46.21 62.38 -7.83
C GLN D 146 -45.00 62.07 -8.68
N LEU D 147 -44.24 63.12 -9.00
CA LEU D 147 -43.00 63.00 -9.74
C LEU D 147 -42.01 62.18 -8.92
N LEU D 148 -41.43 61.15 -9.53
CA LEU D 148 -40.39 60.35 -8.90
C LEU D 148 -39.04 60.96 -9.32
N THR D 149 -38.83 61.07 -10.64
CA THR D 149 -37.64 61.70 -11.21
C THR D 149 -37.87 61.96 -12.69
N LEU D 150 -36.99 62.77 -13.30
CA LEU D 150 -36.99 62.95 -14.74
C LEU D 150 -36.34 61.76 -15.44
N ARG D 151 -36.79 61.48 -16.66
CA ARG D 151 -36.18 60.44 -17.46
C ARG D 151 -34.74 60.83 -17.80
N HIS D 152 -33.86 59.83 -17.88
CA HIS D 152 -32.49 60.01 -18.32
C HIS D 152 -32.43 60.10 -19.83
N ALA D 153 -31.44 60.82 -20.37
CA ALA D 153 -31.29 61.01 -21.81
C ALA D 153 -31.00 59.70 -22.54
N ASN D 154 -30.49 58.68 -21.84
CA ASN D 154 -30.19 57.39 -22.46
C ASN D 154 -31.49 56.71 -22.95
N LEU D 155 -32.65 57.14 -22.43
CA LEU D 155 -33.94 56.60 -22.82
C LEU D 155 -34.54 57.42 -23.97
N ASN D 156 -33.83 58.46 -24.44
CA ASN D 156 -34.34 59.26 -25.55
C ASN D 156 -34.51 58.37 -26.79
N ASN D 157 -35.64 58.54 -27.47
CA ASN D 157 -35.92 57.88 -28.73
C ASN D 157 -36.11 56.38 -28.56
N THR D 158 -36.41 55.93 -27.33
CA THR D 158 -36.69 54.53 -27.08
C THR D 158 -38.20 54.36 -27.01
N GLN D 159 -38.64 53.11 -27.22
CA GLN D 159 -39.98 52.70 -26.82
C GLN D 159 -39.89 52.19 -25.39
N ILE D 160 -40.62 52.83 -24.47
CA ILE D 160 -40.62 52.40 -23.08
C ILE D 160 -41.44 51.12 -22.98
N ILE D 161 -40.86 50.05 -22.41
CA ILE D 161 -41.52 48.75 -22.41
C ILE D 161 -41.65 48.17 -21.01
N ASN D 162 -41.02 48.75 -19.98
CA ASN D 162 -41.19 48.26 -18.62
C ASN D 162 -40.82 49.34 -17.60
N PHE D 163 -41.43 49.19 -16.41
CA PHE D 163 -41.14 50.01 -15.24
C PHE D 163 -41.37 49.13 -14.03
N VAL D 164 -40.30 48.86 -13.28
CA VAL D 164 -40.31 47.91 -12.18
C VAL D 164 -39.75 48.61 -10.93
N ALA D 165 -40.07 48.04 -9.77
CA ALA D 165 -39.62 48.57 -8.49
C ALA D 165 -39.35 47.42 -7.52
N ASN D 166 -38.63 47.73 -6.44
CA ASN D 166 -38.44 46.80 -5.35
C ASN D 166 -39.68 46.88 -4.45
N LYS D 167 -39.78 45.93 -3.52
CA LYS D 167 -40.88 45.85 -2.57
C LYS D 167 -40.91 47.10 -1.68
N ASN D 168 -39.76 47.69 -1.35
CA ASN D 168 -39.72 48.86 -0.51
C ASN D 168 -40.14 50.13 -1.25
N LEU D 169 -40.30 50.06 -2.58
CA LEU D 169 -40.63 51.22 -3.40
C LEU D 169 -39.62 52.36 -3.20
N ASP D 170 -38.33 52.02 -3.17
CA ASP D 170 -37.30 53.06 -3.15
C ASP D 170 -36.20 52.78 -4.18
N TRP D 171 -36.31 51.69 -4.92
CA TRP D 171 -35.49 51.45 -6.11
C TRP D 171 -36.41 51.14 -7.30
N PHE D 172 -36.02 51.68 -8.47
CA PHE D 172 -36.88 51.66 -9.65
C PHE D 172 -36.02 51.50 -10.89
N ALA D 173 -36.61 50.89 -11.93
CA ALA D 173 -35.95 50.79 -13.22
C ALA D 173 -36.99 50.95 -14.34
N VAL D 174 -36.63 51.78 -15.33
CA VAL D 174 -37.40 51.96 -16.54
C VAL D 174 -36.60 51.40 -17.72
N VAL D 175 -37.26 50.63 -18.58
CA VAL D 175 -36.61 49.97 -19.70
C VAL D 175 -37.17 50.53 -21.00
N GLY D 176 -36.27 50.87 -21.93
CA GLY D 176 -36.67 51.24 -23.28
C GLY D 176 -35.82 50.51 -24.31
N ILE D 177 -36.37 50.33 -25.52
CA ILE D 177 -35.69 49.66 -26.61
C ILE D 177 -35.66 50.58 -27.81
N LEU D 178 -34.63 50.43 -28.64
CA LEU D 178 -34.49 51.20 -29.87
C LEU D 178 -33.72 50.35 -30.87
N GLN D 179 -33.85 50.70 -32.17
CA GLN D 179 -33.11 50.04 -33.22
C GLN D 179 -31.70 50.60 -33.28
N GLU D 180 -30.72 49.69 -33.38
CA GLU D 180 -29.31 50.06 -33.41
C GLU D 180 -28.54 48.95 -34.10
N ASN D 181 -27.80 49.32 -35.15
CA ASN D 181 -26.95 48.39 -35.89
C ASN D 181 -27.81 47.30 -36.53
N GLY D 182 -29.06 47.62 -36.92
CA GLY D 182 -29.99 46.66 -37.48
C GLY D 182 -30.54 45.66 -36.44
N ARG D 183 -30.33 45.92 -35.15
CA ARG D 183 -30.78 45.03 -34.09
C ARG D 183 -31.61 45.85 -33.10
N ILE D 184 -32.20 45.20 -32.11
CA ILE D 184 -32.86 45.89 -31.03
C ILE D 184 -31.92 46.00 -29.83
N ALA D 185 -31.58 47.23 -29.44
CA ALA D 185 -30.80 47.49 -28.24
C ALA D 185 -31.72 47.87 -27.09
N GLY D 186 -31.29 47.56 -25.86
CA GLY D 186 -32.05 47.88 -24.67
C GLY D 186 -31.30 48.91 -23.81
N ARG D 187 -32.05 49.86 -23.24
CA ARG D 187 -31.50 50.85 -22.32
C ARG D 187 -32.32 50.85 -21.04
N ILE D 188 -31.65 51.02 -19.89
CA ILE D 188 -32.31 51.00 -18.60
C ILE D 188 -31.86 52.22 -17.79
N GLN D 189 -32.85 52.89 -17.19
CA GLN D 189 -32.58 53.91 -16.18
C GLN D 189 -32.89 53.29 -14.82
N LEU D 190 -31.87 53.18 -13.98
CA LEU D 190 -32.00 52.73 -12.61
C LEU D 190 -32.03 53.96 -11.71
N PHE D 191 -32.97 53.99 -10.75
CA PHE D 191 -33.11 55.14 -9.89
C PHE D 191 -33.22 54.70 -8.43
N SER D 192 -32.36 55.28 -7.58
CA SER D 192 -32.45 55.15 -6.14
C SER D 192 -33.14 56.39 -5.58
N LYS D 193 -34.33 56.18 -5.00
CA LYS D 193 -35.10 57.27 -4.44
C LYS D 193 -34.39 57.84 -3.21
N GLN D 194 -33.81 56.98 -2.38
CA GLN D 194 -33.15 57.44 -1.16
C GLN D 194 -31.96 58.34 -1.52
N ARG D 195 -31.22 58.00 -2.58
CA ARG D 195 -30.05 58.77 -2.97
C ARG D 195 -30.39 59.88 -3.96
N ASN D 196 -31.58 59.79 -4.58
CA ASN D 196 -32.01 60.72 -5.63
C ASN D 196 -31.00 60.74 -6.79
N ILE D 197 -30.54 59.54 -7.20
CA ILE D 197 -29.55 59.36 -8.26
C ILE D 197 -30.08 58.33 -9.24
N SER D 198 -29.85 58.58 -10.55
CA SER D 198 -30.10 57.63 -11.62
C SER D 198 -28.79 57.10 -12.16
N GLN D 199 -28.81 55.90 -12.75
CA GLN D 199 -27.70 55.37 -13.53
C GLN D 199 -28.24 54.76 -14.82
N ALA D 200 -27.57 55.04 -15.94
CA ALA D 200 -27.93 54.52 -17.25
C ALA D 200 -27.11 53.27 -17.50
N ILE D 201 -27.78 52.16 -17.82
CA ILE D 201 -27.11 50.92 -18.14
C ILE D 201 -27.75 50.32 -19.40
N ASP D 202 -27.06 49.37 -20.02
CA ASP D 202 -27.58 48.64 -21.15
C ASP D 202 -28.31 47.40 -20.66
N GLY D 203 -29.54 47.19 -21.16
CA GLY D 203 -30.30 45.99 -20.86
C GLY D 203 -31.68 46.02 -21.49
N HIS D 204 -32.21 44.83 -21.78
CA HIS D 204 -33.54 44.64 -22.34
C HIS D 204 -34.59 44.32 -21.28
N VAL D 205 -34.15 43.74 -20.15
CA VAL D 205 -35.09 43.26 -19.12
C VAL D 205 -34.51 43.59 -17.76
N ALA D 206 -35.42 43.76 -16.78
CA ALA D 206 -35.00 44.10 -15.42
C ALA D 206 -36.04 43.65 -14.39
N ILE D 207 -35.52 43.32 -13.19
CA ILE D 207 -36.38 43.05 -12.03
C ILE D 207 -35.55 43.19 -10.75
N PHE D 208 -36.23 43.58 -9.67
CA PHE D 208 -35.68 43.59 -8.33
C PHE D 208 -36.17 42.37 -7.57
N THR D 209 -35.30 41.74 -6.77
CA THR D 209 -35.71 40.58 -6.00
C THR D 209 -34.83 40.51 -4.73
N ASN D 210 -35.02 39.42 -3.99
CA ASN D 210 -34.40 39.23 -2.70
C ASN D 210 -33.87 37.80 -2.61
N ILE D 211 -32.79 37.61 -1.83
CA ILE D 211 -32.24 36.28 -1.62
C ILE D 211 -31.79 36.13 -0.17
N LEU D 212 -32.15 34.98 0.41
CA LEU D 212 -31.63 34.59 1.71
C LEU D 212 -30.37 33.76 1.52
N LEU D 213 -29.23 34.27 1.99
CA LEU D 213 -27.93 33.59 1.88
C LEU D 213 -27.58 32.92 3.20
N GLU D 214 -26.87 31.80 3.10
CA GLU D 214 -26.38 31.06 4.25
C GLU D 214 -25.61 32.01 5.15
N GLY D 215 -25.94 32.03 6.45
CA GLY D 215 -25.30 32.89 7.42
C GLY D 215 -26.07 34.20 7.72
N ASN D 216 -27.02 34.56 6.86
CA ASN D 216 -27.79 35.79 6.99
C ASN D 216 -29.16 35.51 7.60
N GLY D 217 -29.46 34.24 7.94
CA GLY D 217 -30.71 33.88 8.58
C GLY D 217 -31.91 34.23 7.69
N SER D 218 -32.79 35.09 8.24
CA SER D 218 -33.99 35.51 7.55
C SER D 218 -33.86 36.95 7.07
N THR D 219 -32.66 37.54 7.13
CA THR D 219 -32.43 38.87 6.55
C THR D 219 -32.05 38.74 5.06
N PRO D 220 -32.88 39.28 4.15
CA PRO D 220 -32.60 39.16 2.73
C PRO D 220 -31.54 40.15 2.30
N VAL D 221 -30.90 39.81 1.19
CA VAL D 221 -30.08 40.75 0.45
C VAL D 221 -30.88 41.09 -0.80
N GLN D 222 -30.91 42.38 -1.18
CA GLN D 222 -31.57 42.78 -2.41
C GLN D 222 -30.62 42.68 -3.60
N VAL D 223 -31.14 42.14 -4.72
CA VAL D 223 -30.36 42.06 -5.93
C VAL D 223 -31.22 42.61 -7.08
N PHE D 224 -30.52 43.19 -8.06
CA PHE D 224 -31.08 43.64 -9.32
C PHE D 224 -30.65 42.64 -10.39
N VAL D 225 -31.61 42.11 -11.13
CA VAL D 225 -31.37 41.13 -12.17
C VAL D 225 -31.68 41.80 -13.51
N THR D 226 -30.76 41.66 -14.47
CA THR D 226 -30.91 42.32 -15.74
C THR D 226 -30.37 41.40 -16.83
N GLY D 227 -30.99 41.47 -18.01
CA GLY D 227 -30.54 40.68 -19.13
C GLY D 227 -30.37 41.60 -20.33
N ASN D 228 -29.32 41.33 -21.12
CA ASN D 228 -28.94 42.19 -22.22
C ASN D 228 -28.48 41.35 -23.41
N ARG D 229 -28.76 41.84 -24.61
CA ARG D 229 -28.09 41.35 -25.80
C ARG D 229 -27.43 42.53 -26.51
N ASN D 230 -26.10 42.48 -26.59
CA ASN D 230 -25.29 43.52 -27.20
C ASN D 230 -25.64 43.59 -28.69
N ALA D 231 -26.07 44.78 -29.16
CA ALA D 231 -26.53 44.95 -30.54
C ALA D 231 -25.38 44.91 -31.56
N THR D 232 -24.13 45.11 -31.10
CA THR D 232 -22.96 45.09 -31.98
C THR D 232 -22.40 43.67 -32.07
N THR D 233 -22.24 42.99 -30.93
CA THR D 233 -21.51 41.72 -30.88
C THR D 233 -22.48 40.54 -30.89
N GLY D 234 -23.74 40.78 -30.51
CA GLY D 234 -24.71 39.71 -30.41
C GLY D 234 -24.60 38.95 -29.09
N ALA D 235 -23.66 39.34 -28.22
CA ALA D 235 -23.43 38.63 -26.97
C ALA D 235 -24.56 38.86 -25.97
N GLY D 236 -25.09 37.76 -25.41
CA GLY D 236 -26.17 37.83 -24.43
C GLY D 236 -25.62 37.64 -23.03
N GLU D 237 -26.08 38.45 -22.08
CA GLU D 237 -25.53 38.42 -20.74
C GLU D 237 -26.61 38.69 -19.70
N LEU D 238 -26.70 37.81 -18.70
CA LEU D 238 -27.48 38.02 -17.49
C LEU D 238 -26.56 38.50 -16.38
N ARG D 239 -26.96 39.56 -15.68
CA ARG D 239 -26.19 40.06 -14.55
C ARG D 239 -27.09 40.12 -13.30
N ILE D 240 -26.50 39.71 -12.17
CA ILE D 240 -27.19 39.79 -10.88
C ILE D 240 -26.27 40.53 -9.92
N ILE D 241 -26.77 41.65 -9.38
CA ILE D 241 -25.92 42.57 -8.64
C ILE D 241 -26.63 43.05 -7.38
N GLU D 242 -25.91 43.05 -6.27
CA GLU D 242 -26.45 43.51 -5.00
C GLU D 242 -26.73 45.01 -5.04
N ILE D 243 -27.82 45.42 -4.36
CA ILE D 243 -28.07 46.81 -4.06
C ILE D 243 -28.23 46.94 -2.55
N ASP D 244 -27.89 48.13 -2.05
CA ASP D 244 -28.01 48.49 -0.65
C ASP D 244 -27.26 47.47 0.21
N HIS D 245 -25.97 47.33 -0.10
CA HIS D 245 -25.07 46.43 0.60
C HIS D 245 -25.08 46.71 2.10
N ASP D 246 -25.31 45.67 2.89
CA ASP D 246 -25.25 45.74 4.34
C ASP D 246 -24.01 45.01 4.85
N ALA D 247 -22.98 45.79 5.19
CA ALA D 247 -21.69 45.25 5.58
C ALA D 247 -21.78 44.59 6.96
N SER D 248 -22.87 44.86 7.72
CA SER D 248 -23.11 44.17 8.99
C SER D 248 -23.44 42.69 8.79
N LEU D 249 -23.87 42.27 7.58
CA LEU D 249 -24.30 40.89 7.35
C LEU D 249 -23.12 39.95 7.11
N PRO D 250 -23.12 38.72 7.67
CA PRO D 250 -22.07 37.73 7.42
C PRO D 250 -21.81 37.35 5.97
N SER D 251 -22.88 37.27 5.16
CA SER D 251 -22.78 36.84 3.77
C SER D 251 -23.15 38.00 2.83
N GLN D 252 -22.30 38.21 1.81
CA GLN D 252 -22.48 39.24 0.81
C GLN D 252 -22.89 38.58 -0.50
N TYR D 253 -23.61 39.30 -1.36
CA TYR D 253 -23.97 38.75 -2.67
C TYR D 253 -22.90 39.22 -3.66
N GLN D 254 -22.02 38.30 -4.08
CA GLN D 254 -20.99 38.58 -5.09
C GLN D 254 -21.65 38.62 -6.47
N LYS D 255 -21.32 39.65 -7.25
CA LYS D 255 -21.93 39.86 -8.56
C LYS D 255 -21.79 38.59 -9.40
N GLU D 256 -22.86 38.18 -10.09
CA GLU D 256 -22.78 37.06 -11.00
C GLU D 256 -23.10 37.54 -12.41
N THR D 257 -22.37 36.99 -13.38
CA THR D 257 -22.62 37.21 -14.79
C THR D 257 -22.69 35.85 -15.49
N THR D 258 -23.69 35.66 -16.35
CA THR D 258 -23.88 34.40 -17.06
C THR D 258 -24.22 34.72 -18.51
N ASP D 259 -23.73 33.89 -19.42
CA ASP D 259 -24.11 33.99 -20.83
C ASP D 259 -25.60 33.66 -20.99
N ILE D 260 -26.24 34.37 -21.90
CA ILE D 260 -27.56 34.03 -22.41
C ILE D 260 -27.36 33.47 -23.81
N PHE D 261 -27.67 32.17 -23.99
CA PHE D 261 -27.41 31.48 -25.23
C PHE D 261 -28.42 31.92 -26.30
N PHE D 262 -27.92 32.21 -27.50
CA PHE D 262 -28.77 32.49 -28.65
C PHE D 262 -28.28 31.56 -29.75
N PRO D 263 -29.11 30.66 -30.32
CA PRO D 263 -28.66 29.78 -31.39
C PRO D 263 -28.26 30.57 -32.63
N PRO D 264 -27.49 29.96 -33.55
CA PRO D 264 -26.99 30.65 -34.74
C PRO D 264 -28.05 31.33 -35.61
N ASP D 265 -29.27 30.76 -35.62
CA ASP D 265 -30.33 31.21 -36.50
C ASP D 265 -31.25 32.22 -35.80
N ALA D 266 -30.85 32.73 -34.61
CA ALA D 266 -31.71 33.61 -33.83
C ALA D 266 -31.13 35.03 -33.73
N THR D 267 -30.60 35.51 -34.85
CA THR D 267 -29.84 36.75 -34.91
C THR D 267 -30.61 37.95 -34.34
N ASN D 268 -31.95 38.01 -34.57
CA ASN D 268 -32.70 39.19 -34.19
C ASN D 268 -33.53 38.99 -32.92
N ASP D 269 -33.26 37.90 -32.22
CA ASP D 269 -33.93 37.66 -30.94
C ASP D 269 -33.25 38.47 -29.83
N PHE D 270 -33.97 38.73 -28.73
CA PHE D 270 -33.42 39.42 -27.58
C PHE D 270 -34.31 39.10 -26.35
N PRO D 271 -33.84 39.35 -25.10
CA PRO D 271 -34.68 39.14 -23.92
C PRO D 271 -35.90 40.07 -23.90
N ILE D 272 -37.08 39.50 -23.60
CA ILE D 272 -38.31 40.27 -23.57
C ILE D 272 -38.89 40.30 -22.17
N ALA D 273 -38.57 39.32 -21.31
CA ALA D 273 -39.07 39.35 -19.95
C ALA D 273 -38.12 38.60 -19.01
N VAL D 274 -38.17 39.02 -17.75
CA VAL D 274 -37.51 38.33 -16.67
C VAL D 274 -38.45 38.34 -15.47
N GLN D 275 -38.65 37.15 -14.88
CA GLN D 275 -39.36 37.04 -13.62
C GLN D 275 -38.55 36.16 -12.70
N VAL D 276 -38.78 36.28 -11.39
CA VAL D 276 -37.98 35.58 -10.39
C VAL D 276 -38.91 34.99 -9.33
N SER D 277 -38.69 33.70 -9.01
CA SER D 277 -39.24 33.11 -7.81
C SER D 277 -38.32 33.40 -6.62
N GLU D 278 -38.77 34.25 -5.71
CA GLU D 278 -38.01 34.51 -4.50
C GLU D 278 -37.88 33.24 -3.65
N LYS D 279 -38.99 32.54 -3.49
CA LYS D 279 -39.02 31.35 -2.63
C LYS D 279 -37.98 30.33 -3.07
N TYR D 280 -37.86 30.05 -4.38
CA TYR D 280 -37.04 28.96 -4.88
C TYR D 280 -35.68 29.47 -5.38
N GLY D 281 -35.54 30.78 -5.51
CA GLY D 281 -34.33 31.37 -6.06
C GLY D 281 -34.08 30.96 -7.51
N ILE D 282 -35.08 31.17 -8.37
CA ILE D 282 -35.01 30.79 -9.77
C ILE D 282 -35.35 32.01 -10.62
N ILE D 283 -34.51 32.30 -11.61
CA ILE D 283 -34.74 33.33 -12.59
C ILE D 283 -35.28 32.69 -13.85
N TYR D 284 -36.38 33.24 -14.39
CA TYR D 284 -36.95 32.85 -15.67
C TYR D 284 -36.76 34.01 -16.64
N LEU D 285 -35.98 33.76 -17.72
CA LEU D 285 -35.74 34.76 -18.73
C LEU D 285 -36.33 34.26 -20.04
N LEU D 286 -37.20 35.08 -20.62
CA LEU D 286 -37.90 34.76 -21.85
C LEU D 286 -37.38 35.65 -22.96
N THR D 287 -37.15 35.08 -24.15
CA THR D 287 -36.79 35.87 -25.31
C THR D 287 -38.03 36.13 -26.17
N LYS D 288 -37.93 37.14 -27.04
CA LYS D 288 -39.02 37.48 -27.94
C LYS D 288 -39.43 36.29 -28.81
N TYR D 289 -38.46 35.51 -29.28
CA TYR D 289 -38.74 34.40 -30.19
C TYR D 289 -39.22 33.15 -29.44
N GLY D 290 -39.33 33.21 -28.11
CA GLY D 290 -40.06 32.21 -27.34
C GLY D 290 -39.19 31.22 -26.58
N PHE D 291 -37.88 31.52 -26.40
CA PHE D 291 -37.01 30.65 -25.63
C PHE D 291 -37.07 31.03 -24.15
N ILE D 292 -37.16 30.02 -23.28
CA ILE D 292 -37.12 30.20 -21.84
C ILE D 292 -35.75 29.73 -21.37
N HIS D 293 -35.15 30.52 -20.49
CA HIS D 293 -33.86 30.22 -19.88
C HIS D 293 -34.06 30.30 -18.36
N LEU D 294 -33.67 29.24 -17.65
CA LEU D 294 -33.75 29.22 -16.20
C LEU D 294 -32.34 29.40 -15.64
N TYR D 295 -32.22 30.21 -14.58
CA TYR D 295 -30.97 30.40 -13.88
C TYR D 295 -31.22 30.31 -12.38
N GLU D 296 -30.23 29.77 -11.65
CA GLU D 296 -30.32 29.75 -10.21
C GLU D 296 -29.84 31.14 -9.73
N LEU D 297 -30.56 31.70 -8.73
CA LEU D 297 -30.37 33.10 -8.32
C LEU D 297 -29.06 33.30 -7.57
N GLU D 298 -28.67 32.35 -6.71
CA GLU D 298 -27.48 32.52 -5.88
C GLU D 298 -26.19 32.54 -6.70
N THR D 299 -26.09 31.62 -7.68
CA THR D 299 -24.85 31.37 -8.42
C THR D 299 -24.91 31.94 -9.83
N GLY D 300 -26.12 32.24 -10.34
CA GLY D 300 -26.30 32.64 -11.72
C GLY D 300 -26.25 31.46 -12.71
N THR D 301 -26.16 30.22 -12.20
CA THR D 301 -25.96 29.06 -13.07
C THR D 301 -27.17 28.85 -13.98
N ASN D 302 -26.89 28.63 -15.27
CA ASN D 302 -27.92 28.35 -16.26
C ASN D 302 -28.36 26.90 -16.10
N LEU D 303 -29.63 26.67 -15.75
CA LEU D 303 -30.12 25.35 -15.42
C LEU D 303 -30.65 24.64 -16.66
N PHE D 304 -31.31 25.39 -17.54
CA PHE D 304 -32.17 24.80 -18.55
C PHE D 304 -32.50 25.86 -19.60
N VAL D 305 -32.57 25.45 -20.86
CA VAL D 305 -33.03 26.29 -21.95
C VAL D 305 -33.97 25.43 -22.80
N ASN D 306 -35.08 26.01 -23.26
CA ASN D 306 -36.07 25.29 -24.05
C ASN D 306 -36.88 26.30 -24.85
N ARG D 307 -37.58 25.85 -25.88
CA ARG D 307 -38.44 26.75 -26.63
C ARG D 307 -39.89 26.52 -26.21
N ILE D 308 -40.53 27.51 -25.57
CA ILE D 308 -41.90 27.34 -25.13
C ILE D 308 -42.92 27.81 -26.18
N THR D 309 -42.55 28.73 -27.08
CA THR D 309 -43.42 29.13 -28.17
C THR D 309 -42.59 29.46 -29.41
N ALA D 310 -43.17 29.22 -30.58
CA ALA D 310 -42.53 29.56 -31.85
C ALA D 310 -43.03 30.91 -32.33
N GLU D 311 -44.31 31.20 -32.07
CA GLU D 311 -44.87 32.51 -32.31
C GLU D 311 -44.30 33.48 -31.28
N SER D 312 -44.03 34.73 -31.68
CA SER D 312 -43.33 35.69 -30.84
C SER D 312 -44.12 36.00 -29.56
N VAL D 313 -43.39 36.26 -28.47
CA VAL D 313 -43.95 36.80 -27.25
C VAL D 313 -44.02 38.32 -27.36
N PHE D 314 -45.13 38.93 -26.92
CA PHE D 314 -45.25 40.39 -26.90
C PHE D 314 -45.41 40.93 -25.48
N THR D 315 -45.71 40.09 -24.47
CA THR D 315 -45.82 40.55 -23.10
C THR D 315 -45.68 39.35 -22.15
N ALA D 316 -45.44 39.64 -20.87
CA ALA D 316 -45.22 38.62 -19.85
C ALA D 316 -45.51 39.19 -18.47
N ALA D 317 -45.64 38.32 -17.48
CA ALA D 317 -45.99 38.70 -16.12
C ALA D 317 -45.62 37.58 -15.16
N PRO D 318 -45.62 37.82 -13.84
CA PRO D 318 -45.46 36.74 -12.89
C PRO D 318 -46.59 35.74 -12.97
N TYR D 319 -46.29 34.49 -12.61
CA TYR D 319 -47.26 33.42 -12.59
C TYR D 319 -47.22 32.72 -11.23
N ASN D 320 -48.40 32.38 -10.70
CA ASN D 320 -48.58 31.51 -9.55
C ASN D 320 -47.87 32.08 -8.30
N HIS D 321 -48.39 33.21 -7.83
CA HIS D 321 -47.90 33.88 -6.66
C HIS D 321 -46.42 34.20 -6.86
N GLU D 322 -46.09 34.62 -8.09
CA GLU D 322 -44.77 35.05 -8.48
C GLU D 322 -43.72 33.93 -8.33
N ASN D 323 -44.14 32.67 -8.49
CA ASN D 323 -43.20 31.56 -8.46
C ASN D 323 -42.81 31.12 -9.86
N GLY D 324 -43.44 31.70 -10.89
CA GLY D 324 -43.14 31.37 -12.27
C GLY D 324 -43.32 32.58 -13.18
N ILE D 325 -43.43 32.27 -14.48
CA ILE D 325 -43.59 33.29 -15.51
C ILE D 325 -44.75 32.87 -16.43
N ALA D 326 -45.53 33.86 -16.86
CA ALA D 326 -46.53 33.66 -17.89
C ALA D 326 -46.27 34.64 -19.02
N CYS D 327 -46.71 34.31 -20.23
CA CYS D 327 -46.53 35.19 -21.37
C CYS D 327 -47.67 35.02 -22.36
N ILE D 328 -47.78 35.94 -23.31
CA ILE D 328 -48.77 35.87 -24.37
C ILE D 328 -48.04 35.94 -25.71
N ASN D 329 -48.37 35.02 -26.62
CA ASN D 329 -47.76 34.99 -27.94
C ASN D 329 -48.71 35.64 -28.96
N LYS D 330 -48.20 35.80 -30.20
CA LYS D 330 -48.92 36.50 -31.26
C LYS D 330 -50.15 35.74 -31.71
N LYS D 331 -50.27 34.44 -31.41
CA LYS D 331 -51.48 33.71 -31.75
C LYS D 331 -52.49 33.69 -30.61
N GLY D 332 -52.19 34.36 -29.48
CA GLY D 332 -53.18 34.56 -28.43
C GLY D 332 -53.17 33.47 -27.36
N GLN D 333 -52.15 32.60 -27.38
CA GLN D 333 -51.95 31.65 -26.30
C GLN D 333 -51.32 32.34 -25.10
N VAL D 334 -51.92 32.14 -23.92
CA VAL D 334 -51.34 32.56 -22.66
C VAL D 334 -50.68 31.35 -22.01
N LEU D 335 -49.34 31.41 -21.90
CA LEU D 335 -48.54 30.25 -21.56
C LEU D 335 -47.86 30.51 -20.23
N ALA D 336 -47.65 29.44 -19.45
CA ALA D 336 -47.02 29.57 -18.15
C ALA D 336 -45.93 28.51 -18.01
N VAL D 337 -44.86 28.91 -17.30
CA VAL D 337 -43.79 28.03 -16.88
C VAL D 337 -43.50 28.28 -15.41
N GLU D 338 -43.38 27.20 -14.63
CA GLU D 338 -42.74 27.25 -13.32
C GLU D 338 -41.91 25.97 -13.16
N ILE D 339 -41.03 25.94 -12.16
CA ILE D 339 -40.23 24.77 -11.89
C ILE D 339 -41.15 23.66 -11.42
N SER D 340 -40.77 22.43 -11.74
CA SER D 340 -41.36 21.23 -11.18
C SER D 340 -40.71 21.01 -9.81
N THR D 341 -41.53 21.06 -8.74
CA THR D 341 -40.94 20.95 -7.41
C THR D 341 -40.41 19.53 -7.21
N SER D 342 -40.98 18.52 -7.88
CA SER D 342 -40.54 17.15 -7.72
C SER D 342 -39.30 16.83 -8.56
N GLN D 343 -39.11 17.48 -9.71
CA GLN D 343 -38.05 17.08 -10.63
C GLN D 343 -36.84 18.02 -10.67
N ILE D 344 -36.94 19.24 -10.12
CA ILE D 344 -35.86 20.17 -10.35
C ILE D 344 -34.56 19.67 -9.68
N VAL D 345 -34.64 19.16 -8.45
CA VAL D 345 -33.43 18.71 -7.76
C VAL D 345 -32.86 17.46 -8.43
N PRO D 346 -33.64 16.40 -8.69
CA PRO D 346 -33.16 15.26 -9.47
C PRO D 346 -32.52 15.66 -10.79
N TYR D 347 -33.10 16.67 -11.46
CA TYR D 347 -32.57 17.15 -12.72
C TYR D 347 -31.17 17.72 -12.53
N ILE D 348 -30.99 18.59 -11.52
CA ILE D 348 -29.69 19.21 -11.27
C ILE D 348 -28.67 18.13 -10.90
N LEU D 349 -29.10 17.15 -10.11
CA LEU D 349 -28.22 16.08 -9.64
C LEU D 349 -27.82 15.16 -10.79
N ASN D 350 -28.78 14.76 -11.61
CA ASN D 350 -28.57 13.68 -12.57
C ASN D 350 -28.21 14.20 -13.95
N LYS D 351 -28.85 15.28 -14.40
CA LYS D 351 -28.62 15.80 -15.74
C LYS D 351 -27.46 16.79 -15.71
N LEU D 352 -27.37 17.66 -14.69
CA LEU D 352 -26.28 18.62 -14.63
C LEU D 352 -25.09 18.06 -13.86
N SER D 353 -25.31 17.01 -13.06
CA SER D 353 -24.28 16.40 -12.24
C SER D 353 -23.59 17.45 -11.37
N ASN D 354 -24.41 18.27 -10.71
CA ASN D 354 -23.95 19.37 -9.88
C ASN D 354 -24.51 19.24 -8.46
N VAL D 355 -23.77 18.52 -7.59
CA VAL D 355 -24.27 18.22 -6.26
C VAL D 355 -24.40 19.52 -5.45
N ALA D 356 -23.41 20.42 -5.54
CA ALA D 356 -23.45 21.65 -4.77
C ALA D 356 -24.70 22.48 -5.11
N LEU D 357 -24.98 22.61 -6.40
CA LEU D 357 -26.12 23.39 -6.84
C LEU D 357 -27.43 22.72 -6.41
N ALA D 358 -27.50 21.38 -6.50
CA ALA D 358 -28.67 20.63 -6.07
C ALA D 358 -28.98 20.92 -4.60
N LEU D 359 -27.92 20.93 -3.77
CA LEU D 359 -28.07 21.21 -2.35
C LEU D 359 -28.58 22.64 -2.12
N ILE D 360 -28.06 23.62 -2.86
CA ILE D 360 -28.50 25.00 -2.74
C ILE D 360 -29.99 25.11 -3.03
N VAL D 361 -30.43 24.56 -4.16
CA VAL D 361 -31.81 24.65 -4.58
C VAL D 361 -32.73 23.87 -3.61
N ALA D 362 -32.34 22.65 -3.26
CA ALA D 362 -33.14 21.84 -2.36
C ALA D 362 -33.31 22.54 -1.00
N THR D 363 -32.22 23.11 -0.46
CA THR D 363 -32.23 23.72 0.87
C THR D 363 -33.06 25.00 0.86
N ARG D 364 -32.89 25.86 -0.15
CA ARG D 364 -33.63 27.11 -0.22
C ARG D 364 -35.12 26.83 -0.31
N GLY D 365 -35.52 25.87 -1.14
CA GLY D 365 -36.92 25.70 -1.48
C GLY D 365 -37.63 24.65 -0.64
N GLY D 366 -36.88 23.95 0.22
CA GLY D 366 -37.39 22.79 0.95
C GLY D 366 -37.90 21.71 -0.02
N LEU D 367 -37.15 21.46 -1.10
CA LEU D 367 -37.61 20.59 -2.18
C LEU D 367 -37.09 19.17 -1.97
N PRO D 368 -37.79 18.14 -2.51
CA PRO D 368 -37.31 16.76 -2.45
C PRO D 368 -36.19 16.47 -3.45
N GLY D 369 -35.45 15.39 -3.20
CA GLY D 369 -34.47 14.84 -4.14
C GLY D 369 -33.03 14.86 -3.61
N ALA D 370 -32.81 15.46 -2.42
CA ALA D 370 -31.47 15.66 -1.91
C ALA D 370 -31.28 14.99 -0.54
N ASP D 371 -32.20 14.09 -0.16
CA ASP D 371 -32.14 13.43 1.13
C ASP D 371 -30.95 12.48 1.26
N ASP D 372 -30.45 11.97 0.13
CA ASP D 372 -29.39 10.97 0.14
C ASP D 372 -28.01 11.58 -0.07
N LEU D 373 -27.91 12.92 -0.05
CA LEU D 373 -26.61 13.54 -0.24
C LEU D 373 -25.78 13.48 1.08
N ASN E 1 13.46 -49.42 40.25
CA ASN E 1 14.08 -48.06 40.16
C ASN E 1 13.93 -47.48 38.76
N LEU E 2 13.58 -46.20 38.72
CA LEU E 2 13.59 -45.45 37.50
C LEU E 2 15.03 -45.28 37.02
N ASN E 3 15.11 -44.99 35.73
CA ASN E 3 16.30 -44.44 35.13
C ASN E 3 16.74 -43.26 35.97
N LEU E 4 18.05 -43.07 36.06
CA LEU E 4 18.59 -41.81 36.51
C LEU E 4 18.34 -40.73 35.47
N ILE E 5 18.56 -41.04 34.19
CA ILE E 5 18.40 -40.05 33.14
C ILE E 5 17.62 -40.64 31.97
N ASP E 6 17.00 -39.73 31.23
CA ASP E 6 16.31 -40.06 30.00
C ASP E 6 17.34 -40.22 28.90
N MET E 7 17.83 -41.44 28.86
CA MET E 7 18.74 -41.93 27.85
C MET E 7 18.70 -43.48 27.83
N LEU F 2 28.36 -14.09 -21.11
CA LEU F 2 28.01 -15.54 -21.21
C LEU F 2 26.98 -15.86 -20.12
N ASN F 3 26.36 -17.03 -20.22
CA ASN F 3 25.41 -17.44 -19.20
C ASN F 3 26.14 -17.67 -17.87
N LEU F 4 25.46 -17.37 -16.77
CA LEU F 4 25.85 -17.86 -15.47
C LEU F 4 25.71 -19.38 -15.40
N ILE F 5 24.57 -19.91 -15.86
CA ILE F 5 24.24 -21.32 -15.71
C ILE F 5 23.59 -21.86 -16.98
N ASP F 6 23.62 -23.17 -17.18
CA ASP F 6 22.94 -23.79 -18.31
C ASP F 6 21.43 -23.87 -18.02
N MET F 7 20.73 -22.80 -18.36
CA MET F 7 19.31 -22.67 -18.05
C MET F 7 18.70 -21.73 -19.09
N ASN G 1 60.73 -49.55 55.18
CA ASN G 1 59.50 -49.64 54.35
C ASN G 1 59.89 -49.66 52.88
N LEU G 2 59.04 -50.26 52.06
CA LEU G 2 59.16 -50.12 50.62
C LEU G 2 58.68 -48.73 50.25
N ASN G 3 59.45 -48.04 49.41
CA ASN G 3 59.01 -46.82 48.75
C ASN G 3 59.09 -47.08 47.26
N LEU G 4 57.97 -46.85 46.56
CA LEU G 4 57.88 -47.14 45.13
C LEU G 4 58.57 -46.05 44.33
N ILE G 5 58.85 -44.91 44.94
CA ILE G 5 59.52 -43.89 44.17
C ILE G 5 60.72 -43.39 44.97
N ASP G 6 61.84 -43.26 44.24
CA ASP G 6 63.13 -42.84 44.75
C ASP G 6 63.17 -41.33 44.80
N MET G 7 62.99 -40.80 46.01
CA MET G 7 62.74 -39.39 46.19
C MET G 7 64.05 -38.57 45.98
N ASN H 1 -21.05 61.47 -6.92
CA ASN H 1 -21.88 60.28 -6.58
C ASN H 1 -21.24 59.02 -7.16
N LEU H 2 -21.17 57.97 -6.35
CA LEU H 2 -20.77 56.66 -6.84
C LEU H 2 -21.89 56.09 -7.72
N ASN H 3 -21.52 55.23 -8.69
CA ASN H 3 -22.46 54.35 -9.35
C ASN H 3 -23.51 53.79 -8.38
N LEU H 4 -24.70 53.49 -8.91
CA LEU H 4 -25.69 52.76 -8.14
C LEU H 4 -25.31 51.28 -8.06
N ILE H 5 -24.79 50.75 -9.17
CA ILE H 5 -24.43 49.34 -9.28
C ILE H 5 -23.18 49.25 -10.12
N ASP H 6 -22.54 48.10 -10.00
CA ASP H 6 -21.37 47.76 -10.77
C ASP H 6 -21.78 47.21 -12.13
N MET H 7 -22.03 48.11 -13.07
CA MET H 7 -22.34 47.73 -14.43
C MET H 7 -21.88 48.82 -15.41
N ASN I 3 -15.64 1.83 12.17
CA ASN I 3 -15.62 2.93 11.16
C ASN I 3 -14.18 3.34 10.87
N LEU I 4 -13.79 3.29 9.57
CA LEU I 4 -12.44 3.64 9.11
C LEU I 4 -12.09 5.09 9.45
N ILE I 5 -13.10 5.95 9.65
CA ILE I 5 -12.84 7.34 10.01
C ILE I 5 -13.87 7.78 11.04
N ASP I 6 -13.44 8.73 11.88
CA ASP I 6 -14.03 9.07 13.17
C ASP I 6 -15.55 8.89 13.14
N ASN J 3 -67.20 59.65 -18.40
CA ASN J 3 -66.27 58.59 -17.90
C ASN J 3 -65.64 57.83 -19.06
N LEU J 4 -64.46 57.24 -18.80
CA LEU J 4 -63.70 56.53 -19.83
C LEU J 4 -64.26 55.13 -20.07
N ILE J 5 -64.97 54.55 -19.07
CA ILE J 5 -65.49 53.18 -19.07
C ILE J 5 -66.90 53.10 -18.42
N ASP J 6 -67.74 52.18 -18.95
CA ASP J 6 -69.13 51.89 -18.60
C ASP J 6 -70.06 52.73 -19.48
N LEU K 2 8.23 11.31 10.54
CA LEU K 2 8.37 10.85 11.94
C LEU K 2 8.18 9.33 11.97
N ASN K 3 8.29 8.77 13.19
CA ASN K 3 8.26 7.33 13.45
C ASN K 3 7.09 6.63 12.77
N LEU K 4 7.31 5.36 12.39
CA LEU K 4 6.26 4.54 11.81
C LEU K 4 5.64 3.63 12.86
N ILE K 5 6.20 3.62 14.09
CA ILE K 5 5.67 2.76 15.14
C ILE K 5 5.99 3.37 16.51
N ASP K 6 5.45 2.75 17.57
CA ASP K 6 5.74 3.15 18.94
C ASP K 6 7.26 3.14 19.16
N LEU L 4 -41.69 48.06 -31.90
CA LEU L 4 -40.52 47.14 -31.97
C LEU L 4 -40.87 45.81 -31.28
N ILE L 5 -41.53 45.84 -30.11
CA ILE L 5 -42.05 44.65 -29.44
C ILE L 5 -42.93 43.81 -30.38
N ASP L 6 -43.64 44.45 -31.33
CA ASP L 6 -44.55 43.77 -32.21
C ASP L 6 -43.93 43.44 -33.57
N MET L 7 -42.69 43.85 -33.84
CA MET L 7 -41.94 43.27 -34.95
C MET L 7 -41.74 41.77 -34.69
N LEU M 2 4.41 -1.82 -8.61
CA LEU M 2 4.35 -1.05 -9.89
C LEU M 2 3.86 0.37 -9.58
N ASN M 3 4.80 1.33 -9.50
CA ASN M 3 4.50 2.76 -9.37
C ASN M 3 5.43 3.53 -10.32
N LEU M 4 5.02 3.68 -11.58
CA LEU M 4 5.87 4.28 -12.62
C LEU M 4 5.65 5.80 -12.70
N ILE M 5 4.48 6.29 -12.21
CA ILE M 5 4.21 7.72 -12.08
C ILE M 5 5.30 8.38 -11.22
N ASP M 6 5.85 7.67 -10.23
CA ASP M 6 6.86 8.19 -9.31
C ASP M 6 8.21 7.46 -9.47
N MET M 7 9.08 8.00 -10.33
CA MET M 7 10.32 7.32 -10.69
C MET M 7 11.37 8.37 -11.14
N LEU N 2 -0.74 -4.68 -8.02
CA LEU N 2 -0.67 -5.83 -8.97
C LEU N 2 -0.42 -7.13 -8.17
N ASN N 3 -1.39 -7.53 -7.34
CA ASN N 3 -1.22 -8.65 -6.43
C ASN N 3 -1.71 -9.95 -7.07
N LEU N 4 -0.91 -10.46 -8.01
CA LEU N 4 -1.21 -11.70 -8.73
C LEU N 4 -1.19 -12.91 -7.78
N ILE N 5 -0.36 -12.87 -6.72
CA ILE N 5 -0.27 -13.97 -5.75
C ILE N 5 -1.68 -14.35 -5.27
N ASP N 6 -2.45 -13.34 -4.83
CA ASP N 6 -3.76 -13.57 -4.24
C ASP N 6 -4.87 -13.59 -5.30
N MET N 7 -4.62 -12.95 -6.45
CA MET N 7 -5.61 -12.82 -7.51
C MET N 7 -6.04 -14.21 -7.99
#